data_8YBR
#
_entry.id   8YBR
#
_cell.length_a   1.00
_cell.length_b   1.00
_cell.length_c   1.00
_cell.angle_alpha   90.00
_cell.angle_beta   90.00
_cell.angle_gamma   90.00
#
_symmetry.space_group_name_H-M   'P 1'
#
_entity_poly.entity_id   1
_entity_poly.type   'polypeptide(L)'
_entity_poly.pdbx_seq_one_letter_code
;MGSMSSPSTSSSGTVRMNAPVFYFAASFILIFGIIVIAFPQASGAWLLAAQNWAANTVGWYYMMVMTLYLVFVVVTALSG
FGKIKLGADHDEPEFSYLSWAGMLFAAGISITLFFFCVSEPLTHLLQPPQGEGGTAEAARQGMQLLFLHWGLHGWGVFAF
VGMALAYFAYRHNLPLALRSALYPLIGKRINGPIGYAVDGFGIIATIFGLGADMGFGVLHLNSGLDYLFGVPHTQWIQVG
LITLMMGAAILVAIAGVDKGVRVMSDINMLLACALLLFVLFAGPTQHLLNTLVQNIGDYLGALPSKSFDVYAYNKPSDWL
GGWTVFYWAWWIAWAPFVGLFIARISRGRTIREFVFGVLLIPLGFTLAWMSIFGNSAIDQVLNHGMAALGQSAIDDPSMT
LYLLLETYPWSKTVIAVTVFISFVFFVTSADSGTVVLSTLSAKGGNPDEDGPKWLRVFWGVATALITSGLLFSGSIDALK
SAVVLTSLPFSLILLLMMWGLHKAFVMESQRQIAQLYSLAPVSGSRRGGWRQRLSQAVHYPSRDEVYRFLDQTVRPAIDE
VTAVFVEKGLNVVNVPDPSNDSVTLEIGHGEERPFIYQVQMKGFFTPSFARGGMGSKQLNNRRYYRAEVHLSEGSQDYDL
VGYTKEQVINDVLDQYERHMQFLHLVRGSGSGSGSGSWSHPQFEK
;
_entity_poly.pdbx_strand_id   A,B,C
#
# COMPACT_ATOMS: atom_id res chain seq x y z
N THR A 14 -9.82 -34.18 -31.59
CA THR A 14 -9.25 -35.49 -31.24
C THR A 14 -7.80 -35.35 -30.84
N VAL A 15 -7.45 -35.73 -29.63
CA VAL A 15 -6.08 -35.50 -29.18
C VAL A 15 -5.11 -36.51 -29.78
N ARG A 16 -4.03 -36.01 -30.33
CA ARG A 16 -2.98 -36.85 -30.89
C ARG A 16 -1.63 -36.21 -30.61
N MET A 17 -0.58 -36.95 -30.94
CA MET A 17 0.78 -36.50 -30.64
C MET A 17 1.12 -35.26 -31.45
N ASN A 18 1.99 -34.43 -30.88
CA ASN A 18 2.50 -33.21 -31.50
C ASN A 18 3.97 -33.45 -31.78
N ALA A 19 4.27 -33.93 -32.98
CA ALA A 19 5.60 -34.46 -33.27
C ALA A 19 6.75 -33.47 -33.06
N PRO A 20 6.67 -32.20 -33.47
CA PRO A 20 7.82 -31.30 -33.29
C PRO A 20 8.17 -31.03 -31.83
N VAL A 21 7.35 -31.43 -30.87
CA VAL A 21 7.68 -31.32 -29.46
C VAL A 21 8.14 -32.66 -28.89
N PHE A 22 7.40 -33.72 -29.22
CA PHE A 22 7.77 -35.06 -28.77
C PHE A 22 9.18 -35.43 -29.22
N TYR A 23 9.47 -35.24 -30.51
CA TYR A 23 10.77 -35.65 -31.02
C TYR A 23 11.89 -34.71 -30.58
N PHE A 24 11.57 -33.48 -30.21
CA PHE A 24 12.59 -32.57 -29.71
C PHE A 24 12.93 -32.86 -28.25
N ALA A 25 11.95 -33.32 -27.46
CA ALA A 25 12.21 -33.61 -26.06
C ALA A 25 12.77 -35.01 -25.84
N ALA A 26 12.12 -36.04 -26.42
CA ALA A 26 12.56 -37.40 -26.21
C ALA A 26 13.98 -37.64 -26.71
N SER A 27 14.37 -37.01 -27.82
CA SER A 27 15.73 -37.17 -28.34
C SER A 27 16.75 -36.58 -27.40
N PHE A 28 16.47 -35.42 -26.81
CA PHE A 28 17.38 -34.86 -25.82
C PHE A 28 17.48 -35.74 -24.59
N ILE A 29 16.37 -36.34 -24.17
CA ILE A 29 16.38 -37.12 -22.92
C ILE A 29 17.14 -38.42 -23.11
N LEU A 30 16.90 -39.12 -24.22
CA LEU A 30 17.37 -40.49 -24.37
C LEU A 30 18.89 -40.63 -24.39
N ILE A 31 19.59 -39.85 -25.20
CA ILE A 31 21.03 -40.01 -25.28
C ILE A 31 21.73 -39.55 -24.00
N PHE A 32 21.21 -38.50 -23.35
CA PHE A 32 21.74 -38.13 -22.04
C PHE A 32 21.64 -39.30 -21.07
N GLY A 33 20.45 -39.88 -20.96
CA GLY A 33 20.30 -41.05 -20.10
C GLY A 33 21.27 -42.16 -20.46
N ILE A 34 21.40 -42.45 -21.75
CA ILE A 34 22.21 -43.58 -22.19
C ILE A 34 23.69 -43.35 -21.87
N ILE A 35 24.21 -42.17 -22.22
CA ILE A 35 25.63 -41.93 -22.00
C ILE A 35 25.97 -41.64 -20.55
N VAL A 36 24.97 -41.36 -19.71
CA VAL A 36 25.24 -41.36 -18.28
C VAL A 36 25.20 -42.79 -17.72
N ILE A 37 24.38 -43.66 -18.29
CA ILE A 37 24.40 -45.07 -17.90
C ILE A 37 25.70 -45.76 -18.30
N ALA A 38 26.28 -45.38 -19.44
CA ALA A 38 27.44 -46.10 -19.95
C ALA A 38 28.75 -45.73 -19.24
N PHE A 39 28.94 -44.46 -18.89
CA PHE A 39 30.21 -43.98 -18.33
C PHE A 39 29.96 -43.29 -16.99
N PRO A 40 29.82 -44.06 -15.90
CA PRO A 40 29.53 -43.42 -14.62
C PRO A 40 30.70 -42.69 -13.99
N GLN A 41 31.93 -43.24 -14.08
CA GLN A 41 33.06 -42.59 -13.44
C GLN A 41 33.34 -41.22 -14.03
N ALA A 42 33.27 -41.09 -15.35
CA ALA A 42 33.57 -39.81 -15.99
C ALA A 42 32.46 -38.80 -15.73
N SER A 43 31.20 -39.22 -15.75
CA SER A 43 30.10 -38.30 -15.56
C SER A 43 30.02 -37.81 -14.12
N GLY A 44 30.28 -38.70 -13.16
CA GLY A 44 30.29 -38.27 -11.76
C GLY A 44 31.34 -37.21 -11.50
N ALA A 45 32.47 -37.28 -12.20
CA ALA A 45 33.50 -36.27 -12.05
C ALA A 45 33.19 -35.00 -12.84
N TRP A 46 32.51 -35.15 -13.97
CA TRP A 46 32.15 -33.99 -14.77
C TRP A 46 31.05 -33.15 -14.14
N LEU A 47 30.20 -33.76 -13.31
CA LEU A 47 29.10 -33.00 -12.72
C LEU A 47 29.55 -32.15 -11.55
N LEU A 48 30.52 -32.61 -10.77
CA LEU A 48 31.01 -31.82 -9.65
C LEU A 48 31.80 -30.60 -10.10
N ALA A 49 32.34 -30.62 -11.31
CA ALA A 49 32.97 -29.43 -11.86
C ALA A 49 31.92 -28.40 -12.26
N ALA A 50 30.86 -28.85 -12.92
CA ALA A 50 29.80 -27.94 -13.35
C ALA A 50 29.09 -27.31 -12.15
N GLN A 51 28.92 -28.06 -11.07
CA GLN A 51 28.29 -27.49 -9.89
C GLN A 51 29.10 -26.33 -9.33
N ASN A 52 30.40 -26.54 -9.15
CA ASN A 52 31.26 -25.50 -8.62
C ASN A 52 31.34 -24.31 -9.56
N TRP A 53 31.36 -24.56 -10.87
CA TRP A 53 31.38 -23.46 -11.82
C TRP A 53 30.12 -22.61 -11.72
N ALA A 54 28.95 -23.27 -11.75
CA ALA A 54 27.69 -22.54 -11.74
C ALA A 54 27.50 -21.77 -10.46
N ALA A 55 27.79 -22.39 -9.31
CA ALA A 55 27.62 -21.72 -8.02
C ALA A 55 28.29 -20.35 -7.99
N ASN A 56 29.47 -20.24 -8.58
CA ASN A 56 30.24 -19.00 -8.56
C ASN A 56 29.89 -18.06 -9.71
N THR A 57 29.56 -18.59 -10.88
CA THR A 57 29.39 -17.72 -12.03
C THR A 57 27.96 -17.19 -12.17
N VAL A 58 26.93 -17.99 -11.88
CA VAL A 58 25.57 -17.55 -12.10
C VAL A 58 24.78 -17.53 -10.79
N GLY A 59 25.46 -17.26 -9.69
CA GLY A 59 24.78 -17.19 -8.41
C GLY A 59 23.95 -15.93 -8.22
N TRP A 60 24.46 -14.79 -8.69
CA TRP A 60 23.74 -13.52 -8.56
C TRP A 60 22.50 -13.49 -9.44
N TYR A 61 22.54 -14.18 -10.58
CA TYR A 61 21.43 -14.14 -11.53
C TYR A 61 20.17 -14.79 -10.96
N TYR A 62 20.32 -15.96 -10.33
CA TYR A 62 19.19 -16.63 -9.70
C TYR A 62 18.58 -15.77 -8.60
N MET A 63 19.42 -15.19 -7.76
CA MET A 63 18.93 -14.34 -6.68
C MET A 63 18.20 -13.11 -7.21
N MET A 64 18.64 -12.58 -8.34
CA MET A 64 17.93 -11.43 -8.90
C MET A 64 16.59 -11.83 -9.49
N VAL A 65 16.57 -12.89 -10.29
CA VAL A 65 15.31 -13.24 -10.96
C VAL A 65 14.27 -13.84 -10.02
N MET A 66 14.68 -14.40 -8.88
CA MET A 66 13.68 -15.05 -8.03
C MET A 66 12.80 -14.05 -7.27
N THR A 67 13.24 -12.81 -7.09
CA THR A 67 12.45 -11.82 -6.38
C THR A 67 11.49 -11.06 -7.27
N LEU A 68 11.80 -10.98 -8.57
CA LEU A 68 10.93 -10.30 -9.53
C LEU A 68 9.56 -10.95 -9.59
N TYR A 69 9.51 -12.29 -9.61
CA TYR A 69 8.23 -12.99 -9.69
C TYR A 69 7.35 -12.66 -8.49
N LEU A 70 7.93 -12.71 -7.30
CA LEU A 70 7.18 -12.46 -6.08
C LEU A 70 6.66 -11.03 -6.03
N VAL A 71 7.54 -10.06 -6.32
CA VAL A 71 7.10 -8.67 -6.32
C VAL A 71 6.00 -8.44 -7.35
N PHE A 72 6.15 -9.04 -8.53
CA PHE A 72 5.15 -8.89 -9.58
C PHE A 72 3.78 -9.39 -9.12
N VAL A 73 3.73 -10.62 -8.58
CA VAL A 73 2.42 -11.17 -8.23
C VAL A 73 1.78 -10.41 -7.06
N VAL A 74 2.59 -9.98 -6.09
CA VAL A 74 2.02 -9.26 -4.96
C VAL A 74 1.48 -7.91 -5.40
N VAL A 75 2.27 -7.15 -6.18
CA VAL A 75 1.80 -5.85 -6.63
C VAL A 75 0.58 -5.99 -7.53
N THR A 76 0.51 -7.04 -8.34
CA THR A 76 -0.67 -7.22 -9.19
C THR A 76 -1.91 -7.54 -8.36
N ALA A 77 -1.79 -8.39 -7.35
CA ALA A 77 -2.95 -8.73 -6.54
C ALA A 77 -3.39 -7.59 -5.62
N LEU A 78 -2.50 -6.65 -5.29
CA LEU A 78 -2.86 -5.56 -4.39
C LEU A 78 -3.39 -4.33 -5.11
N SER A 79 -3.61 -4.39 -6.41
CA SER A 79 -4.02 -3.22 -7.20
C SER A 79 -5.40 -3.46 -7.80
N GLY A 80 -5.79 -2.54 -8.70
CA GLY A 80 -7.09 -2.63 -9.34
C GLY A 80 -7.28 -3.82 -10.24
N PHE A 81 -6.19 -4.41 -10.72
CA PHE A 81 -6.27 -5.62 -11.54
C PHE A 81 -6.70 -6.84 -10.73
N GLY A 82 -6.69 -6.77 -9.41
CA GLY A 82 -7.06 -7.90 -8.60
C GLY A 82 -8.53 -8.22 -8.57
N LYS A 83 -9.36 -7.44 -9.26
CA LYS A 83 -10.80 -7.66 -9.29
C LYS A 83 -11.26 -8.27 -10.61
N ILE A 84 -10.34 -8.75 -11.43
CA ILE A 84 -10.65 -9.35 -12.71
C ILE A 84 -10.95 -10.82 -12.50
N LYS A 85 -12.09 -11.28 -13.01
CA LYS A 85 -12.51 -12.66 -12.85
C LYS A 85 -11.91 -13.53 -13.95
N LEU A 86 -11.38 -14.68 -13.56
CA LEU A 86 -10.78 -15.63 -14.51
C LEU A 86 -11.90 -16.44 -15.14
N GLY A 87 -12.52 -15.85 -16.16
CA GLY A 87 -13.61 -16.46 -16.85
C GLY A 87 -14.59 -15.40 -17.31
N ALA A 88 -15.83 -15.82 -17.52
CA ALA A 88 -16.91 -14.90 -17.84
C ALA A 88 -17.62 -14.45 -16.57
N ASP A 89 -18.37 -13.36 -16.68
CA ASP A 89 -19.02 -12.76 -15.53
C ASP A 89 -20.14 -13.62 -14.94
N HIS A 90 -20.60 -14.63 -15.67
CA HIS A 90 -21.64 -15.54 -15.15
C HIS A 90 -21.05 -16.89 -14.76
N ASP A 91 -19.73 -16.99 -14.62
CA ASP A 91 -19.07 -18.22 -14.23
C ASP A 91 -19.02 -18.33 -12.71
N GLU A 92 -19.11 -19.55 -12.21
CA GLU A 92 -19.05 -19.82 -10.79
C GLU A 92 -18.07 -20.95 -10.49
N PRO A 93 -17.44 -20.92 -9.31
CA PRO A 93 -16.50 -21.99 -8.97
C PRO A 93 -17.19 -23.33 -8.83
N GLU A 94 -16.51 -24.38 -9.28
CA GLU A 94 -17.04 -25.73 -9.27
C GLU A 94 -16.54 -26.56 -8.10
N PHE A 95 -15.71 -26.00 -7.23
CA PHE A 95 -15.20 -26.70 -6.06
C PHE A 95 -15.41 -25.84 -4.82
N SER A 96 -15.43 -26.49 -3.67
CA SER A 96 -15.48 -25.81 -2.38
C SER A 96 -14.10 -25.22 -2.08
N TYR A 97 -13.95 -24.62 -0.90
CA TYR A 97 -12.67 -24.01 -0.57
C TYR A 97 -11.69 -25.01 0.02
N LEU A 98 -12.14 -25.86 0.94
CA LEU A 98 -11.24 -26.85 1.54
C LEU A 98 -10.84 -27.90 0.51
N SER A 99 -11.79 -28.38 -0.30
CA SER A 99 -11.47 -29.35 -1.34
C SER A 99 -10.56 -28.78 -2.40
N TRP A 100 -10.56 -27.46 -2.58
CA TRP A 100 -9.64 -26.81 -3.51
C TRP A 100 -8.25 -26.69 -2.90
N ALA A 101 -8.17 -26.21 -1.66
CA ALA A 101 -6.89 -26.03 -1.00
C ALA A 101 -6.18 -27.36 -0.75
N GLY A 102 -6.95 -28.43 -0.53
CA GLY A 102 -6.32 -29.73 -0.33
C GLY A 102 -5.66 -30.26 -1.57
N MET A 103 -6.34 -30.17 -2.72
CA MET A 103 -5.72 -30.54 -3.99
C MET A 103 -4.54 -29.64 -4.30
N LEU A 104 -4.63 -28.37 -3.91
CA LEU A 104 -3.52 -27.44 -4.15
C LEU A 104 -2.29 -27.85 -3.33
N PHE A 105 -2.50 -28.25 -2.07
CA PHE A 105 -1.38 -28.63 -1.22
C PHE A 105 -0.80 -29.97 -1.62
N ALA A 106 -1.63 -30.98 -1.88
CA ALA A 106 -1.13 -32.30 -2.21
C ALA A 106 -0.80 -32.44 -3.69
N ALA A 107 -0.09 -31.47 -4.22
CA ALA A 107 0.51 -31.50 -5.55
C ALA A 107 1.97 -31.09 -5.53
N GLY A 108 2.33 -30.12 -4.71
CA GLY A 108 3.69 -29.64 -4.63
C GLY A 108 4.40 -30.05 -3.36
N ILE A 109 4.06 -31.21 -2.83
CA ILE A 109 4.70 -31.76 -1.64
C ILE A 109 4.97 -33.23 -1.89
N SER A 110 6.18 -33.68 -1.56
CA SER A 110 6.60 -35.05 -1.83
C SER A 110 7.56 -35.48 -0.72
N ILE A 111 8.30 -36.56 -0.95
CA ILE A 111 9.16 -37.14 0.08
C ILE A 111 10.37 -36.28 0.40
N THR A 112 10.63 -35.22 -0.37
CA THR A 112 11.75 -34.35 -0.04
C THR A 112 11.54 -33.63 1.29
N LEU A 113 10.28 -33.39 1.66
CA LEU A 113 9.99 -32.86 2.99
C LEU A 113 10.51 -33.78 4.08
N PHE A 114 10.24 -35.09 3.96
CA PHE A 114 10.75 -36.08 4.89
C PHE A 114 12.25 -36.23 4.81
N PHE A 115 12.86 -35.94 3.66
CA PHE A 115 14.31 -36.03 3.55
C PHE A 115 15.02 -34.85 4.20
N PHE A 116 14.42 -33.67 4.19
CA PHE A 116 15.09 -32.46 4.63
C PHE A 116 14.59 -31.89 5.95
N CYS A 117 13.55 -32.47 6.56
CA CYS A 117 12.97 -31.83 7.74
C CYS A 117 13.93 -31.79 8.93
N VAL A 118 14.73 -32.84 9.13
CA VAL A 118 15.55 -32.94 10.33
C VAL A 118 17.03 -32.72 10.06
N SER A 119 17.55 -33.12 8.91
CA SER A 119 18.99 -33.11 8.69
C SER A 119 19.52 -31.76 8.22
N GLU A 120 18.68 -30.85 7.76
CA GLU A 120 19.17 -29.56 7.30
C GLU A 120 19.43 -28.59 8.45
N PRO A 121 18.51 -28.44 9.42
CA PRO A 121 18.85 -27.58 10.57
C PRO A 121 20.03 -28.09 11.39
N LEU A 122 20.16 -29.41 11.55
CA LEU A 122 21.32 -29.94 12.27
C LEU A 122 22.62 -29.68 11.52
N THR A 123 22.56 -29.53 10.20
CA THR A 123 23.75 -29.18 9.43
C THR A 123 24.07 -27.69 9.57
N HIS A 124 23.05 -26.83 9.53
CA HIS A 124 23.31 -25.40 9.69
C HIS A 124 23.68 -25.04 11.12
N LEU A 125 23.39 -25.90 12.09
CA LEU A 125 23.76 -25.62 13.47
C LEU A 125 25.24 -25.90 13.72
N LEU A 126 25.78 -26.95 13.10
CA LEU A 126 27.16 -27.35 13.33
C LEU A 126 28.14 -26.78 12.32
N GLN A 127 27.70 -26.44 11.12
CA GLN A 127 28.55 -25.87 10.07
C GLN A 127 27.89 -24.62 9.50
N PRO A 128 27.89 -23.52 10.25
CA PRO A 128 27.21 -22.31 9.79
C PRO A 128 27.93 -21.68 8.61
N PRO A 129 27.22 -20.93 7.77
CA PRO A 129 27.93 -20.18 6.72
C PRO A 129 28.76 -19.03 7.25
N GLN A 130 28.56 -18.60 8.49
CA GLN A 130 29.37 -17.54 9.09
C GLN A 130 29.20 -17.59 10.60
N GLY A 131 30.30 -17.75 11.32
CA GLY A 131 30.28 -17.78 12.77
C GLY A 131 30.81 -19.10 13.31
N GLU A 132 30.66 -19.27 14.61
CA GLU A 132 31.09 -20.48 15.32
C GLU A 132 29.86 -21.28 15.70
N GLY A 133 29.89 -22.57 15.38
CA GLY A 133 28.72 -23.42 15.48
C GLY A 133 28.66 -24.20 16.78
N GLY A 134 27.44 -24.59 17.16
CA GLY A 134 27.19 -25.25 18.42
C GLY A 134 26.61 -24.35 19.48
N THR A 135 26.36 -23.07 19.17
CA THR A 135 25.89 -22.10 20.14
C THR A 135 24.39 -21.91 19.99
N ALA A 136 23.85 -20.95 20.73
CA ALA A 136 22.44 -20.57 20.62
C ALA A 136 22.21 -19.44 19.64
N GLU A 137 23.26 -18.87 19.07
CA GLU A 137 23.12 -17.96 17.95
C GLU A 137 23.09 -18.71 16.62
N ALA A 138 23.86 -19.80 16.52
CA ALA A 138 23.80 -20.63 15.32
C ALA A 138 22.44 -21.30 15.21
N ALA A 139 21.84 -21.69 16.35
CA ALA A 139 20.52 -22.31 16.32
C ALA A 139 19.44 -21.33 15.87
N ARG A 140 19.59 -20.05 16.21
CA ARG A 140 18.62 -19.06 15.78
C ARG A 140 18.87 -18.61 14.35
N GLN A 141 20.11 -18.67 13.87
CA GLN A 141 20.41 -18.29 12.50
C GLN A 141 20.08 -19.40 11.51
N GLY A 142 20.24 -20.66 11.90
CA GLY A 142 19.92 -21.76 11.02
C GLY A 142 18.47 -22.10 10.88
N MET A 143 17.61 -21.51 11.69
CA MET A 143 16.17 -21.66 11.56
C MET A 143 15.55 -20.57 10.70
N GLN A 144 16.30 -19.54 10.34
CA GLN A 144 15.85 -18.57 9.35
C GLN A 144 16.13 -19.02 7.93
N LEU A 145 17.22 -19.77 7.72
CA LEU A 145 17.48 -20.33 6.40
C LEU A 145 16.44 -21.37 6.04
N LEU A 146 16.00 -22.16 7.01
CA LEU A 146 14.95 -23.15 6.75
C LEU A 146 13.64 -22.49 6.39
N PHE A 147 13.35 -21.32 6.95
CA PHE A 147 12.13 -20.59 6.61
C PHE A 147 12.26 -19.85 5.29
N LEU A 148 13.48 -19.45 4.92
CA LEU A 148 13.70 -18.82 3.63
C LEU A 148 13.57 -19.82 2.50
N HIS A 149 14.07 -21.04 2.69
CA HIS A 149 14.09 -22.03 1.63
C HIS A 149 12.72 -22.66 1.37
N TRP A 150 11.78 -22.56 2.31
CA TRP A 150 10.48 -23.20 2.20
C TRP A 150 9.34 -22.21 2.41
N GLY A 151 9.54 -20.95 2.03
CA GLY A 151 8.56 -19.92 2.34
C GLY A 151 7.86 -19.28 1.16
N LEU A 152 7.91 -17.95 1.09
CA LEU A 152 7.13 -17.22 0.10
C LEU A 152 7.75 -17.27 -1.29
N HIS A 153 9.08 -17.35 -1.38
CA HIS A 153 9.72 -17.36 -2.69
C HIS A 153 9.31 -18.57 -3.51
N GLY A 154 9.17 -19.72 -2.88
CA GLY A 154 8.81 -20.92 -3.62
C GLY A 154 7.37 -20.93 -4.09
N TRP A 155 6.44 -20.50 -3.23
CA TRP A 155 5.02 -20.45 -3.57
C TRP A 155 4.66 -19.24 -4.41
N GLY A 156 5.56 -18.27 -4.57
CA GLY A 156 5.27 -17.12 -5.39
C GLY A 156 5.46 -17.31 -6.88
N VAL A 157 6.15 -18.36 -7.30
CA VAL A 157 6.31 -18.63 -8.72
C VAL A 157 5.22 -19.58 -9.24
N PHE A 158 4.74 -20.48 -8.39
CA PHE A 158 3.59 -21.30 -8.76
C PHE A 158 2.38 -20.43 -9.05
N ALA A 159 2.11 -19.45 -8.19
CA ALA A 159 1.00 -18.54 -8.41
C ALA A 159 1.18 -17.73 -9.69
N PHE A 160 2.41 -17.28 -9.96
CA PHE A 160 2.67 -16.53 -11.18
C PHE A 160 2.33 -17.35 -12.42
N VAL A 161 2.84 -18.59 -12.49
CA VAL A 161 2.60 -19.40 -13.69
C VAL A 161 1.13 -19.78 -13.81
N GLY A 162 0.47 -20.10 -12.69
CA GLY A 162 -0.94 -20.45 -12.77
C GLY A 162 -1.80 -19.30 -13.21
N MET A 163 -1.56 -18.10 -12.68
CA MET A 163 -2.35 -16.93 -13.04
C MET A 163 -2.05 -16.47 -14.45
N ALA A 164 -0.84 -16.70 -14.95
CA ALA A 164 -0.56 -16.37 -16.34
C ALA A 164 -1.19 -17.35 -17.30
N LEU A 165 -1.34 -18.63 -16.91
CA LEU A 165 -1.96 -19.58 -17.81
C LEU A 165 -3.49 -19.50 -17.79
N ALA A 166 -4.10 -19.19 -16.65
CA ALA A 166 -5.56 -19.16 -16.60
C ALA A 166 -6.14 -17.98 -17.35
N TYR A 167 -5.45 -16.84 -17.31
CA TYR A 167 -5.97 -15.62 -17.92
C TYR A 167 -6.14 -15.79 -19.42
N PHE A 168 -5.06 -16.13 -20.12
CA PHE A 168 -5.10 -16.24 -21.58
C PHE A 168 -6.01 -17.37 -22.05
N ALA A 169 -6.31 -18.34 -21.21
CA ALA A 169 -7.12 -19.47 -21.64
C ALA A 169 -8.60 -19.28 -21.35
N TYR A 170 -8.96 -18.56 -20.29
CA TYR A 170 -10.36 -18.39 -19.95
C TYR A 170 -10.91 -17.03 -20.33
N ARG A 171 -10.08 -16.06 -20.69
CA ARG A 171 -10.58 -14.77 -21.14
C ARG A 171 -10.30 -14.48 -22.60
N HIS A 172 -9.52 -15.32 -23.28
CA HIS A 172 -9.22 -15.12 -24.70
C HIS A 172 -9.44 -16.36 -25.54
N ASN A 173 -9.81 -17.49 -24.93
CA ASN A 173 -10.13 -18.72 -25.66
C ASN A 173 -8.94 -19.21 -26.48
N LEU A 174 -7.77 -19.15 -25.89
CA LEU A 174 -6.55 -19.74 -26.41
C LEU A 174 -6.30 -21.09 -25.76
N PRO A 175 -5.47 -21.95 -26.35
CA PRO A 175 -5.21 -23.25 -25.72
C PRO A 175 -4.52 -23.09 -24.37
N LEU A 176 -4.56 -24.16 -23.59
CA LEU A 176 -3.96 -24.17 -22.26
C LEU A 176 -2.56 -24.77 -22.39
N ALA A 177 -1.62 -23.93 -22.78
CA ALA A 177 -0.24 -24.33 -23.00
C ALA A 177 0.67 -23.19 -22.59
N LEU A 178 1.99 -23.44 -22.66
CA LEU A 178 2.96 -22.46 -22.19
C LEU A 178 3.20 -21.36 -23.21
N ARG A 179 3.03 -21.65 -24.50
CA ARG A 179 3.34 -20.70 -25.56
C ARG A 179 2.27 -19.63 -25.73
N SER A 180 1.12 -19.74 -25.05
CA SER A 180 0.05 -18.78 -25.25
C SER A 180 0.39 -17.42 -24.67
N ALA A 181 1.20 -17.36 -23.62
CA ALA A 181 1.56 -16.08 -23.03
C ALA A 181 2.46 -15.24 -23.92
N LEU A 182 2.95 -15.81 -25.02
CA LEU A 182 3.75 -15.09 -26.00
C LEU A 182 2.90 -14.60 -27.18
N TYR A 183 1.60 -14.47 -26.98
CA TYR A 183 0.68 -14.03 -28.03
C TYR A 183 0.74 -12.51 -28.22
N PRO A 184 0.67 -11.71 -27.16
CA PRO A 184 0.76 -10.25 -27.35
C PRO A 184 2.08 -9.79 -27.95
N LEU A 185 3.07 -10.65 -28.06
CA LEU A 185 4.38 -10.27 -28.61
C LEU A 185 4.53 -10.65 -30.07
N ILE A 186 4.27 -11.91 -30.41
CA ILE A 186 4.53 -12.41 -31.76
C ILE A 186 3.25 -12.83 -32.48
N GLY A 187 2.10 -12.39 -32.01
CA GLY A 187 0.88 -12.69 -32.73
C GLY A 187 0.60 -14.18 -32.77
N LYS A 188 0.03 -14.64 -33.87
CA LYS A 188 -0.26 -16.06 -34.06
C LYS A 188 0.87 -16.81 -34.74
N ARG A 189 2.09 -16.29 -34.67
CA ARG A 189 3.27 -17.08 -34.98
C ARG A 189 3.61 -18.08 -33.89
N ILE A 190 2.79 -18.14 -32.83
CA ILE A 190 3.01 -19.10 -31.76
C ILE A 190 2.71 -20.53 -32.18
N ASN A 191 2.13 -20.72 -33.35
CA ASN A 191 1.89 -22.06 -33.90
C ASN A 191 2.98 -22.46 -34.88
N GLY A 192 4.15 -21.83 -34.81
CA GLY A 192 5.25 -22.16 -35.67
C GLY A 192 6.47 -22.62 -34.90
N PRO A 193 7.67 -22.33 -35.42
CA PRO A 193 8.90 -22.81 -34.78
C PRO A 193 9.30 -22.06 -33.52
N ILE A 194 8.63 -20.97 -33.17
CA ILE A 194 8.98 -20.25 -31.96
C ILE A 194 8.20 -20.71 -30.74
N GLY A 195 7.04 -21.33 -30.93
CA GLY A 195 6.30 -21.89 -29.82
C GLY A 195 6.74 -23.31 -29.52
N TYR A 196 7.22 -24.01 -30.55
CA TYR A 196 7.68 -25.38 -30.39
C TYR A 196 8.97 -25.49 -29.59
N ALA A 197 9.70 -24.39 -29.42
CA ALA A 197 10.88 -24.39 -28.56
C ALA A 197 10.52 -23.98 -27.13
N VAL A 198 9.58 -23.04 -26.98
CA VAL A 198 9.11 -22.66 -25.66
C VAL A 198 8.43 -23.84 -24.98
N ASP A 199 7.56 -24.55 -25.71
CA ASP A 199 6.90 -25.72 -25.12
C ASP A 199 7.83 -26.91 -24.99
N GLY A 200 9.01 -26.87 -25.60
CA GLY A 200 9.94 -27.98 -25.54
C GLY A 200 10.94 -27.84 -24.41
N PHE A 201 11.39 -26.62 -24.14
CA PHE A 201 12.29 -26.37 -23.02
C PHE A 201 11.60 -26.50 -21.67
N GLY A 202 10.28 -26.66 -21.64
CA GLY A 202 9.53 -26.83 -20.42
C GLY A 202 9.20 -28.25 -20.07
N ILE A 203 9.49 -29.21 -20.95
CA ILE A 203 9.39 -30.62 -20.60
C ILE A 203 10.70 -31.13 -20.00
N ILE A 204 11.83 -30.60 -20.44
CA ILE A 204 13.13 -31.05 -19.93
C ILE A 204 13.29 -30.66 -18.47
N ALA A 205 12.96 -29.41 -18.14
CA ALA A 205 13.03 -28.97 -16.74
C ALA A 205 12.14 -29.83 -15.85
N THR A 206 10.92 -30.13 -16.31
CA THR A 206 10.00 -30.93 -15.51
C THR A 206 10.51 -32.35 -15.34
N ILE A 207 11.04 -32.95 -16.40
CA ILE A 207 11.55 -34.32 -16.30
C ILE A 207 12.70 -34.39 -15.30
N PHE A 208 13.61 -33.41 -15.34
CA PHE A 208 14.75 -33.46 -14.43
C PHE A 208 14.32 -33.18 -12.99
N GLY A 209 13.44 -32.21 -12.78
CA GLY A 209 12.95 -31.94 -11.44
C GLY A 209 12.09 -33.05 -10.86
N LEU A 210 11.49 -33.87 -11.72
CA LEU A 210 10.72 -35.01 -11.24
C LEU A 210 11.58 -36.25 -11.03
N GLY A 211 12.64 -36.42 -11.81
CA GLY A 211 13.54 -37.53 -11.60
C GLY A 211 14.53 -37.34 -10.48
N ALA A 212 14.79 -36.09 -10.09
CA ALA A 212 15.58 -35.85 -8.89
C ALA A 212 14.79 -36.06 -7.61
N ASP A 213 13.47 -36.20 -7.69
CA ASP A 213 12.62 -36.40 -6.51
C ASP A 213 12.42 -37.87 -6.19
N MET A 214 12.52 -38.75 -7.17
CA MET A 214 12.46 -40.19 -6.90
C MET A 214 13.75 -40.69 -6.26
N GLY A 215 14.88 -40.05 -6.58
CA GLY A 215 16.12 -40.44 -5.95
C GLY A 215 16.20 -40.04 -4.49
N PHE A 216 15.58 -38.93 -4.12
CA PHE A 216 15.50 -38.55 -2.70
C PHE A 216 14.53 -39.44 -1.93
N GLY A 217 13.65 -40.16 -2.61
CA GLY A 217 12.72 -41.04 -1.93
C GLY A 217 13.24 -42.46 -1.82
N VAL A 218 14.03 -42.89 -2.81
CA VAL A 218 14.60 -44.23 -2.78
C VAL A 218 15.52 -44.39 -1.57
N LEU A 219 16.33 -43.37 -1.28
CA LEU A 219 17.24 -43.45 -0.14
C LEU A 219 16.49 -43.44 1.19
N HIS A 220 15.48 -42.58 1.30
CA HIS A 220 14.63 -42.54 2.49
C HIS A 220 14.01 -43.90 2.75
N LEU A 221 13.42 -44.53 1.73
CA LEU A 221 12.77 -45.82 1.93
C LEU A 221 13.78 -46.93 2.22
N ASN A 222 14.95 -46.88 1.59
CA ASN A 222 15.97 -47.89 1.87
C ASN A 222 16.42 -47.83 3.32
N SER A 223 16.65 -46.62 3.83
CA SER A 223 17.01 -46.49 5.25
C SER A 223 15.88 -46.93 6.16
N GLY A 224 14.64 -46.59 5.81
CA GLY A 224 13.51 -46.99 6.63
C GLY A 224 13.35 -48.48 6.74
N LEU A 225 13.62 -49.20 5.66
CA LEU A 225 13.55 -50.67 5.71
C LEU A 225 14.76 -51.28 6.38
N ASP A 226 15.94 -50.66 6.22
CA ASP A 226 17.14 -51.15 6.87
C ASP A 226 17.06 -50.98 8.39
N TYR A 227 16.30 -49.99 8.86
CA TYR A 227 16.12 -49.84 10.30
C TYR A 227 15.28 -50.96 10.88
N LEU A 228 14.16 -51.28 10.25
CA LEU A 228 13.27 -52.31 10.77
C LEU A 228 13.84 -53.70 10.56
N PHE A 229 14.05 -54.09 9.31
CA PHE A 229 14.57 -55.39 8.97
C PHE A 229 16.07 -55.30 8.73
N GLY A 230 16.67 -56.35 8.19
CA GLY A 230 18.09 -56.33 7.93
C GLY A 230 18.45 -56.14 6.47
N VAL A 231 17.76 -55.24 5.80
CA VAL A 231 17.97 -55.05 4.36
C VAL A 231 19.19 -54.17 4.14
N PRO A 232 20.17 -54.61 3.33
CA PRO A 232 21.37 -53.80 3.12
C PRO A 232 21.14 -52.62 2.19
N HIS A 233 22.21 -51.90 1.85
CA HIS A 233 22.15 -50.72 0.98
C HIS A 233 22.74 -51.00 -0.40
N THR A 234 22.52 -52.20 -0.92
CA THR A 234 23.17 -52.60 -2.17
C THR A 234 22.47 -51.93 -3.35
N GLN A 235 22.83 -52.35 -4.57
CA GLN A 235 22.37 -51.67 -5.78
C GLN A 235 21.13 -52.32 -6.39
N TRP A 236 21.04 -53.66 -6.37
CA TRP A 236 19.84 -54.30 -6.87
C TRP A 236 18.63 -53.97 -6.01
N ILE A 237 18.85 -53.66 -4.72
CA ILE A 237 17.75 -53.25 -3.86
C ILE A 237 17.14 -51.95 -4.38
N GLN A 238 17.97 -50.97 -4.70
CA GLN A 238 17.46 -49.71 -5.23
C GLN A 238 16.88 -49.89 -6.63
N VAL A 239 17.48 -50.76 -7.45
CA VAL A 239 16.93 -51.02 -8.77
C VAL A 239 15.53 -51.60 -8.68
N GLY A 240 15.32 -52.55 -7.77
CA GLY A 240 14.00 -53.12 -7.58
C GLY A 240 13.04 -52.24 -6.81
N LEU A 241 13.55 -51.24 -6.11
CA LEU A 241 12.68 -50.32 -5.40
C LEU A 241 12.14 -49.22 -6.31
N ILE A 242 12.93 -48.77 -7.28
CA ILE A 242 12.44 -47.82 -8.27
C ILE A 242 11.28 -48.41 -9.05
N THR A 243 11.37 -49.70 -9.39
CA THR A 243 10.31 -50.38 -10.12
C THR A 243 8.99 -50.34 -9.34
N LEU A 244 9.05 -50.61 -8.04
CA LEU A 244 7.84 -50.57 -7.23
C LEU A 244 7.31 -49.16 -7.08
N MET A 245 8.21 -48.18 -6.96
CA MET A 245 7.76 -46.80 -6.80
C MET A 245 7.09 -46.27 -8.07
N MET A 246 7.50 -46.76 -9.24
CA MET A 246 6.95 -46.27 -10.50
C MET A 246 5.78 -47.08 -11.03
N GLY A 247 5.75 -48.40 -10.80
CA GLY A 247 4.62 -49.19 -11.24
C GLY A 247 3.33 -48.89 -10.52
N ALA A 248 3.40 -48.34 -9.31
CA ALA A 248 2.20 -47.90 -8.63
C ALA A 248 1.70 -46.56 -9.14
N ALA A 249 2.57 -45.76 -9.74
CA ALA A 249 2.18 -44.46 -10.27
C ALA A 249 1.74 -44.53 -11.72
N ILE A 250 2.18 -45.54 -12.47
CA ILE A 250 1.72 -45.69 -13.85
C ILE A 250 0.34 -46.36 -13.90
N LEU A 251 0.14 -47.38 -13.06
CA LEU A 251 -1.13 -48.10 -13.03
C LEU A 251 -2.27 -47.28 -12.45
N VAL A 252 -1.98 -46.24 -11.68
CA VAL A 252 -3.04 -45.32 -11.26
C VAL A 252 -3.36 -44.32 -12.36
N ALA A 253 -2.36 -43.94 -13.17
CA ALA A 253 -2.61 -42.99 -14.25
C ALA A 253 -3.35 -43.63 -15.42
N ILE A 254 -3.12 -44.91 -15.69
CA ILE A 254 -3.74 -45.56 -16.84
C ILE A 254 -4.96 -46.39 -16.44
N ALA A 255 -5.55 -46.13 -15.27
CA ALA A 255 -6.74 -46.88 -14.86
C ALA A 255 -7.86 -46.04 -14.28
N GLY A 256 -7.67 -44.74 -14.08
CA GLY A 256 -8.73 -43.91 -13.53
C GLY A 256 -8.16 -42.62 -12.99
N VAL A 257 -9.07 -41.75 -12.59
CA VAL A 257 -8.71 -40.40 -12.16
C VAL A 257 -9.14 -40.17 -10.72
N ASP A 258 -10.45 -40.27 -10.46
CA ASP A 258 -10.94 -40.17 -9.10
C ASP A 258 -10.73 -41.50 -8.37
N LYS A 259 -11.02 -41.52 -7.08
CA LYS A 259 -10.36 -42.44 -6.14
C LYS A 259 -8.86 -42.34 -6.41
N GLY A 260 -8.34 -41.14 -6.16
CA GLY A 260 -7.13 -40.68 -6.82
C GLY A 260 -7.06 -39.17 -6.71
N VAL A 261 -6.91 -38.48 -7.84
CA VAL A 261 -6.59 -37.05 -7.87
C VAL A 261 -7.39 -36.23 -6.86
N ARG A 262 -8.66 -36.59 -6.64
CA ARG A 262 -9.51 -35.80 -5.74
C ARG A 262 -9.79 -36.47 -4.41
N VAL A 263 -9.58 -37.78 -4.30
CA VAL A 263 -9.84 -38.48 -3.05
C VAL A 263 -8.58 -38.61 -2.19
N MET A 264 -7.45 -38.91 -2.83
CA MET A 264 -6.17 -38.98 -2.12
C MET A 264 -5.81 -37.64 -1.49
N SER A 265 -6.21 -36.54 -2.14
CA SER A 265 -5.92 -35.21 -1.58
C SER A 265 -6.57 -35.02 -0.22
N ASP A 266 -7.69 -35.70 0.03
CA ASP A 266 -8.33 -35.69 1.34
C ASP A 266 -7.84 -36.81 2.24
N ILE A 267 -7.42 -37.94 1.65
CA ILE A 267 -6.95 -39.04 2.47
C ILE A 267 -5.62 -38.70 3.14
N ASN A 268 -4.67 -38.13 2.39
CA ASN A 268 -3.34 -37.91 2.96
C ASN A 268 -3.27 -36.67 3.84
N MET A 269 -4.15 -35.69 3.58
CA MET A 269 -4.21 -34.50 4.42
C MET A 269 -4.64 -34.82 5.84
N LEU A 270 -5.35 -35.93 6.05
CA LEU A 270 -5.71 -36.37 7.39
C LEU A 270 -4.68 -37.32 7.98
N LEU A 271 -3.83 -37.93 7.16
CA LEU A 271 -2.72 -38.70 7.69
C LEU A 271 -1.62 -37.80 8.22
N ALA A 272 -1.40 -36.66 7.57
CA ALA A 272 -0.31 -35.78 7.99
C ALA A 272 -0.59 -35.11 9.33
N CYS A 273 -1.83 -34.65 9.53
CA CYS A 273 -2.15 -33.88 10.72
C CYS A 273 -2.05 -34.71 11.99
N ALA A 274 -2.43 -35.98 11.92
CA ALA A 274 -2.34 -36.84 13.10
C ALA A 274 -0.89 -37.02 13.55
N LEU A 275 0.02 -37.19 12.59
CA LEU A 275 1.43 -37.35 12.93
C LEU A 275 2.00 -36.05 13.48
N LEU A 276 1.63 -34.91 12.88
CA LEU A 276 2.10 -33.63 13.41
C LEU A 276 1.62 -33.41 14.84
N LEU A 277 0.35 -33.73 15.12
CA LEU A 277 -0.18 -33.53 16.47
C LEU A 277 0.44 -34.50 17.46
N PHE A 278 0.73 -35.74 17.03
CA PHE A 278 1.42 -36.67 17.91
C PHE A 278 2.79 -36.15 18.28
N VAL A 279 3.56 -35.67 17.29
CA VAL A 279 4.90 -35.16 17.58
C VAL A 279 4.82 -33.92 18.46
N LEU A 280 3.78 -33.10 18.32
CA LEU A 280 3.66 -31.90 19.14
C LEU A 280 3.30 -32.23 20.58
N PHE A 281 2.37 -33.16 20.79
CA PHE A 281 1.86 -33.42 22.13
C PHE A 281 2.61 -34.51 22.88
N ALA A 282 3.52 -35.23 22.23
CA ALA A 282 4.35 -36.22 22.90
C ALA A 282 5.75 -35.71 23.21
N GLY A 283 6.02 -34.42 22.97
CA GLY A 283 7.29 -33.83 23.30
C GLY A 283 7.13 -32.63 24.22
N PRO A 284 8.12 -31.73 24.21
CA PRO A 284 8.06 -30.49 25.03
C PRO A 284 7.15 -29.43 24.41
N THR A 285 5.86 -29.52 24.71
CA THR A 285 4.86 -28.71 24.02
C THR A 285 5.09 -27.21 24.22
N GLN A 286 5.47 -26.81 25.43
CA GLN A 286 5.59 -25.39 25.74
C GLN A 286 6.74 -24.74 24.97
N HIS A 287 7.91 -25.38 25.00
CA HIS A 287 9.07 -24.90 24.25
C HIS A 287 8.73 -24.76 22.77
N LEU A 288 8.01 -25.73 22.21
CA LEU A 288 7.69 -25.70 20.79
C LEU A 288 6.72 -24.58 20.48
N LEU A 289 5.73 -24.36 21.34
CA LEU A 289 4.79 -23.26 21.12
C LEU A 289 5.48 -21.90 21.19
N ASN A 290 6.51 -21.77 22.02
CA ASN A 290 7.25 -20.50 22.08
C ASN A 290 8.12 -20.29 20.85
N THR A 291 8.88 -21.32 20.46
CA THR A 291 9.80 -21.14 19.33
C THR A 291 9.06 -20.98 18.01
N LEU A 292 7.85 -21.55 17.90
CA LEU A 292 7.06 -21.35 16.68
C LEU A 292 6.75 -19.88 16.47
N VAL A 293 6.43 -19.16 17.54
CA VAL A 293 6.12 -17.74 17.44
C VAL A 293 7.39 -16.91 17.28
N GLN A 294 8.52 -17.35 17.86
CA GLN A 294 9.78 -16.65 17.65
C GLN A 294 10.21 -16.68 16.19
N ASN A 295 10.06 -17.84 15.54
CA ASN A 295 10.57 -18.01 14.18
C ASN A 295 9.84 -17.11 13.18
N ILE A 296 8.54 -16.92 13.36
CA ILE A 296 7.76 -16.09 12.46
C ILE A 296 8.27 -14.65 12.47
N GLY A 297 8.50 -14.11 13.68
CA GLY A 297 9.02 -12.77 13.78
C GLY A 297 10.41 -12.63 13.19
N ASP A 298 11.28 -13.61 13.46
CA ASP A 298 12.62 -13.58 12.85
C ASP A 298 12.53 -13.53 11.33
N TYR A 299 11.70 -14.38 10.74
CA TYR A 299 11.59 -14.44 9.29
C TYR A 299 11.05 -13.13 8.73
N LEU A 300 9.96 -12.62 9.29
CA LEU A 300 9.37 -11.40 8.78
C LEU A 300 10.30 -10.20 8.94
N GLY A 301 11.15 -10.22 9.96
CA GLY A 301 12.10 -9.13 10.13
C GLY A 301 13.27 -9.21 9.17
N ALA A 302 13.73 -10.42 8.86
CA ALA A 302 14.91 -10.57 8.02
C ALA A 302 14.62 -10.66 6.53
N LEU A 303 13.35 -10.81 6.13
CA LEU A 303 13.02 -11.07 4.73
C LEU A 303 13.61 -10.08 3.73
N PRO A 304 13.51 -8.75 3.90
CA PRO A 304 13.89 -7.85 2.80
C PRO A 304 15.39 -7.82 2.51
N SER A 305 16.25 -8.11 3.49
CA SER A 305 17.68 -8.07 3.26
C SER A 305 18.29 -9.43 3.01
N LYS A 306 17.59 -10.52 3.36
CA LYS A 306 18.09 -11.87 3.15
C LYS A 306 17.88 -12.37 1.74
N SER A 307 17.09 -11.68 0.93
CA SER A 307 16.82 -12.09 -0.44
C SER A 307 17.99 -11.85 -1.38
N PHE A 308 18.96 -11.04 -0.98
CA PHE A 308 20.09 -10.67 -1.83
C PHE A 308 21.42 -11.07 -1.24
N ASP A 309 21.44 -11.96 -0.26
CA ASP A 309 22.68 -12.29 0.46
C ASP A 309 23.44 -13.37 -0.29
N VAL A 310 24.65 -13.03 -0.72
CA VAL A 310 25.54 -13.97 -1.40
C VAL A 310 26.87 -14.14 -0.69
N TYR A 311 27.03 -13.53 0.49
CA TYR A 311 28.25 -13.63 1.30
C TYR A 311 29.47 -13.17 0.50
N ALA A 312 29.41 -11.93 0.02
CA ALA A 312 30.40 -11.42 -0.92
C ALA A 312 31.65 -10.87 -0.24
N TYR A 313 31.61 -10.62 1.06
CA TYR A 313 32.76 -10.07 1.77
C TYR A 313 33.46 -11.10 2.63
N ASN A 314 33.06 -12.36 2.55
CA ASN A 314 33.71 -13.45 3.28
C ASN A 314 34.72 -14.17 2.39
N LYS A 315 35.46 -15.07 2.99
CA LYS A 315 36.41 -15.88 2.23
C LYS A 315 35.65 -16.79 1.27
N PRO A 316 36.13 -16.97 0.04
CA PRO A 316 35.40 -17.79 -0.93
C PRO A 316 35.16 -19.20 -0.43
N SER A 317 34.06 -19.80 -0.90
CA SER A 317 33.62 -21.11 -0.43
C SER A 317 32.64 -21.66 -1.46
N ASP A 318 32.09 -22.84 -1.15
CA ASP A 318 31.15 -23.52 -2.03
C ASP A 318 29.81 -23.77 -1.34
N TRP A 319 29.47 -22.94 -0.35
CA TRP A 319 28.24 -23.16 0.39
C TRP A 319 27.01 -22.80 -0.43
N LEU A 320 27.10 -21.75 -1.26
CA LEU A 320 25.91 -21.22 -1.92
C LEU A 320 25.38 -22.16 -2.98
N GLY A 321 26.25 -22.94 -3.62
CA GLY A 321 25.80 -23.80 -4.69
C GLY A 321 25.16 -25.10 -4.26
N GLY A 322 25.27 -25.45 -2.99
CA GLY A 322 24.67 -26.66 -2.49
C GLY A 322 23.40 -26.42 -1.72
N TRP A 323 23.17 -25.19 -1.25
CA TRP A 323 21.99 -24.89 -0.46
C TRP A 323 21.04 -23.89 -1.10
N THR A 324 21.48 -22.66 -1.39
CA THR A 324 20.49 -21.66 -1.77
C THR A 324 20.23 -21.60 -3.27
N VAL A 325 21.21 -21.93 -4.11
CA VAL A 325 20.98 -21.93 -5.55
C VAL A 325 20.24 -23.20 -5.98
N PHE A 326 20.53 -24.32 -5.32
CA PHE A 326 19.81 -25.56 -5.61
C PHE A 326 18.31 -25.40 -5.39
N TYR A 327 17.91 -24.67 -4.36
CA TYR A 327 16.49 -24.57 -4.03
C TYR A 327 15.74 -23.72 -5.05
N TRP A 328 16.34 -22.62 -5.51
CA TRP A 328 15.68 -21.84 -6.55
C TRP A 328 15.59 -22.62 -7.85
N ALA A 329 16.67 -23.31 -8.23
CA ALA A 329 16.59 -24.15 -9.43
C ALA A 329 15.48 -25.20 -9.29
N TRP A 330 15.33 -25.76 -8.09
CA TRP A 330 14.30 -26.76 -7.81
C TRP A 330 12.90 -26.20 -8.00
N TRP A 331 12.61 -25.05 -7.39
CA TRP A 331 11.26 -24.48 -7.52
C TRP A 331 10.97 -24.06 -8.96
N ILE A 332 11.97 -23.54 -9.66
CA ILE A 332 11.74 -23.16 -11.05
C ILE A 332 11.46 -24.38 -11.92
N ALA A 333 12.15 -25.49 -11.65
CA ALA A 333 11.89 -26.70 -12.40
C ALA A 333 10.54 -27.32 -12.07
N TRP A 334 10.02 -27.07 -10.86
CA TRP A 334 8.69 -27.60 -10.51
C TRP A 334 7.54 -26.71 -10.93
N ALA A 335 7.79 -25.43 -11.21
CA ALA A 335 6.71 -24.50 -11.55
C ALA A 335 5.85 -24.90 -12.75
N PRO A 336 6.39 -25.27 -13.91
CA PRO A 336 5.53 -25.49 -15.08
C PRO A 336 4.56 -26.65 -14.95
N PHE A 337 4.64 -27.46 -13.90
CA PHE A 337 3.74 -28.58 -13.67
C PHE A 337 2.67 -28.23 -12.64
N VAL A 338 3.05 -27.70 -11.48
CA VAL A 338 2.08 -27.30 -10.48
C VAL A 338 1.23 -26.15 -11.00
N GLY A 339 1.81 -25.23 -11.75
CA GLY A 339 1.03 -24.12 -12.29
C GLY A 339 -0.04 -24.59 -13.26
N LEU A 340 0.33 -25.48 -14.18
CA LEU A 340 -0.63 -25.98 -15.15
C LEU A 340 -1.64 -26.93 -14.52
N PHE A 341 -1.31 -27.54 -13.38
CA PHE A 341 -2.31 -28.35 -12.70
C PHE A 341 -3.31 -27.50 -11.94
N ILE A 342 -2.86 -26.40 -11.31
CA ILE A 342 -3.78 -25.57 -10.54
C ILE A 342 -4.52 -24.54 -11.38
N ALA A 343 -4.09 -24.32 -12.62
CA ALA A 343 -4.85 -23.46 -13.52
C ALA A 343 -6.06 -24.16 -14.13
N ARG A 344 -6.27 -25.43 -13.84
CA ARG A 344 -7.38 -26.19 -14.37
C ARG A 344 -8.55 -26.31 -13.41
N ILE A 345 -8.35 -26.01 -12.14
CA ILE A 345 -9.40 -26.14 -11.13
C ILE A 345 -9.78 -24.78 -10.55
N SER A 346 -9.43 -23.69 -11.23
CA SER A 346 -9.61 -22.35 -10.70
C SER A 346 -10.37 -21.46 -11.67
N ARG A 347 -11.42 -22.00 -12.29
CA ARG A 347 -12.25 -21.22 -13.19
C ARG A 347 -13.37 -20.55 -12.41
N GLY A 348 -13.55 -19.25 -12.64
CA GLY A 348 -14.59 -18.51 -11.98
C GLY A 348 -14.17 -17.78 -10.73
N ARG A 349 -12.89 -17.55 -10.53
CA ARG A 349 -12.39 -16.83 -9.36
C ARG A 349 -11.69 -15.56 -9.81
N THR A 350 -11.54 -14.63 -8.87
CA THR A 350 -10.81 -13.41 -9.17
C THR A 350 -9.32 -13.64 -8.94
N ILE A 351 -8.51 -12.67 -9.36
CA ILE A 351 -7.07 -12.79 -9.23
C ILE A 351 -6.65 -12.68 -7.77
N ARG A 352 -7.30 -11.80 -7.02
CA ARG A 352 -6.91 -11.56 -5.64
C ARG A 352 -7.14 -12.78 -4.76
N GLU A 353 -8.32 -13.40 -4.87
CA GLU A 353 -8.60 -14.57 -4.06
C GLU A 353 -7.93 -15.83 -4.57
N PHE A 354 -7.33 -15.77 -5.76
CA PHE A 354 -6.47 -16.85 -6.22
C PHE A 354 -5.08 -16.72 -5.62
N VAL A 355 -4.51 -15.51 -5.67
CA VAL A 355 -3.17 -15.29 -5.12
C VAL A 355 -3.16 -15.46 -3.61
N PHE A 356 -4.07 -14.80 -2.92
CA PHE A 356 -4.12 -14.91 -1.47
C PHE A 356 -4.66 -16.24 -0.98
N GLY A 357 -5.08 -17.12 -1.90
CA GLY A 357 -5.50 -18.45 -1.52
C GLY A 357 -4.36 -19.43 -1.73
N VAL A 358 -3.52 -19.16 -2.72
CA VAL A 358 -2.30 -19.96 -2.88
C VAL A 358 -1.26 -19.61 -1.85
N LEU A 359 -1.23 -18.36 -1.37
CA LEU A 359 -0.21 -17.94 -0.41
C LEU A 359 -0.70 -17.98 1.04
N LEU A 360 -1.74 -18.77 1.36
CA LEU A 360 -2.26 -18.77 2.72
C LEU A 360 -2.16 -20.13 3.41
N ILE A 361 -2.77 -21.17 2.87
CA ILE A 361 -2.91 -22.45 3.59
C ILE A 361 -1.68 -23.34 3.44
N PRO A 362 -1.19 -23.60 2.22
CA PRO A 362 -0.02 -24.48 2.10
C PRO A 362 1.21 -23.91 2.75
N LEU A 363 1.41 -22.60 2.65
CA LEU A 363 2.52 -21.95 3.34
C LEU A 363 2.44 -22.18 4.84
N GLY A 364 1.24 -22.01 5.42
CA GLY A 364 1.09 -22.20 6.85
C GLY A 364 1.40 -23.62 7.28
N PHE A 365 0.82 -24.60 6.58
CA PHE A 365 1.07 -25.99 6.97
C PHE A 365 2.54 -26.36 6.83
N THR A 366 3.18 -25.94 5.74
CA THR A 366 4.58 -26.28 5.52
C THR A 366 5.47 -25.65 6.58
N LEU A 367 5.23 -24.38 6.92
CA LEU A 367 6.07 -23.72 7.91
C LEU A 367 5.88 -24.32 9.30
N ALA A 368 4.64 -24.67 9.65
CA ALA A 368 4.40 -25.32 10.94
C ALA A 368 5.13 -26.65 11.03
N TRP A 369 5.01 -27.48 9.98
CA TRP A 369 5.73 -28.75 9.95
C TRP A 369 7.22 -28.56 10.14
N MET A 370 7.82 -27.68 9.32
CA MET A 370 9.27 -27.49 9.36
C MET A 370 9.72 -27.00 10.73
N SER A 371 8.98 -26.04 11.32
CA SER A 371 9.40 -25.47 12.58
C SER A 371 9.34 -26.50 13.71
N ILE A 372 8.21 -27.24 13.81
CA ILE A 372 8.09 -28.21 14.88
C ILE A 372 9.16 -29.29 14.75
N PHE A 373 9.31 -29.86 13.55
CA PHE A 373 10.26 -30.96 13.39
C PHE A 373 11.71 -30.51 13.54
N GLY A 374 12.02 -29.25 13.23
CA GLY A 374 13.39 -28.80 13.38
C GLY A 374 13.76 -28.44 14.79
N ASN A 375 12.86 -27.75 15.49
CA ASN A 375 13.16 -27.38 16.87
C ASN A 375 13.14 -28.60 17.79
N SER A 376 12.32 -29.61 17.46
CA SER A 376 12.30 -30.80 18.30
C SER A 376 13.63 -31.55 18.31
N ALA A 377 14.48 -31.34 17.31
CA ALA A 377 15.80 -31.95 17.25
C ALA A 377 16.92 -31.03 17.69
N ILE A 378 16.79 -29.73 17.40
CA ILE A 378 17.74 -28.77 17.96
C ILE A 378 17.73 -28.84 19.48
N ASP A 379 16.53 -28.99 20.06
CA ASP A 379 16.41 -29.06 21.51
C ASP A 379 17.16 -30.26 22.09
N GLN A 380 17.24 -31.35 21.35
CA GLN A 380 17.90 -32.54 21.86
C GLN A 380 19.39 -32.54 21.60
N VAL A 381 19.84 -31.86 20.55
CA VAL A 381 21.29 -31.79 20.34
C VAL A 381 21.92 -30.75 21.27
N LEU A 382 21.26 -29.63 21.53
CA LEU A 382 21.85 -28.66 22.45
C LEU A 382 21.69 -29.06 23.91
N ASN A 383 20.46 -29.33 24.34
CA ASN A 383 20.16 -29.36 25.77
C ASN A 383 20.32 -30.71 26.41
N HIS A 384 20.27 -31.81 25.65
CA HIS A 384 20.33 -33.15 26.23
C HIS A 384 21.58 -33.92 25.82
N GLY A 385 22.49 -33.31 25.06
CA GLY A 385 23.75 -33.93 24.76
C GLY A 385 23.65 -35.23 23.96
N MET A 386 23.24 -35.13 22.71
CA MET A 386 23.17 -36.28 21.80
C MET A 386 24.08 -35.97 20.62
N ALA A 387 25.32 -36.46 20.68
CA ALA A 387 26.27 -36.19 19.61
C ALA A 387 26.13 -37.17 18.45
N ALA A 388 25.71 -38.40 18.74
CA ALA A 388 25.52 -39.39 17.68
C ALA A 388 24.35 -39.04 16.77
N LEU A 389 23.40 -38.24 17.25
CA LEU A 389 22.34 -37.73 16.38
C LEU A 389 22.84 -36.61 15.49
N GLY A 390 23.71 -35.75 16.01
CA GLY A 390 24.24 -34.65 15.23
C GLY A 390 25.37 -35.01 14.31
N GLN A 391 25.97 -36.19 14.47
CA GLN A 391 27.03 -36.62 13.56
C GLN A 391 26.48 -37.29 12.31
N SER A 392 25.39 -38.05 12.44
CA SER A 392 24.81 -38.70 11.26
C SER A 392 24.17 -37.69 10.33
N ALA A 393 23.77 -36.53 10.84
CA ALA A 393 23.22 -35.50 9.97
C ALA A 393 24.24 -34.99 8.97
N ILE A 394 25.52 -35.21 9.24
CA ILE A 394 26.60 -34.75 8.37
C ILE A 394 27.14 -35.93 7.59
N ASP A 395 27.23 -37.09 8.24
CA ASP A 395 27.72 -38.28 7.53
C ASP A 395 26.63 -38.95 6.70
N ASP A 396 25.57 -39.42 7.34
CA ASP A 396 24.53 -40.23 6.70
C ASP A 396 23.18 -39.55 6.82
N PRO A 397 22.83 -38.66 5.89
CA PRO A 397 21.70 -37.75 6.11
C PRO A 397 20.32 -38.37 5.96
N SER A 398 20.19 -39.66 5.67
CA SER A 398 18.88 -40.28 5.47
C SER A 398 18.49 -41.22 6.61
N MET A 399 19.23 -41.21 7.72
CA MET A 399 18.88 -42.00 8.88
C MET A 399 18.59 -41.14 10.11
N THR A 400 18.70 -39.82 9.99
CA THR A 400 18.53 -38.95 11.16
C THR A 400 17.11 -38.95 11.68
N LEU A 401 16.13 -39.05 10.77
CA LEU A 401 14.73 -39.04 11.20
C LEU A 401 14.40 -40.24 12.06
N TYR A 402 14.90 -41.42 11.70
CA TYR A 402 14.64 -42.62 12.48
C TYR A 402 15.42 -42.64 13.78
N LEU A 403 16.53 -41.91 13.87
CA LEU A 403 17.23 -41.77 15.12
C LEU A 403 16.50 -40.82 16.07
N LEU A 404 15.84 -39.80 15.52
CA LEU A 404 15.05 -38.92 16.37
C LEU A 404 13.75 -39.59 16.82
N LEU A 405 13.09 -40.32 15.92
CA LEU A 405 11.78 -40.88 16.23
C LEU A 405 11.84 -42.04 17.21
N GLU A 406 13.02 -42.62 17.45
CA GLU A 406 13.13 -43.76 18.35
C GLU A 406 13.35 -43.35 19.79
N THR A 407 13.02 -42.11 20.15
CA THR A 407 13.04 -41.64 21.52
C THR A 407 11.62 -41.29 22.00
N TYR A 408 10.61 -41.91 21.41
CA TYR A 408 9.22 -41.64 21.67
C TYR A 408 8.51 -42.91 22.13
N PRO A 409 7.32 -42.79 22.72
CA PRO A 409 6.57 -44.00 23.09
C PRO A 409 6.04 -44.74 21.86
N TRP A 410 6.18 -46.06 21.88
CA TRP A 410 5.80 -46.93 20.77
C TRP A 410 6.51 -46.50 19.48
N SER A 411 7.83 -46.61 19.50
CA SER A 411 8.63 -46.12 18.39
C SER A 411 8.58 -47.07 17.20
N LYS A 412 8.60 -48.38 17.45
CA LYS A 412 8.55 -49.34 16.36
C LYS A 412 7.19 -49.36 15.66
N THR A 413 6.13 -48.90 16.33
CA THR A 413 4.82 -48.79 15.72
C THR A 413 4.61 -47.44 15.04
N VAL A 414 5.40 -46.43 15.38
CA VAL A 414 5.29 -45.14 14.71
C VAL A 414 6.19 -45.07 13.48
N ILE A 415 7.35 -45.73 13.51
CA ILE A 415 8.21 -45.74 12.34
C ILE A 415 7.55 -46.51 11.19
N ALA A 416 6.84 -47.59 11.51
CA ALA A 416 6.16 -48.36 10.47
C ALA A 416 5.02 -47.56 9.84
N VAL A 417 4.44 -46.64 10.58
CA VAL A 417 3.39 -45.79 10.01
C VAL A 417 3.98 -44.63 9.23
N THR A 418 5.15 -44.14 9.66
CA THR A 418 5.82 -43.08 8.90
C THR A 418 6.28 -43.58 7.53
N VAL A 419 6.84 -44.79 7.49
CA VAL A 419 7.28 -45.37 6.23
C VAL A 419 6.12 -45.53 5.26
N PHE A 420 4.92 -45.80 5.78
CA PHE A 420 3.76 -45.95 4.92
C PHE A 420 3.17 -44.61 4.51
N ILE A 421 3.16 -43.63 5.42
CA ILE A 421 2.60 -42.33 5.10
C ILE A 421 3.45 -41.61 4.05
N SER A 422 4.77 -41.77 4.13
CA SER A 422 5.64 -41.09 3.17
C SER A 422 5.54 -41.69 1.77
N PHE A 423 5.00 -42.90 1.65
CA PHE A 423 4.93 -43.56 0.35
C PHE A 423 3.79 -43.03 -0.51
N VAL A 424 2.69 -42.60 0.10
CA VAL A 424 1.58 -42.06 -0.70
C VAL A 424 1.82 -40.61 -1.08
N PHE A 425 2.70 -39.90 -0.37
CA PHE A 425 3.05 -38.55 -0.76
C PHE A 425 3.73 -38.51 -2.12
N PHE A 426 4.43 -39.59 -2.49
CA PHE A 426 5.05 -39.64 -3.81
C PHE A 426 4.05 -39.99 -4.90
N VAL A 427 3.15 -40.92 -4.61
CA VAL A 427 2.17 -41.35 -5.61
C VAL A 427 1.15 -40.27 -5.87
N THR A 428 0.89 -39.40 -4.89
CA THR A 428 -0.06 -38.32 -5.11
C THR A 428 0.48 -37.27 -6.08
N SER A 429 1.80 -37.08 -6.13
CA SER A 429 2.36 -36.09 -7.04
C SER A 429 2.78 -36.69 -8.38
N ALA A 430 3.48 -37.82 -8.38
CA ALA A 430 3.92 -38.40 -9.64
C ALA A 430 2.85 -39.29 -10.25
N ASP A 431 1.62 -38.81 -10.24
CA ASP A 431 0.56 -39.29 -11.12
C ASP A 431 -0.19 -38.18 -11.81
N SER A 432 -0.25 -36.98 -11.20
CA SER A 432 -0.57 -35.77 -11.95
C SER A 432 0.63 -35.30 -12.74
N GLY A 433 1.84 -35.68 -12.32
CA GLY A 433 3.00 -35.39 -13.14
C GLY A 433 2.87 -35.95 -14.54
N THR A 434 2.54 -37.23 -14.66
CA THR A 434 2.40 -37.86 -15.98
C THR A 434 1.23 -37.27 -16.75
N VAL A 435 0.13 -36.96 -16.06
CA VAL A 435 -1.04 -36.41 -16.73
C VAL A 435 -0.71 -35.07 -17.36
N VAL A 436 -0.08 -34.17 -16.60
CA VAL A 436 0.28 -32.87 -17.15
C VAL A 436 1.32 -33.04 -18.25
N LEU A 437 2.30 -33.92 -18.05
CA LEU A 437 3.37 -34.09 -19.01
C LEU A 437 2.87 -34.68 -20.32
N SER A 438 1.76 -35.42 -20.30
CA SER A 438 1.18 -35.95 -21.53
C SER A 438 0.18 -35.00 -22.16
N THR A 439 -0.52 -34.19 -21.37
CA THR A 439 -1.37 -33.15 -21.94
C THR A 439 -0.57 -31.98 -22.48
N LEU A 440 0.72 -31.90 -22.15
CA LEU A 440 1.59 -30.86 -22.68
C LEU A 440 2.23 -31.23 -24.00
N SER A 441 2.18 -32.50 -24.39
CA SER A 441 2.80 -32.98 -25.62
C SER A 441 1.77 -33.36 -26.67
N ALA A 442 0.51 -32.99 -26.48
CA ALA A 442 -0.56 -33.32 -27.39
C ALA A 442 -1.15 -32.06 -27.98
N LYS A 443 -1.87 -32.23 -29.09
CA LYS A 443 -2.35 -31.11 -29.89
C LYS A 443 -3.81 -31.31 -30.25
N GLY A 444 -4.57 -30.21 -30.24
CA GLY A 444 -5.95 -30.24 -30.64
C GLY A 444 -6.85 -30.86 -29.59
N GLY A 445 -8.13 -30.94 -29.94
CA GLY A 445 -9.12 -31.55 -29.06
C GLY A 445 -9.78 -30.54 -28.14
N ASN A 446 -10.77 -31.04 -27.39
CA ASN A 446 -11.49 -30.21 -26.43
C ASN A 446 -10.51 -29.68 -25.39
N PRO A 447 -10.52 -28.38 -25.10
CA PRO A 447 -9.59 -27.85 -24.09
C PRO A 447 -9.59 -28.57 -22.76
N ASP A 448 -10.74 -28.71 -22.11
CA ASP A 448 -10.82 -29.43 -20.84
C ASP A 448 -10.91 -30.93 -21.07
N GLU A 449 -9.81 -31.46 -21.61
CA GLU A 449 -9.74 -32.87 -22.00
C GLU A 449 -8.26 -33.21 -22.20
N ASP A 450 -7.86 -34.38 -21.70
CA ASP A 450 -6.45 -34.71 -21.60
C ASP A 450 -5.98 -35.55 -22.78
N GLY A 451 -4.66 -35.60 -22.96
CA GLY A 451 -4.06 -36.28 -24.08
C GLY A 451 -4.20 -37.78 -23.98
N PRO A 452 -3.62 -38.48 -24.95
CA PRO A 452 -3.77 -39.94 -25.01
C PRO A 452 -3.04 -40.62 -23.86
N LYS A 453 -3.53 -41.80 -23.48
CA LYS A 453 -2.98 -42.54 -22.36
C LYS A 453 -2.01 -43.63 -22.79
N TRP A 454 -1.31 -43.43 -23.91
CA TRP A 454 -0.10 -44.17 -24.19
C TRP A 454 1.14 -43.31 -23.98
N LEU A 455 0.97 -42.01 -23.77
CA LEU A 455 2.06 -41.11 -23.46
C LEU A 455 2.40 -41.09 -21.98
N ARG A 456 1.44 -41.43 -21.11
CA ARG A 456 1.71 -41.53 -19.69
C ARG A 456 2.66 -42.70 -19.41
N VAL A 457 2.40 -43.85 -20.04
CA VAL A 457 3.27 -45.00 -19.90
C VAL A 457 4.67 -44.71 -20.44
N PHE A 458 4.79 -43.77 -21.38
CA PHE A 458 6.09 -43.41 -21.92
C PHE A 458 6.84 -42.47 -20.99
N TRP A 459 6.19 -41.39 -20.57
CA TRP A 459 6.83 -40.42 -19.71
C TRP A 459 7.09 -40.96 -18.31
N GLY A 460 6.42 -42.04 -17.91
CA GLY A 460 6.73 -42.67 -16.65
C GLY A 460 7.99 -43.50 -16.73
N VAL A 461 8.16 -44.22 -17.84
CA VAL A 461 9.37 -45.03 -18.02
C VAL A 461 10.58 -44.16 -18.29
N ALA A 462 10.38 -43.00 -18.91
CA ALA A 462 11.52 -42.15 -19.21
C ALA A 462 12.15 -41.51 -17.96
N THR A 463 11.43 -41.47 -16.85
CA THR A 463 11.95 -40.82 -15.64
C THR A 463 12.79 -41.75 -14.79
N ALA A 464 12.46 -43.04 -14.78
CA ALA A 464 13.28 -44.00 -14.03
C ALA A 464 14.67 -44.12 -14.65
N LEU A 465 14.76 -44.01 -15.97
CA LEU A 465 16.06 -44.05 -16.65
C LEU A 465 16.93 -42.85 -16.27
N ILE A 466 16.31 -41.69 -16.03
CA ILE A 466 17.07 -40.52 -15.60
C ILE A 466 17.45 -40.63 -14.14
N THR A 467 16.57 -41.21 -13.30
CA THR A 467 16.84 -41.31 -11.87
C THR A 467 17.97 -42.30 -11.59
N SER A 468 17.88 -43.49 -12.16
CA SER A 468 18.92 -44.50 -11.92
C SER A 468 20.04 -44.41 -12.95
N GLY A 469 20.47 -43.18 -13.22
CA GLY A 469 21.74 -42.93 -13.87
C GLY A 469 22.50 -41.96 -13.02
N LEU A 470 21.74 -41.16 -12.27
CA LEU A 470 22.31 -40.22 -11.31
C LEU A 470 22.45 -40.82 -9.92
N LEU A 471 21.65 -41.83 -9.58
CA LEU A 471 21.91 -42.52 -8.32
C LEU A 471 23.25 -43.24 -8.31
N PHE A 472 23.67 -43.77 -9.45
CA PHE A 472 24.91 -44.55 -9.53
C PHE A 472 26.11 -43.70 -9.91
N SER A 473 26.05 -42.40 -9.70
CA SER A 473 27.13 -41.49 -10.05
C SER A 473 27.34 -40.46 -8.93
N GLY A 474 27.46 -40.92 -7.68
CA GLY A 474 27.58 -39.98 -6.60
C GLY A 474 26.25 -39.42 -6.15
N SER A 475 25.44 -40.28 -5.53
CA SER A 475 23.99 -40.13 -5.41
C SER A 475 23.48 -38.71 -5.12
N ILE A 476 23.85 -38.12 -3.98
CA ILE A 476 23.19 -36.90 -3.55
C ILE A 476 23.69 -35.70 -4.33
N ASP A 477 25.02 -35.59 -4.49
CA ASP A 477 25.57 -34.41 -5.14
C ASP A 477 25.29 -34.39 -6.63
N ALA A 478 25.22 -35.56 -7.28
CA ALA A 478 24.85 -35.59 -8.70
C ALA A 478 23.41 -35.15 -8.89
N LEU A 479 22.50 -35.61 -8.02
CA LEU A 479 21.12 -35.17 -8.08
C LEU A 479 21.02 -33.67 -7.88
N LYS A 480 21.76 -33.13 -6.91
CA LYS A 480 21.72 -31.69 -6.67
C LYS A 480 22.31 -30.90 -7.83
N SER A 481 23.34 -31.44 -8.49
CA SER A 481 24.04 -30.69 -9.52
C SER A 481 23.35 -30.76 -10.88
N ALA A 482 22.59 -31.82 -11.15
CA ALA A 482 21.95 -31.95 -12.45
C ALA A 482 20.75 -31.02 -12.62
N VAL A 483 20.19 -30.51 -11.54
CA VAL A 483 19.03 -29.63 -11.63
C VAL A 483 19.42 -28.18 -11.87
N VAL A 484 20.61 -27.76 -11.42
CA VAL A 484 21.02 -26.37 -11.55
C VAL A 484 21.35 -26.02 -13.00
N LEU A 485 21.64 -27.01 -13.84
CA LEU A 485 22.03 -26.75 -15.22
C LEU A 485 20.84 -26.67 -16.17
N THR A 486 19.92 -27.63 -16.08
CA THR A 486 18.83 -27.74 -17.03
C THR A 486 17.68 -26.79 -16.76
N SER A 487 17.73 -26.02 -15.67
CA SER A 487 16.70 -25.06 -15.34
C SER A 487 17.08 -23.64 -15.71
N LEU A 488 18.20 -23.45 -16.39
CA LEU A 488 18.73 -22.14 -16.73
C LEU A 488 18.03 -21.52 -17.95
N PRO A 489 17.78 -22.27 -19.04
CA PRO A 489 17.09 -21.66 -20.18
C PRO A 489 15.61 -21.39 -19.97
N PHE A 490 14.99 -21.86 -18.89
CA PHE A 490 13.58 -21.60 -18.64
C PHE A 490 13.34 -20.31 -17.87
N SER A 491 14.36 -19.83 -17.15
CA SER A 491 14.24 -18.58 -16.41
C SER A 491 14.06 -17.37 -17.31
N LEU A 492 14.46 -17.47 -18.58
CA LEU A 492 14.30 -16.37 -19.54
C LEU A 492 12.93 -16.39 -20.18
N ILE A 493 12.42 -17.58 -20.51
CA ILE A 493 11.05 -17.70 -20.95
C ILE A 493 10.09 -17.19 -19.88
N LEU A 494 10.43 -17.41 -18.61
CA LEU A 494 9.60 -16.89 -17.53
C LEU A 494 9.62 -15.37 -17.45
N LEU A 495 10.59 -14.69 -18.07
CA LEU A 495 10.60 -13.24 -18.14
C LEU A 495 9.86 -12.72 -19.37
N LEU A 496 10.00 -13.42 -20.49
CA LEU A 496 9.19 -13.09 -21.67
C LEU A 496 7.70 -13.19 -21.36
N MET A 497 7.31 -14.21 -20.58
CA MET A 497 5.91 -14.34 -20.19
C MET A 497 5.46 -13.15 -19.36
N MET A 498 6.33 -12.65 -18.49
CA MET A 498 5.98 -11.48 -17.67
C MET A 498 5.78 -10.24 -18.54
N TRP A 499 6.67 -10.05 -19.52
CA TRP A 499 6.50 -8.93 -20.45
C TRP A 499 5.17 -9.01 -21.19
N GLY A 500 4.85 -10.19 -21.74
CA GLY A 500 3.58 -10.35 -22.43
C GLY A 500 2.37 -10.10 -21.55
N LEU A 501 2.44 -10.56 -20.30
CA LEU A 501 1.32 -10.35 -19.38
C LEU A 501 1.14 -8.87 -19.05
N HIS A 502 2.25 -8.15 -18.89
CA HIS A 502 2.13 -6.71 -18.66
C HIS A 502 1.47 -6.00 -19.83
N LYS A 503 1.86 -6.37 -21.06
CA LYS A 503 1.22 -5.77 -22.22
C LYS A 503 -0.27 -6.08 -22.26
N ALA A 504 -0.64 -7.31 -21.96
CA ALA A 504 -2.06 -7.68 -21.96
C ALA A 504 -2.84 -6.96 -20.87
N PHE A 505 -2.19 -6.61 -19.76
CA PHE A 505 -2.87 -5.86 -18.71
C PHE A 505 -3.08 -4.41 -19.10
N VAL A 506 -2.07 -3.77 -19.68
CA VAL A 506 -2.26 -2.39 -20.09
C VAL A 506 -3.20 -2.27 -21.28
N MET A 507 -3.35 -3.34 -22.07
CA MET A 507 -4.27 -3.29 -23.21
C MET A 507 -5.73 -3.32 -22.78
N GLU A 508 -6.02 -3.70 -21.54
CA GLU A 508 -7.40 -3.73 -21.08
C GLU A 508 -7.65 -2.87 -19.86
N SER A 509 -6.62 -2.22 -19.30
CA SER A 509 -6.90 -1.14 -18.38
C SER A 509 -7.64 0.00 -19.08
N GLN A 510 -7.39 0.18 -20.36
CA GLN A 510 -8.02 1.23 -21.16
C GLN A 510 -9.29 0.77 -21.84
N ARG A 511 -9.70 -0.48 -21.64
CA ARG A 511 -10.99 -0.95 -22.14
C ARG A 511 -12.13 -0.65 -21.18
N GLN A 512 -11.82 -0.38 -19.91
CA GLN A 512 -12.83 0.06 -18.96
C GLN A 512 -13.12 1.55 -19.09
N ILE A 513 -12.12 2.34 -19.44
CA ILE A 513 -12.33 3.76 -19.71
C ILE A 513 -13.24 3.92 -20.92
N ALA A 514 -12.95 3.17 -21.99
CA ALA A 514 -13.73 3.28 -23.22
C ALA A 514 -15.11 2.69 -23.13
N GLN A 515 -15.48 2.03 -22.02
CA GLN A 515 -16.84 1.57 -21.87
C GLN A 515 -17.69 2.46 -20.97
N LEU A 516 -17.07 3.26 -20.11
CA LEU A 516 -17.82 4.23 -19.32
C LEU A 516 -18.10 5.49 -20.12
N TYR A 517 -17.11 5.97 -20.87
CA TYR A 517 -17.26 7.21 -21.64
C TYR A 517 -18.32 7.08 -22.74
N SER A 518 -18.73 5.86 -23.08
CA SER A 518 -19.65 5.65 -24.19
C SER A 518 -21.10 5.45 -23.75
N LEU A 519 -21.45 5.84 -22.52
CA LEU A 519 -22.81 5.68 -22.02
C LEU A 519 -23.58 6.98 -22.18
N ALA A 520 -24.53 6.98 -23.11
CA ALA A 520 -25.47 8.07 -23.36
C ALA A 520 -24.77 9.42 -23.40
N PRO A 521 -24.00 9.71 -24.46
CA PRO A 521 -23.32 11.01 -24.53
C PRO A 521 -24.30 12.17 -24.64
N VAL A 522 -25.28 12.03 -25.52
CA VAL A 522 -26.32 13.04 -25.67
C VAL A 522 -27.62 12.35 -26.06
N SER A 523 -28.70 13.13 -26.14
CA SER A 523 -29.99 12.62 -26.57
C SER A 523 -30.10 12.74 -28.09
N GLY A 524 -31.29 12.46 -28.62
CA GLY A 524 -31.48 12.48 -30.06
C GLY A 524 -32.37 11.35 -30.54
N SER A 525 -32.47 10.30 -29.72
CA SER A 525 -33.39 9.21 -30.03
C SER A 525 -34.85 9.64 -29.96
N ARG A 526 -35.14 10.80 -29.36
CA ARG A 526 -36.51 11.29 -29.36
C ARG A 526 -36.95 11.74 -30.74
N ARG A 527 -36.00 11.96 -31.66
CA ARG A 527 -36.36 12.35 -33.03
C ARG A 527 -37.21 11.27 -33.69
N GLY A 528 -37.00 10.01 -33.32
CA GLY A 528 -37.84 8.93 -33.78
C GLY A 528 -37.45 8.42 -35.15
N GLY A 529 -37.94 7.22 -35.45
CA GLY A 529 -37.70 6.59 -36.72
C GLY A 529 -36.59 5.55 -36.64
N TRP A 530 -36.97 4.28 -36.54
CA TRP A 530 -35.96 3.24 -36.45
C TRP A 530 -35.35 2.90 -37.80
N ARG A 531 -35.98 3.32 -38.90
CA ARG A 531 -35.45 3.09 -40.23
C ARG A 531 -34.54 4.21 -40.70
N GLN A 532 -34.84 5.45 -40.32
CA GLN A 532 -33.99 6.58 -40.67
C GLN A 532 -32.80 6.72 -39.72
N ARG A 533 -32.95 6.28 -38.48
CA ARG A 533 -31.81 6.28 -37.55
C ARG A 533 -30.84 5.15 -37.88
N LEU A 534 -31.28 4.13 -38.62
CA LEU A 534 -30.40 3.02 -38.97
C LEU A 534 -29.56 3.34 -40.19
N SER A 535 -30.15 3.98 -41.20
CA SER A 535 -29.41 4.35 -42.40
C SER A 535 -28.33 5.37 -42.08
N GLN A 536 -28.62 6.29 -41.16
CA GLN A 536 -27.65 7.30 -40.75
C GLN A 536 -26.50 6.72 -39.92
N ALA A 537 -26.68 5.54 -39.34
CA ALA A 537 -25.70 4.97 -38.42
C ALA A 537 -24.57 4.24 -39.11
N VAL A 538 -24.49 4.29 -40.44
CA VAL A 538 -23.45 3.58 -41.18
C VAL A 538 -22.82 4.51 -42.21
N HIS A 539 -23.12 5.80 -42.14
CA HIS A 539 -22.61 6.77 -43.10
C HIS A 539 -21.34 7.42 -42.59
N TYR A 540 -20.40 7.65 -43.50
CA TYR A 540 -19.15 8.34 -43.19
C TYR A 540 -19.05 9.59 -44.05
N PRO A 541 -19.19 10.79 -43.46
CA PRO A 541 -19.25 12.00 -44.29
C PRO A 541 -17.88 12.44 -44.79
N SER A 542 -17.91 13.18 -45.90
CA SER A 542 -16.72 13.75 -46.50
C SER A 542 -16.38 15.08 -45.83
N ARG A 543 -15.28 15.69 -46.28
CA ARG A 543 -14.76 16.89 -45.62
C ARG A 543 -15.72 18.07 -45.68
N ASP A 544 -16.00 18.58 -46.88
CA ASP A 544 -16.82 19.77 -46.98
C ASP A 544 -18.31 19.47 -46.93
N GLU A 545 -18.70 18.19 -46.91
CA GLU A 545 -20.08 17.86 -46.58
C GLU A 545 -20.41 18.23 -45.14
N VAL A 546 -19.43 18.13 -44.24
CA VAL A 546 -19.63 18.63 -42.88
C VAL A 546 -19.59 20.15 -42.86
N TYR A 547 -18.83 20.77 -43.78
CA TYR A 547 -18.84 22.22 -43.87
C TYR A 547 -20.21 22.76 -44.27
N ARG A 548 -20.96 21.99 -45.05
CA ARG A 548 -22.36 22.34 -45.34
C ARG A 548 -23.29 22.02 -44.19
N PHE A 549 -22.77 21.50 -43.09
CA PHE A 549 -23.53 21.32 -41.86
C PHE A 549 -23.23 22.36 -40.81
N LEU A 550 -21.97 22.78 -40.71
CA LEU A 550 -21.56 23.74 -39.69
C LEU A 550 -22.12 25.13 -39.93
N ASP A 551 -22.36 25.50 -41.19
CA ASP A 551 -22.81 26.84 -41.51
C ASP A 551 -24.30 26.95 -41.77
N GLN A 552 -24.99 25.82 -41.93
CA GLN A 552 -26.44 25.81 -42.13
C GLN A 552 -27.22 25.47 -40.88
N THR A 553 -26.61 24.79 -39.92
CA THR A 553 -27.30 24.35 -38.71
C THR A 553 -26.62 24.81 -37.43
N VAL A 554 -25.29 24.78 -37.37
CA VAL A 554 -24.58 25.11 -36.14
C VAL A 554 -24.33 26.61 -36.03
N ARG A 555 -23.90 27.27 -37.10
CA ARG A 555 -23.70 28.71 -37.03
C ARG A 555 -25.00 29.47 -36.85
N PRO A 556 -26.07 29.22 -37.62
CA PRO A 556 -27.32 29.97 -37.41
C PRO A 556 -28.00 29.67 -36.09
N ALA A 557 -27.45 28.78 -35.25
CA ALA A 557 -28.02 28.46 -33.95
C ALA A 557 -27.22 29.07 -32.81
N ILE A 558 -25.89 28.93 -32.85
CA ILE A 558 -25.05 29.50 -31.80
C ILE A 558 -25.24 31.02 -31.74
N ASP A 559 -25.28 31.67 -32.90
CA ASP A 559 -25.53 33.11 -32.93
C ASP A 559 -26.99 33.45 -32.64
N GLU A 560 -27.87 32.46 -32.56
CA GLU A 560 -29.30 32.68 -32.33
C GLU A 560 -29.71 32.40 -30.90
N VAL A 561 -29.13 31.38 -30.27
CA VAL A 561 -29.46 31.10 -28.88
C VAL A 561 -28.84 32.14 -27.96
N THR A 562 -27.67 32.66 -28.32
CA THR A 562 -27.01 33.68 -27.50
C THR A 562 -27.73 35.01 -27.53
N ALA A 563 -28.55 35.26 -28.56
CA ALA A 563 -29.32 36.50 -28.60
C ALA A 563 -30.21 36.61 -27.38
N VAL A 564 -30.90 35.53 -27.02
CA VAL A 564 -31.72 35.52 -25.82
C VAL A 564 -30.88 35.65 -24.57
N PHE A 565 -29.59 35.29 -24.64
CA PHE A 565 -28.75 35.32 -23.44
C PHE A 565 -28.35 36.75 -23.05
N VAL A 566 -27.88 37.50 -24.05
CA VAL A 566 -27.37 38.84 -23.78
C VAL A 566 -28.44 39.74 -23.27
N GLU A 567 -29.59 39.70 -23.93
CA GLU A 567 -30.68 40.52 -23.50
C GLU A 567 -31.50 39.80 -22.46
N LYS A 568 -30.82 39.14 -21.53
CA LYS A 568 -31.52 38.52 -20.42
C LYS A 568 -30.61 38.58 -19.22
N GLY A 569 -29.69 39.52 -19.22
CA GLY A 569 -28.85 39.72 -18.06
C GLY A 569 -27.48 39.09 -18.02
N LEU A 570 -27.13 38.31 -19.02
CA LEU A 570 -25.86 37.58 -18.94
C LEU A 570 -24.67 38.19 -19.74
N ASN A 571 -23.43 37.81 -19.39
CA ASN A 571 -22.22 38.36 -20.06
C ASN A 571 -21.67 37.34 -21.01
N VAL A 572 -21.95 37.52 -22.28
CA VAL A 572 -21.61 36.50 -23.26
C VAL A 572 -20.41 37.00 -24.05
N VAL A 573 -19.30 36.28 -23.96
CA VAL A 573 -18.03 36.73 -24.53
C VAL A 573 -17.90 36.15 -25.93
N ASN A 574 -18.20 36.97 -26.94
CA ASN A 574 -17.96 36.57 -28.32
C ASN A 574 -16.53 36.92 -28.73
N VAL A 575 -16.03 36.17 -29.71
CA VAL A 575 -14.70 36.36 -30.27
C VAL A 575 -14.83 36.36 -31.80
N PRO A 576 -14.02 37.13 -32.52
CA PRO A 576 -13.93 36.93 -33.97
C PRO A 576 -13.41 35.53 -34.25
N ASP A 577 -13.88 34.94 -35.35
CA ASP A 577 -13.60 33.54 -35.64
C ASP A 577 -12.41 33.44 -36.59
N PRO A 578 -11.23 33.00 -36.14
CA PRO A 578 -10.09 32.90 -37.05
C PRO A 578 -9.89 31.51 -37.62
N SER A 579 -10.67 30.54 -37.15
CA SER A 579 -10.45 29.14 -37.47
C SER A 579 -11.20 28.67 -38.71
N ASN A 580 -12.36 29.25 -39.01
CA ASN A 580 -13.22 28.95 -40.15
C ASN A 580 -13.97 27.63 -39.96
N ASP A 581 -13.70 26.88 -38.90
CA ASP A 581 -14.46 25.67 -38.62
C ASP A 581 -15.02 25.64 -37.21
N SER A 582 -14.28 26.16 -36.23
CA SER A 582 -14.75 26.12 -34.85
C SER A 582 -15.85 27.14 -34.63
N VAL A 583 -16.80 26.80 -33.77
CA VAL A 583 -17.92 27.68 -33.41
C VAL A 583 -17.98 27.68 -31.88
N THR A 584 -17.36 28.68 -31.26
CA THR A 584 -17.21 28.69 -29.81
C THR A 584 -18.27 29.58 -29.17
N LEU A 585 -18.62 29.25 -27.93
CA LEU A 585 -19.56 30.00 -27.12
C LEU A 585 -19.06 29.99 -25.69
N GLU A 586 -19.12 31.15 -25.03
CA GLU A 586 -18.54 31.29 -23.71
C GLU A 586 -19.36 32.25 -22.88
N ILE A 587 -19.37 32.03 -21.57
CA ILE A 587 -20.15 32.83 -20.64
C ILE A 587 -19.38 32.92 -19.32
N GLY A 588 -19.21 34.13 -18.81
CA GLY A 588 -18.53 34.35 -17.54
C GLY A 588 -19.53 34.44 -16.39
N HIS A 589 -19.15 33.85 -15.27
CA HIS A 589 -20.00 33.81 -14.08
C HIS A 589 -19.33 34.53 -12.91
N GLY A 590 -18.71 35.67 -13.19
CA GLY A 590 -18.00 36.42 -12.18
C GLY A 590 -16.57 35.97 -12.04
N GLU A 591 -16.28 35.19 -11.00
CA GLU A 591 -14.93 34.74 -10.70
C GLU A 591 -14.71 33.26 -10.94
N GLU A 592 -15.70 32.41 -10.67
CA GLU A 592 -15.51 30.97 -10.81
C GLU A 592 -15.59 30.55 -12.27
N ARG A 593 -15.61 29.24 -12.50
CA ARG A 593 -15.32 28.69 -13.81
C ARG A 593 -16.36 29.14 -14.83
N PRO A 594 -15.96 29.43 -16.06
CA PRO A 594 -16.93 29.82 -17.10
C PRO A 594 -17.52 28.62 -17.81
N PHE A 595 -18.35 28.86 -18.82
CA PHE A 595 -19.08 27.83 -19.53
C PHE A 595 -18.57 27.74 -20.96
N ILE A 596 -17.73 26.75 -21.23
CA ILE A 596 -17.17 26.55 -22.55
C ILE A 596 -18.06 25.59 -23.32
N TYR A 597 -18.35 25.93 -24.58
CA TYR A 597 -19.08 25.04 -25.48
C TYR A 597 -18.50 25.22 -26.88
N GLN A 598 -17.56 24.37 -27.27
CA GLN A 598 -16.80 24.53 -28.50
C GLN A 598 -17.02 23.32 -29.40
N VAL A 599 -17.38 23.57 -30.66
CA VAL A 599 -17.48 22.55 -31.69
C VAL A 599 -16.24 22.63 -32.56
N GLN A 600 -15.80 21.50 -33.10
CA GLN A 600 -14.59 21.48 -33.90
C GLN A 600 -14.56 20.26 -34.81
N MET A 601 -14.15 20.48 -36.05
CA MET A 601 -14.06 19.42 -37.05
C MET A 601 -12.74 18.68 -36.92
N LYS A 602 -12.78 17.37 -37.18
CA LYS A 602 -11.58 16.55 -37.18
C LYS A 602 -11.78 15.36 -38.10
N GLY A 603 -10.69 14.84 -38.63
CA GLY A 603 -10.75 13.74 -39.58
C GLY A 603 -10.00 12.52 -39.10
N PHE A 604 -10.49 11.35 -39.50
CA PHE A 604 -9.94 10.07 -39.08
C PHE A 604 -9.81 9.15 -40.29
N PHE A 605 -9.29 7.96 -40.05
CA PHE A 605 -9.17 6.94 -41.08
C PHE A 605 -10.39 6.02 -41.03
N THR A 606 -10.98 5.78 -42.19
CA THR A 606 -12.13 4.89 -42.26
C THR A 606 -11.71 3.48 -41.86
N PRO A 607 -12.51 2.78 -41.04
CA PRO A 607 -12.11 1.44 -40.59
C PRO A 607 -12.05 0.41 -41.71
N SER A 608 -11.64 -0.81 -41.36
CA SER A 608 -11.46 -1.85 -42.37
C SER A 608 -12.79 -2.28 -42.99
N PHE A 609 -13.80 -2.53 -42.16
CA PHE A 609 -15.05 -3.08 -42.67
C PHE A 609 -15.97 -2.02 -43.24
N ALA A 610 -15.42 -1.11 -44.05
CA ALA A 610 -16.24 -0.11 -44.72
C ALA A 610 -15.91 0.09 -46.19
N ARG A 611 -14.73 -0.29 -46.65
CA ARG A 611 -14.32 -0.03 -48.02
C ARG A 611 -14.03 -1.32 -48.78
N LEU A 619 -16.68 0.91 -53.01
CA LEU A 619 -16.31 2.30 -52.88
C LEU A 619 -15.10 2.48 -51.98
N ASN A 620 -14.11 3.24 -52.46
CA ASN A 620 -12.90 3.53 -51.72
C ASN A 620 -13.05 4.89 -51.07
N ASN A 621 -13.32 4.91 -49.76
CA ASN A 621 -13.54 6.14 -49.02
C ASN A 621 -12.26 6.65 -48.39
N ARG A 622 -11.64 5.83 -47.53
CA ARG A 622 -10.28 6.05 -47.02
C ARG A 622 -10.19 7.25 -46.07
N ARG A 623 -11.24 8.05 -45.95
CA ARG A 623 -11.16 9.22 -45.10
C ARG A 623 -12.56 9.75 -44.80
N TYR A 624 -12.75 10.26 -43.59
CA TYR A 624 -14.03 10.84 -43.19
C TYR A 624 -13.78 11.83 -42.06
N TYR A 625 -14.82 12.60 -41.73
CA TYR A 625 -14.71 13.67 -40.75
C TYR A 625 -15.88 13.60 -39.76
N ARG A 626 -15.64 14.14 -38.56
CA ARG A 626 -16.64 14.21 -37.51
C ARG A 626 -16.52 15.56 -36.81
N ALA A 627 -17.66 16.08 -36.35
CA ALA A 627 -17.72 17.40 -35.71
C ALA A 627 -17.92 17.19 -34.21
N GLU A 628 -16.81 17.15 -33.48
CA GLU A 628 -16.85 16.83 -32.06
C GLU A 628 -17.39 18.00 -31.25
N VAL A 629 -17.55 17.78 -29.95
CA VAL A 629 -17.99 18.82 -29.01
C VAL A 629 -17.17 18.68 -27.74
N HIS A 630 -16.53 19.77 -27.31
CA HIS A 630 -15.70 19.77 -26.13
C HIS A 630 -16.27 20.74 -25.10
N LEU A 631 -15.96 20.47 -23.83
CA LEU A 631 -16.46 21.24 -22.71
C LEU A 631 -15.32 21.43 -21.73
N SER A 632 -15.63 21.82 -20.50
CA SER A 632 -14.59 21.91 -19.49
C SER A 632 -14.07 20.52 -19.14
N GLU A 633 -13.02 20.51 -18.31
CA GLU A 633 -12.31 19.27 -18.04
C GLU A 633 -13.21 18.26 -17.34
N GLY A 634 -13.01 16.99 -17.67
CA GLY A 634 -13.88 15.92 -17.19
C GLY A 634 -15.22 15.91 -17.88
N SER A 635 -15.24 15.56 -19.16
CA SER A 635 -16.46 15.53 -19.96
C SER A 635 -16.30 14.47 -21.04
N GLN A 636 -17.30 14.36 -21.91
CA GLN A 636 -17.29 13.41 -23.02
C GLN A 636 -17.34 14.16 -24.33
N ASP A 637 -16.92 13.49 -25.40
CA ASP A 637 -16.87 14.07 -26.73
C ASP A 637 -17.79 13.29 -27.66
N TYR A 638 -18.60 14.00 -28.43
CA TYR A 638 -19.58 13.38 -29.32
C TYR A 638 -19.84 14.31 -30.49
N ASP A 639 -20.38 13.74 -31.56
CA ASP A 639 -20.61 14.49 -32.79
C ASP A 639 -22.10 14.73 -33.00
N LEU A 640 -22.40 15.76 -33.80
CA LEU A 640 -23.76 16.18 -34.06
C LEU A 640 -24.21 15.95 -35.50
N VAL A 641 -23.41 15.29 -36.33
CA VAL A 641 -23.78 15.09 -37.72
C VAL A 641 -25.05 14.24 -37.77
N GLY A 642 -26.12 14.84 -38.28
CA GLY A 642 -27.44 14.21 -38.27
C GLY A 642 -28.44 14.86 -37.34
N TYR A 643 -28.11 16.00 -36.74
CA TYR A 643 -29.03 16.72 -35.89
C TYR A 643 -29.89 17.67 -36.73
N THR A 644 -30.95 18.17 -36.10
CA THR A 644 -31.76 19.23 -36.65
C THR A 644 -31.51 20.50 -35.84
N LYS A 645 -31.63 21.66 -36.50
CA LYS A 645 -31.30 22.92 -35.85
C LYS A 645 -32.06 23.09 -34.53
N GLU A 646 -33.33 22.69 -34.50
CA GLU A 646 -34.09 22.74 -33.26
C GLU A 646 -33.57 21.73 -32.24
N GLN A 647 -32.91 20.67 -32.68
CA GLN A 647 -32.30 19.74 -31.74
C GLN A 647 -30.92 20.18 -31.27
N VAL A 648 -30.26 21.09 -31.98
CA VAL A 648 -28.96 21.59 -31.54
C VAL A 648 -29.13 22.63 -30.45
N ILE A 649 -30.14 23.50 -30.59
CA ILE A 649 -30.40 24.50 -29.54
C ILE A 649 -30.85 23.81 -28.27
N ASN A 650 -31.56 22.69 -28.37
CA ASN A 650 -31.97 21.95 -27.18
C ASN A 650 -30.85 21.13 -26.59
N ASP A 651 -29.68 21.08 -27.23
CA ASP A 651 -28.51 20.42 -26.68
C ASP A 651 -27.58 21.36 -25.94
N VAL A 652 -27.51 22.63 -26.36
CA VAL A 652 -26.72 23.61 -25.63
C VAL A 652 -27.42 24.07 -24.35
N LEU A 653 -28.73 23.82 -24.24
CA LEU A 653 -29.48 24.28 -23.08
C LEU A 653 -29.34 23.31 -21.90
N ASP A 654 -29.47 22.01 -22.17
CA ASP A 654 -29.34 21.04 -21.08
C ASP A 654 -27.90 20.71 -20.75
N GLN A 655 -26.94 21.24 -21.50
CA GLN A 655 -25.55 21.26 -21.05
C GLN A 655 -25.26 22.48 -20.19
N TYR A 656 -26.04 23.55 -20.37
CA TYR A 656 -25.92 24.73 -19.52
C TYR A 656 -26.60 24.51 -18.17
N GLU A 657 -27.77 23.89 -18.17
CA GLU A 657 -28.44 23.57 -16.92
C GLU A 657 -27.66 22.54 -16.10
N ARG A 658 -26.96 21.64 -16.78
CA ARG A 658 -26.07 20.71 -16.08
C ARG A 658 -24.88 21.44 -15.48
N HIS A 659 -24.50 22.59 -16.06
CA HIS A 659 -23.39 23.36 -15.54
C HIS A 659 -23.78 24.10 -14.26
N MET A 660 -25.00 24.63 -14.22
CA MET A 660 -25.44 25.38 -13.06
C MET A 660 -25.63 24.52 -11.82
N GLN A 661 -25.93 23.23 -11.99
CA GLN A 661 -25.97 22.33 -10.84
C GLN A 661 -24.58 21.99 -10.34
N PHE A 662 -23.58 21.99 -11.24
CA PHE A 662 -22.21 21.79 -10.81
C PHE A 662 -21.73 22.94 -9.94
N LEU A 663 -22.03 24.18 -10.36
CA LEU A 663 -21.59 25.35 -9.60
C LEU A 663 -22.25 25.45 -8.24
N HIS A 664 -23.46 24.90 -8.11
CA HIS A 664 -24.17 24.96 -6.83
C HIS A 664 -23.56 24.02 -5.80
N LEU A 665 -22.89 22.96 -6.24
CA LEU A 665 -22.33 21.98 -5.31
C LEU A 665 -20.93 22.31 -4.84
N VAL A 666 -20.13 22.97 -5.68
CA VAL A 666 -18.77 23.30 -5.26
C VAL A 666 -18.78 24.37 -4.19
N ARG A 667 -19.83 25.19 -4.13
CA ARG A 667 -19.94 26.23 -3.12
C ARG A 667 -20.80 25.76 -1.96
N THR B 14 6.84 41.01 -22.99
CA THR B 14 8.26 41.29 -23.26
C THR B 14 9.11 41.13 -22.02
N VAL B 15 10.10 40.26 -22.07
CA VAL B 15 10.88 39.97 -20.88
C VAL B 15 11.85 41.07 -20.51
N ARG B 16 11.83 41.49 -19.27
CA ARG B 16 12.75 42.50 -18.76
C ARG B 16 13.08 42.18 -17.31
N MET B 17 14.02 42.94 -16.78
CA MET B 17 14.49 42.69 -15.42
C MET B 17 13.40 42.96 -14.40
N ASN B 18 13.47 42.24 -13.28
CA ASN B 18 12.56 42.37 -12.16
C ASN B 18 13.36 42.94 -11.01
N ALA B 19 13.36 44.27 -10.89
CA ALA B 19 14.31 44.94 -10.01
C ALA B 19 14.24 44.52 -8.54
N PRO B 20 13.07 44.36 -7.91
CA PRO B 20 13.06 43.99 -6.48
C PRO B 20 13.67 42.63 -6.18
N VAL B 21 13.96 41.81 -7.18
CA VAL B 21 14.66 40.54 -6.98
C VAL B 21 16.13 40.65 -7.35
N PHE B 22 16.40 41.28 -8.49
CA PHE B 22 17.78 41.48 -8.92
C PHE B 22 18.58 42.26 -7.88
N TYR B 23 18.04 43.38 -7.40
CA TYR B 23 18.78 44.20 -6.47
C TYR B 23 18.85 43.58 -5.08
N PHE B 24 17.92 42.70 -4.74
CA PHE B 24 17.98 42.03 -3.45
C PHE B 24 18.99 40.89 -3.46
N ALA B 25 19.18 40.22 -4.60
CA ALA B 25 20.13 39.12 -4.66
C ALA B 25 21.55 39.59 -4.94
N ALA B 26 21.74 40.43 -5.97
CA ALA B 26 23.07 40.88 -6.32
C ALA B 26 23.76 41.63 -5.19
N SER B 27 23.00 42.43 -4.44
CA SER B 27 23.59 43.17 -3.32
C SER B 27 24.07 42.24 -2.23
N PHE B 28 23.32 41.18 -1.93
CA PHE B 28 23.79 40.21 -0.95
C PHE B 28 25.02 39.47 -1.45
N ILE B 29 25.09 39.18 -2.75
CA ILE B 29 26.20 38.39 -3.26
C ILE B 29 27.49 39.21 -3.28
N LEU B 30 27.42 40.45 -3.74
CA LEU B 30 28.61 41.23 -4.05
C LEU B 30 29.47 41.52 -2.83
N ILE B 31 28.91 42.04 -1.75
CA ILE B 31 29.73 42.40 -0.59
C ILE B 31 30.28 41.17 0.11
N PHE B 32 29.52 40.06 0.14
CA PHE B 32 30.08 38.81 0.67
C PHE B 32 31.31 38.41 -0.12
N GLY B 33 31.19 38.37 -1.45
CA GLY B 33 32.35 38.07 -2.27
C GLY B 33 33.52 38.99 -1.99
N ILE B 34 33.25 40.29 -1.91
CA ILE B 34 34.32 41.27 -1.76
C ILE B 34 35.03 41.12 -0.42
N ILE B 35 34.26 41.02 0.67
CA ILE B 35 34.90 40.93 1.98
C ILE B 35 35.48 39.56 2.27
N VAL B 36 35.12 38.54 1.49
CA VAL B 36 35.88 37.29 1.58
C VAL B 36 37.16 37.38 0.75
N ILE B 37 37.15 38.12 -0.35
CA ILE B 37 38.38 38.36 -1.11
C ILE B 37 39.38 39.21 -0.32
N ALA B 38 38.91 40.15 0.48
CA ALA B 38 39.81 41.09 1.14
C ALA B 38 40.51 40.50 2.36
N PHE B 39 39.80 39.69 3.16
CA PHE B 39 40.34 39.18 4.43
C PHE B 39 40.27 37.66 4.45
N PRO B 40 41.24 36.98 3.83
CA PRO B 40 41.17 35.51 3.79
C PRO B 40 41.48 34.83 5.11
N GLN B 41 42.48 35.31 5.86
CA GLN B 41 42.85 34.64 7.10
C GLN B 41 41.71 34.65 8.12
N ALA B 42 41.01 35.77 8.25
CA ALA B 42 39.94 35.86 9.23
C ALA B 42 38.72 35.05 8.80
N SER B 43 38.40 35.06 7.50
CA SER B 43 37.22 34.32 7.03
C SER B 43 37.43 32.82 7.08
N GLY B 44 38.65 32.37 6.74
CA GLY B 44 38.93 30.94 6.84
C GLY B 44 38.79 30.42 8.25
N ALA B 45 39.11 31.24 9.24
CA ALA B 45 38.95 30.85 10.64
C ALA B 45 37.51 31.00 11.11
N TRP B 46 36.78 31.97 10.57
CA TRP B 46 35.39 32.15 10.95
C TRP B 46 34.48 31.07 10.38
N LEU B 47 34.85 30.44 9.26
CA LEU B 47 33.99 29.44 8.66
C LEU B 47 34.06 28.10 9.39
N LEU B 48 35.25 27.75 9.88
CA LEU B 48 35.39 26.48 10.61
C LEU B 48 34.70 26.51 11.96
N ALA B 49 34.46 27.69 12.52
CA ALA B 49 33.66 27.78 13.73
C ALA B 49 32.18 27.55 13.42
N ALA B 50 31.68 28.17 12.35
CA ALA B 50 30.29 28.02 11.97
C ALA B 50 29.97 26.58 11.57
N GLN B 51 30.91 25.89 10.94
CA GLN B 51 30.66 24.50 10.57
C GLN B 51 30.46 23.64 11.82
N ASN B 52 31.36 23.77 12.80
CA ASN B 52 31.24 22.99 14.02
C ASN B 52 29.99 23.35 14.80
N TRP B 53 29.62 24.64 14.81
CA TRP B 53 28.40 25.04 15.50
C TRP B 53 27.17 24.41 14.85
N ALA B 54 27.06 24.53 13.53
CA ALA B 54 25.87 24.03 12.84
C ALA B 54 25.75 22.52 12.97
N ALA B 55 26.85 21.79 12.77
CA ALA B 55 26.83 20.34 12.84
C ALA B 55 26.16 19.84 14.12
N ASN B 56 26.42 20.51 15.24
CA ASN B 56 25.90 20.09 16.54
C ASN B 56 24.52 20.68 16.84
N THR B 57 24.25 21.91 16.40
CA THR B 57 23.02 22.55 16.81
C THR B 57 21.84 22.24 15.90
N VAL B 58 22.04 22.17 14.58
CA VAL B 58 20.91 21.97 13.68
C VAL B 58 21.06 20.67 12.90
N GLY B 59 21.68 19.66 13.50
CA GLY B 59 21.82 18.39 12.85
C GLY B 59 20.55 17.58 12.77
N TRP B 60 19.75 17.60 13.84
CA TRP B 60 18.50 16.86 13.88
C TRP B 60 17.46 17.44 12.94
N TYR B 61 17.51 18.75 12.71
CA TYR B 61 16.50 19.42 11.89
C TYR B 61 16.60 18.99 10.43
N TYR B 62 17.82 18.93 9.89
CA TYR B 62 18.01 18.47 8.52
C TYR B 62 17.53 17.04 8.35
N MET B 63 17.88 16.16 9.29
CA MET B 63 17.47 14.77 9.20
C MET B 63 15.96 14.64 9.27
N MET B 64 15.28 15.49 10.04
CA MET B 64 13.83 15.41 10.09
C MET B 64 13.20 15.91 8.81
N VAL B 65 13.64 17.06 8.30
CA VAL B 65 12.97 17.62 7.13
C VAL B 65 13.29 16.87 5.85
N MET B 66 14.40 16.13 5.78
CA MET B 66 14.75 15.48 4.52
C MET B 66 13.89 14.25 4.21
N THR B 67 13.26 13.65 5.21
CA THR B 67 12.42 12.48 4.99
C THR B 67 10.97 12.83 4.66
N LEU B 68 10.52 14.00 5.09
CA LEU B 68 9.17 14.45 4.80
C LEU B 68 8.93 14.57 3.31
N TYR B 69 9.89 15.14 2.57
CA TYR B 69 9.72 15.30 1.13
C TYR B 69 9.55 13.95 0.44
N LEU B 70 10.39 12.99 0.79
CA LEU B 70 10.35 11.68 0.16
C LEU B 70 9.03 10.97 0.46
N VAL B 71 8.62 10.96 1.74
CA VAL B 71 7.37 10.32 2.10
C VAL B 71 6.20 10.98 1.39
N PHE B 72 6.21 12.32 1.31
CA PHE B 72 5.14 13.04 0.64
C PHE B 72 5.03 12.63 -0.82
N VAL B 73 6.13 12.64 -1.56
CA VAL B 73 6.03 12.36 -2.99
C VAL B 73 5.65 10.90 -3.24
N VAL B 74 6.16 9.97 -2.43
CA VAL B 74 5.82 8.57 -2.65
C VAL B 74 4.34 8.33 -2.36
N VAL B 75 3.84 8.83 -1.23
CA VAL B 75 2.44 8.63 -0.90
C VAL B 75 1.54 9.31 -1.92
N THR B 76 1.94 10.47 -2.45
CA THR B 76 1.12 11.12 -3.45
C THR B 76 1.07 10.33 -4.75
N ALA B 77 2.21 9.78 -5.19
CA ALA B 77 2.21 9.02 -6.43
C ALA B 77 1.54 7.66 -6.30
N LEU B 78 1.42 7.11 -5.09
CA LEU B 78 0.82 5.79 -4.91
C LEU B 78 -0.69 5.85 -4.64
N SER B 79 -1.31 7.01 -4.75
CA SER B 79 -2.72 7.18 -4.40
C SER B 79 -3.51 7.60 -5.63
N GLY B 80 -4.77 7.97 -5.41
CA GLY B 80 -5.65 8.37 -6.49
C GLY B 80 -5.24 9.67 -7.17
N PHE B 81 -4.45 10.50 -6.52
CA PHE B 81 -3.95 11.72 -7.15
C PHE B 81 -2.90 11.43 -8.21
N GLY B 82 -2.38 10.22 -8.30
CA GLY B 82 -1.37 9.90 -9.28
C GLY B 82 -1.88 9.79 -10.70
N LYS B 83 -3.18 9.96 -10.94
CA LYS B 83 -3.76 9.86 -12.26
C LYS B 83 -4.11 11.23 -12.84
N ILE B 84 -3.62 12.30 -12.22
CA ILE B 84 -3.90 13.65 -12.69
C ILE B 84 -2.86 14.03 -13.73
N LYS B 85 -3.32 14.50 -14.88
CA LYS B 85 -2.42 14.87 -15.98
C LYS B 85 -1.95 16.30 -15.81
N LEU B 86 -0.64 16.51 -16.00
CA LEU B 86 -0.04 17.84 -15.89
C LEU B 86 -0.27 18.58 -17.20
N GLY B 87 -1.46 19.15 -17.32
CA GLY B 87 -1.87 19.86 -18.51
C GLY B 87 -3.35 19.69 -18.73
N ALA B 88 -3.76 19.86 -19.99
CA ALA B 88 -5.13 19.61 -20.39
C ALA B 88 -5.28 18.17 -20.87
N ASP B 89 -6.53 17.70 -20.94
CA ASP B 89 -6.81 16.32 -21.28
C ASP B 89 -6.49 15.99 -22.74
N HIS B 90 -6.28 16.99 -23.59
CA HIS B 90 -5.90 16.75 -24.98
C HIS B 90 -4.43 17.04 -25.24
N ASP B 91 -3.63 17.16 -24.18
CA ASP B 91 -2.20 17.41 -24.31
C ASP B 91 -1.44 16.10 -24.45
N GLU B 92 -0.35 16.14 -25.22
CA GLU B 92 0.47 14.97 -25.46
C GLU B 92 1.95 15.32 -25.23
N PRO B 93 2.76 14.36 -24.81
CA PRO B 93 4.18 14.63 -24.59
C PRO B 93 4.88 14.96 -25.90
N GLU B 94 5.82 15.89 -25.81
CA GLU B 94 6.56 16.36 -26.98
C GLU B 94 7.94 15.72 -27.10
N PHE B 95 8.32 14.84 -26.19
CA PHE B 95 9.60 14.16 -26.24
C PHE B 95 9.38 12.65 -26.08
N SER B 96 10.36 11.88 -26.55
CA SER B 96 10.37 10.44 -26.37
C SER B 96 10.76 10.14 -24.92
N TYR B 97 10.90 8.85 -24.59
CA TYR B 97 11.23 8.50 -23.22
C TYR B 97 12.74 8.54 -22.96
N LEU B 98 13.54 7.98 -23.88
CA LEU B 98 14.98 8.00 -23.69
C LEU B 98 15.54 9.41 -23.81
N SER B 99 15.06 10.19 -24.78
CA SER B 99 15.50 11.58 -24.93
C SER B 99 15.09 12.43 -23.74
N TRP B 100 14.02 12.05 -23.04
CA TRP B 100 13.60 12.75 -21.84
C TRP B 100 14.48 12.37 -20.65
N ALA B 101 14.69 11.07 -20.45
CA ALA B 101 15.50 10.60 -19.32
C ALA B 101 16.95 11.03 -19.46
N GLY B 102 17.47 11.15 -20.68
CA GLY B 102 18.84 11.60 -20.85
C GLY B 102 19.05 13.04 -20.44
N MET B 103 18.13 13.93 -20.86
CA MET B 103 18.19 15.32 -20.41
C MET B 103 17.97 15.40 -18.91
N LEU B 104 17.14 14.52 -18.36
CA LEU B 104 16.92 14.51 -16.91
C LEU B 104 18.19 14.13 -16.16
N PHE B 105 18.93 13.14 -16.67
CA PHE B 105 20.15 12.69 -16.00
C PHE B 105 21.28 13.70 -16.16
N ALA B 106 21.48 14.22 -17.37
CA ALA B 106 22.59 15.14 -17.60
C ALA B 106 22.23 16.58 -17.26
N ALA B 107 21.63 16.76 -16.09
CA ALA B 107 21.40 18.06 -15.48
C ALA B 107 21.84 18.10 -14.03
N GLY B 108 21.65 17.00 -13.29
CA GLY B 108 22.01 16.95 -11.89
C GLY B 108 23.22 16.09 -11.63
N ILE B 109 24.15 16.02 -12.58
CA ILE B 109 25.40 15.29 -12.44
C ILE B 109 26.53 16.16 -12.96
N SER B 110 27.61 16.23 -12.19
CA SER B 110 28.74 17.10 -12.53
C SER B 110 30.02 16.43 -12.05
N ILE B 111 31.11 17.19 -11.96
CA ILE B 111 32.41 16.63 -11.63
C ILE B 111 32.53 16.18 -10.18
N THR B 112 31.54 16.47 -9.34
CA THR B 112 31.60 15.99 -7.97
C THR B 112 31.52 14.47 -7.90
N LEU B 113 30.87 13.84 -8.88
CA LEU B 113 30.89 12.38 -8.99
C LEU B 113 32.32 11.87 -9.12
N PHE B 114 33.09 12.48 -10.02
CA PHE B 114 34.50 12.12 -10.19
C PHE B 114 35.34 12.48 -8.99
N PHE B 115 34.94 13.49 -8.21
CA PHE B 115 35.70 13.84 -7.02
C PHE B 115 35.46 12.88 -5.87
N PHE B 116 34.26 12.31 -5.76
CA PHE B 116 33.89 11.52 -4.60
C PHE B 116 33.77 10.02 -4.86
N CYS B 117 33.95 9.55 -6.10
CA CYS B 117 33.68 8.14 -6.38
C CYS B 117 34.65 7.21 -5.66
N VAL B 118 35.92 7.58 -5.54
CA VAL B 118 36.93 6.67 -5.03
C VAL B 118 37.40 7.04 -3.62
N SER B 119 37.47 8.33 -3.28
CA SER B 119 38.09 8.73 -2.03
C SER B 119 37.17 8.67 -0.83
N GLU B 120 35.85 8.58 -1.03
CA GLU B 120 34.95 8.54 0.12
C GLU B 120 34.85 7.14 0.73
N PRO B 121 34.68 6.07 -0.06
CA PRO B 121 34.71 4.74 0.55
C PRO B 121 36.04 4.39 1.20
N LEU B 122 37.16 4.81 0.62
CA LEU B 122 38.45 4.55 1.25
C LEU B 122 38.60 5.32 2.56
N THR B 123 37.90 6.44 2.72
CA THR B 123 37.91 7.16 3.99
C THR B 123 37.03 6.46 5.01
N HIS B 124 35.84 6.00 4.61
CA HIS B 124 34.98 5.29 5.55
C HIS B 124 35.51 3.93 5.92
N LEU B 125 36.41 3.36 5.12
CA LEU B 125 36.99 2.06 5.46
C LEU B 125 38.06 2.17 6.54
N LEU B 126 38.84 3.25 6.51
CA LEU B 126 39.95 3.41 7.44
C LEU B 126 39.59 4.23 8.67
N GLN B 127 38.60 5.11 8.59
CA GLN B 127 38.16 5.94 9.72
C GLN B 127 36.64 5.84 9.86
N PRO B 128 36.14 4.71 10.36
CA PRO B 128 34.69 4.52 10.45
C PRO B 128 34.09 5.43 11.51
N PRO B 129 32.80 5.77 11.39
CA PRO B 129 32.15 6.51 12.49
C PRO B 129 31.94 5.68 13.74
N GLN B 130 32.06 4.36 13.67
CA GLN B 130 31.93 3.51 14.85
C GLN B 130 32.53 2.15 14.53
N GLY B 131 33.52 1.74 15.31
CA GLY B 131 34.15 0.44 15.14
C GLY B 131 35.64 0.59 14.85
N GLU B 132 36.25 -0.55 14.51
CA GLU B 132 37.66 -0.61 14.17
C GLU B 132 37.81 -0.81 12.67
N GLY B 133 38.64 0.02 12.05
CA GLY B 133 38.72 0.09 10.60
C GLY B 133 39.83 -0.75 10.02
N GLY B 134 39.66 -1.12 8.75
CA GLY B 134 40.57 -2.01 8.07
C GLY B 134 40.06 -3.44 7.94
N THR B 135 38.86 -3.72 8.44
CA THR B 135 38.30 -5.05 8.45
C THR B 135 37.34 -5.24 7.29
N ALA B 136 36.65 -6.37 7.26
CA ALA B 136 35.62 -6.65 6.27
C ALA B 136 34.24 -6.26 6.76
N GLU B 137 34.11 -5.83 8.01
CA GLU B 137 32.87 -5.22 8.47
C GLU B 137 32.85 -3.72 8.19
N ALA B 138 33.99 -3.06 8.29
CA ALA B 138 34.07 -1.66 7.91
C ALA B 138 33.84 -1.48 6.41
N ALA B 139 34.31 -2.43 5.60
CA ALA B 139 34.09 -2.36 4.16
C ALA B 139 32.62 -2.53 3.80
N ARG B 140 31.88 -3.33 4.56
CA ARG B 140 30.47 -3.50 4.30
C ARG B 140 29.64 -2.36 4.87
N GLN B 141 30.11 -1.72 5.94
CA GLN B 141 29.40 -0.60 6.53
C GLN B 141 29.63 0.70 5.77
N GLY B 142 30.82 0.89 5.20
CA GLY B 142 31.11 2.10 4.45
C GLY B 142 30.55 2.14 3.05
N MET B 143 30.03 1.02 2.56
CA MET B 143 29.35 1.01 1.27
C MET B 143 27.85 1.22 1.39
N GLN B 144 27.32 1.23 2.61
CA GLN B 144 25.93 1.66 2.83
C GLN B 144 25.81 3.16 2.97
N LEU B 145 26.83 3.82 3.52
CA LEU B 145 26.81 5.27 3.59
C LEU B 145 26.90 5.88 2.19
N LEU B 146 27.69 5.25 1.31
CA LEU B 146 27.79 5.74 -0.07
C LEU B 146 26.47 5.60 -0.80
N PHE B 147 25.68 4.57 -0.49
CA PHE B 147 24.38 4.39 -1.12
C PHE B 147 23.32 5.30 -0.49
N LEU B 148 23.48 5.64 0.79
CA LEU B 148 22.57 6.57 1.43
C LEU B 148 22.77 7.98 0.91
N HIS B 149 24.02 8.38 0.68
CA HIS B 149 24.31 9.76 0.27
C HIS B 149 23.98 10.04 -1.18
N TRP B 150 23.82 9.01 -2.02
CA TRP B 150 23.59 9.18 -3.45
C TRP B 150 22.36 8.41 -3.92
N GLY B 151 21.36 8.26 -3.06
CA GLY B 151 20.23 7.40 -3.37
C GLY B 151 18.89 8.10 -3.51
N LEU B 152 17.89 7.62 -2.78
CA LEU B 152 16.51 8.08 -2.96
C LEU B 152 16.27 9.45 -2.33
N HIS B 153 16.97 9.77 -1.24
CA HIS B 153 16.75 11.04 -0.57
C HIS B 153 17.09 12.22 -1.47
N GLY B 154 18.15 12.10 -2.26
CA GLY B 154 18.55 13.21 -3.11
C GLY B 154 17.61 13.41 -4.29
N TRP B 155 17.20 12.33 -4.93
CA TRP B 155 16.29 12.40 -6.07
C TRP B 155 14.84 12.60 -5.67
N GLY B 156 14.51 12.48 -4.39
CA GLY B 156 13.14 12.70 -3.96
C GLY B 156 12.74 14.14 -3.76
N VAL B 157 13.71 15.05 -3.67
CA VAL B 157 13.38 16.47 -3.53
C VAL B 157 13.31 17.16 -4.89
N PHE B 158 14.09 16.70 -5.87
CA PHE B 158 13.98 17.19 -7.23
C PHE B 158 12.58 16.91 -7.78
N ALA B 159 12.07 15.70 -7.56
CA ALA B 159 10.73 15.34 -8.01
C ALA B 159 9.68 16.19 -7.33
N PHE B 160 9.85 16.44 -6.03
CA PHE B 160 8.91 17.26 -5.29
C PHE B 160 8.81 18.66 -5.88
N VAL B 161 9.96 19.31 -6.09
CA VAL B 161 9.93 20.68 -6.59
C VAL B 161 9.41 20.72 -8.03
N GLY B 162 9.81 19.76 -8.87
CA GLY B 162 9.32 19.76 -10.23
C GLY B 162 7.82 19.55 -10.33
N MET B 163 7.29 18.61 -9.55
CA MET B 163 5.85 18.33 -9.57
C MET B 163 5.05 19.46 -8.93
N ALA B 164 5.63 20.18 -7.99
CA ALA B 164 4.93 21.34 -7.43
C ALA B 164 4.93 22.51 -8.40
N LEU B 165 5.97 22.66 -9.22
CA LEU B 165 5.98 23.78 -10.17
C LEU B 165 5.15 23.50 -11.41
N ALA B 166 5.09 22.25 -11.87
CA ALA B 166 4.36 21.97 -13.11
C ALA B 166 2.86 22.07 -12.91
N TYR B 167 2.37 21.66 -11.73
CA TYR B 167 0.93 21.63 -11.47
C TYR B 167 0.33 23.03 -11.56
N PHE B 168 0.84 23.96 -10.76
CA PHE B 168 0.28 25.31 -10.71
C PHE B 168 0.44 26.06 -12.02
N ALA B 169 1.39 25.66 -12.88
CA ALA B 169 1.63 26.39 -14.10
C ALA B 169 0.87 25.82 -15.29
N TYR B 170 0.59 24.52 -15.31
CA TYR B 170 -0.10 23.93 -16.44
C TYR B 170 -1.56 23.63 -16.17
N ARG B 171 -2.01 23.68 -14.92
CA ARG B 171 -3.42 23.48 -14.63
C ARG B 171 -4.12 24.71 -14.10
N HIS B 172 -3.39 25.79 -13.82
CA HIS B 172 -3.99 27.01 -13.32
C HIS B 172 -3.55 28.26 -14.07
N ASN B 173 -2.62 28.12 -15.03
CA ASN B 173 -2.19 29.22 -15.87
C ASN B 173 -1.57 30.35 -15.05
N LEU B 174 -0.76 29.97 -14.07
CA LEU B 174 0.07 30.87 -13.29
C LEU B 174 1.49 30.87 -13.84
N PRO B 175 2.29 31.89 -13.54
CA PRO B 175 3.67 31.90 -14.06
C PRO B 175 4.48 30.73 -13.52
N LEU B 176 5.60 30.45 -14.19
CA LEU B 176 6.49 29.36 -13.82
C LEU B 176 7.58 29.93 -12.93
N ALA B 177 7.26 30.08 -11.66
CA ALA B 177 8.16 30.66 -10.67
C ALA B 177 7.97 29.95 -9.35
N LEU B 178 8.79 30.32 -8.36
CA LEU B 178 8.75 29.64 -7.07
C LEU B 178 7.61 30.14 -6.19
N ARG B 179 7.20 31.39 -6.36
CA ARG B 179 6.18 31.99 -5.50
C ARG B 179 4.78 31.55 -5.83
N SER B 180 4.57 30.81 -6.92
CA SER B 180 3.21 30.42 -7.31
C SER B 180 2.61 29.39 -6.38
N ALA B 181 3.44 28.55 -5.75
CA ALA B 181 2.92 27.54 -4.84
C ALA B 181 2.36 28.14 -3.56
N LEU B 182 2.57 29.44 -3.32
CA LEU B 182 2.01 30.14 -2.19
C LEU B 182 0.72 30.86 -2.53
N TYR B 183 0.04 30.44 -3.59
CA TYR B 183 -1.20 31.07 -4.03
C TYR B 183 -2.38 30.62 -3.18
N PRO B 184 -2.57 29.31 -2.92
CA PRO B 184 -3.70 28.90 -2.05
C PRO B 184 -3.62 29.44 -0.64
N LEU B 185 -2.52 30.05 -0.23
CA LEU B 185 -2.38 30.58 1.12
C LEU B 185 -2.64 32.08 1.19
N ILE B 186 -1.98 32.86 0.34
CA ILE B 186 -2.06 34.32 0.44
C ILE B 186 -2.70 34.94 -0.79
N GLY B 187 -3.41 34.16 -1.59
CA GLY B 187 -4.12 34.75 -2.71
C GLY B 187 -3.16 35.36 -3.72
N LYS B 188 -3.58 36.47 -4.33
CA LYS B 188 -2.75 37.17 -5.30
C LYS B 188 -1.90 38.27 -4.67
N ARG B 189 -1.65 38.17 -3.36
CA ARG B 189 -0.59 38.95 -2.75
C ARG B 189 0.80 38.43 -3.10
N ILE B 190 0.89 37.39 -3.92
CA ILE B 190 2.17 36.85 -4.34
C ILE B 190 2.90 37.77 -5.30
N ASN B 191 2.24 38.82 -5.78
CA ASN B 191 2.88 39.82 -6.62
C ASN B 191 3.33 41.04 -5.82
N GLY B 192 3.49 40.89 -4.51
CA GLY B 192 3.91 41.97 -3.65
C GLY B 192 5.21 41.66 -2.94
N PRO B 193 5.37 42.18 -1.72
CA PRO B 193 6.64 41.99 -0.99
C PRO B 193 6.83 40.61 -0.39
N ILE B 194 5.81 39.74 -0.41
CA ILE B 194 5.97 38.41 0.15
C ILE B 194 6.46 37.39 -0.88
N GLY B 195 6.24 37.64 -2.16
CA GLY B 195 6.76 36.76 -3.19
C GLY B 195 8.17 37.14 -3.59
N TYR B 196 8.50 38.42 -3.44
CA TYR B 196 9.82 38.92 -3.80
C TYR B 196 10.90 38.45 -2.83
N ALA B 197 10.52 37.96 -1.65
CA ALA B 197 11.49 37.35 -0.75
C ALA B 197 11.62 35.85 -0.98
N VAL B 198 10.50 35.19 -1.29
CA VAL B 198 10.55 33.76 -1.62
C VAL B 198 11.38 33.54 -2.88
N ASP B 199 11.15 34.35 -3.92
CA ASP B 199 11.93 34.22 -5.14
C ASP B 199 13.35 34.72 -4.99
N GLY B 200 13.66 35.45 -3.91
CA GLY B 200 15.00 35.98 -3.71
C GLY B 200 15.88 35.07 -2.89
N PHE B 201 15.31 34.39 -1.89
CA PHE B 201 16.06 33.42 -1.12
C PHE B 201 16.39 32.15 -1.90
N GLY B 202 15.85 31.99 -3.11
CA GLY B 202 16.12 30.85 -3.95
C GLY B 202 17.17 31.07 -5.01
N ILE B 203 17.65 32.30 -5.17
CA ILE B 203 18.80 32.55 -6.02
C ILE B 203 20.10 32.43 -5.24
N ILE B 204 20.10 32.77 -3.96
CA ILE B 204 21.30 32.70 -3.14
C ILE B 204 21.73 31.25 -2.95
N ALA B 205 20.77 30.38 -2.61
CA ALA B 205 21.07 28.96 -2.46
C ALA B 205 21.65 28.38 -3.75
N THR B 206 21.05 28.73 -4.88
CA THR B 206 21.52 28.20 -6.16
C THR B 206 22.91 28.71 -6.50
N ILE B 207 23.18 30.00 -6.25
CA ILE B 207 24.50 30.55 -6.54
C ILE B 207 25.56 29.86 -5.70
N PHE B 208 25.29 29.62 -4.42
CA PHE B 208 26.30 28.99 -3.57
C PHE B 208 26.49 27.52 -3.92
N GLY B 209 25.41 26.80 -4.18
CA GLY B 209 25.52 25.41 -4.59
C GLY B 209 26.17 25.22 -5.95
N LEU B 210 26.11 26.23 -6.81
CA LEU B 210 26.77 26.16 -8.10
C LEU B 210 28.22 26.60 -8.04
N GLY B 211 28.55 27.55 -7.15
CA GLY B 211 29.94 27.96 -6.99
C GLY B 211 30.77 27.02 -6.16
N ALA B 212 30.13 26.19 -5.33
CA ALA B 212 30.86 25.13 -4.64
C ALA B 212 31.18 23.95 -5.55
N ASP B 213 30.57 23.88 -6.73
CA ASP B 213 30.80 22.78 -7.67
C ASP B 213 31.94 23.06 -8.64
N MET B 214 32.22 24.33 -8.92
CA MET B 214 33.38 24.66 -9.75
C MET B 214 34.68 24.50 -8.97
N GLY B 215 34.65 24.68 -7.66
CA GLY B 215 35.83 24.46 -6.85
C GLY B 215 36.21 23.00 -6.73
N PHE B 216 35.23 22.12 -6.72
CA PHE B 216 35.51 20.69 -6.72
C PHE B 216 36.01 20.20 -8.08
N GLY B 217 35.81 20.98 -9.13
CA GLY B 217 36.29 20.60 -10.45
C GLY B 217 37.66 21.16 -10.76
N VAL B 218 37.94 22.35 -10.22
CA VAL B 218 39.26 22.96 -10.44
C VAL B 218 40.36 22.08 -9.87
N LEU B 219 40.14 21.52 -8.67
CA LEU B 219 41.14 20.67 -8.05
C LEU B 219 41.32 19.36 -8.82
N HIS B 220 40.22 18.74 -9.22
CA HIS B 220 40.27 17.54 -10.04
C HIS B 220 41.09 17.76 -11.31
N LEU B 221 40.82 18.86 -12.03
CA LEU B 221 41.53 19.11 -13.27
C LEU B 221 43.00 19.44 -13.03
N ASN B 222 43.29 20.18 -11.95
CA ASN B 222 44.68 20.50 -11.64
C ASN B 222 45.48 19.24 -11.37
N SER B 223 44.92 18.30 -10.59
CA SER B 223 45.61 17.04 -10.35
C SER B 223 45.75 16.23 -11.63
N GLY B 224 44.72 16.24 -12.48
CA GLY B 224 44.80 15.48 -13.71
C GLY B 224 45.87 15.98 -14.65
N LEU B 225 46.08 17.29 -14.68
CA LEU B 225 47.16 17.83 -15.51
C LEU B 225 48.53 17.67 -14.87
N ASP B 226 48.59 17.74 -13.54
CA ASP B 226 49.84 17.53 -12.83
C ASP B 226 50.33 16.09 -12.95
N TYR B 227 49.41 15.14 -13.14
CA TYR B 227 49.82 13.75 -13.35
C TYR B 227 50.48 13.57 -14.70
N LEU B 228 49.87 14.10 -15.76
CA LEU B 228 50.41 13.92 -17.10
C LEU B 228 51.66 14.77 -17.33
N PHE B 229 51.52 16.09 -17.23
CA PHE B 229 52.62 17.01 -17.43
C PHE B 229 53.19 17.41 -16.08
N GLY B 230 54.07 18.42 -16.08
CA GLY B 230 54.66 18.86 -14.83
C GLY B 230 54.08 20.15 -14.29
N VAL B 231 52.76 20.28 -14.34
CA VAL B 231 52.10 21.52 -13.92
C VAL B 231 51.98 21.54 -12.41
N PRO B 232 52.45 22.59 -11.73
CA PRO B 232 52.38 22.64 -10.26
C PRO B 232 50.97 22.94 -9.75
N HIS B 233 50.83 23.12 -8.45
CA HIS B 233 49.56 23.39 -7.79
C HIS B 233 49.47 24.84 -7.30
N THR B 234 50.03 25.79 -8.06
CA THR B 234 50.12 27.16 -7.60
C THR B 234 48.76 27.84 -7.73
N GLN B 235 48.73 29.16 -7.52
CA GLN B 235 47.48 29.90 -7.45
C GLN B 235 47.07 30.53 -8.77
N TRP B 236 48.02 31.05 -9.55
CA TRP B 236 47.68 31.58 -10.86
C TRP B 236 47.19 30.49 -11.79
N ILE B 237 47.62 29.24 -11.57
CA ILE B 237 47.12 28.13 -12.37
C ILE B 237 45.62 27.97 -12.17
N GLN B 238 45.18 27.98 -10.91
CA GLN B 238 43.75 27.85 -10.63
C GLN B 238 42.98 29.09 -11.09
N VAL B 239 43.59 30.28 -10.95
CA VAL B 239 42.93 31.49 -11.42
C VAL B 239 42.71 31.44 -12.93
N GLY B 240 43.69 30.98 -13.68
CA GLY B 240 43.53 30.85 -15.12
C GLY B 240 42.72 29.66 -15.55
N LEU B 241 42.52 28.68 -14.67
CA LEU B 241 41.69 27.53 -14.99
C LEU B 241 40.21 27.82 -14.79
N ILE B 242 39.87 28.63 -13.78
CA ILE B 242 38.48 29.04 -13.61
C ILE B 242 37.99 29.81 -14.84
N THR B 243 38.87 30.66 -15.39
CA THR B 243 38.51 31.44 -16.57
C THR B 243 38.15 30.53 -17.74
N LEU B 244 38.93 29.48 -17.96
CA LEU B 244 38.64 28.55 -19.05
C LEU B 244 37.39 27.75 -18.77
N MET B 245 37.16 27.37 -17.50
CA MET B 245 35.97 26.60 -17.19
C MET B 245 34.69 27.42 -17.35
N MET B 246 34.77 28.73 -17.16
CA MET B 246 33.58 29.57 -17.24
C MET B 246 33.35 30.21 -18.60
N GLY B 247 34.42 30.54 -19.33
CA GLY B 247 34.26 31.10 -20.67
C GLY B 247 33.68 30.12 -21.67
N ALA B 248 33.82 28.83 -21.44
CA ALA B 248 33.17 27.85 -22.30
C ALA B 248 31.71 27.67 -21.98
N ALA B 249 31.29 28.02 -20.75
CA ALA B 249 29.90 27.91 -20.36
C ALA B 249 29.10 29.17 -20.63
N ILE B 250 29.76 30.32 -20.71
CA ILE B 250 29.05 31.55 -21.04
C ILE B 250 28.83 31.66 -22.55
N LEU B 251 29.83 31.30 -23.35
CA LEU B 251 29.75 31.38 -24.80
C LEU B 251 28.81 30.35 -25.40
N VAL B 252 28.49 29.28 -24.68
CA VAL B 252 27.46 28.36 -25.15
C VAL B 252 26.07 28.88 -24.78
N ALA B 253 25.95 29.60 -23.66
CA ALA B 253 24.66 30.14 -23.26
C ALA B 253 24.26 31.35 -24.12
N ILE B 254 25.22 32.15 -24.57
CA ILE B 254 24.89 33.36 -25.31
C ILE B 254 25.05 33.16 -26.82
N ALA B 255 25.07 31.91 -27.30
CA ALA B 255 25.20 31.67 -28.73
C ALA B 255 24.25 30.64 -29.31
N GLY B 256 23.47 29.95 -28.49
CA GLY B 256 22.55 28.95 -29.00
C GLY B 256 22.10 28.02 -27.90
N VAL B 257 21.14 27.16 -28.26
CA VAL B 257 20.51 26.27 -27.29
C VAL B 257 20.74 24.82 -27.68
N ASP B 258 20.27 24.43 -28.86
CA ASP B 258 20.52 23.09 -29.36
C ASP B 258 21.94 23.02 -29.94
N LYS B 259 22.35 21.82 -30.33
CA LYS B 259 23.78 21.46 -30.33
C LYS B 259 24.36 21.88 -28.98
N GLY B 260 23.83 21.25 -27.95
CA GLY B 260 23.82 21.83 -26.63
C GLY B 260 22.77 21.13 -25.78
N VAL B 261 21.84 21.88 -25.18
CA VAL B 261 20.94 21.37 -24.16
C VAL B 261 20.35 19.99 -24.51
N ARG B 262 20.06 19.76 -25.79
CA ARG B 262 19.43 18.50 -26.19
C ARG B 262 20.36 17.53 -26.91
N VAL B 263 21.50 18.00 -27.43
CA VAL B 263 22.42 17.12 -28.13
C VAL B 263 23.52 16.60 -27.22
N MET B 264 24.05 17.47 -26.35
CA MET B 264 25.04 17.06 -25.37
C MET B 264 24.50 16.00 -24.43
N SER B 265 23.21 16.05 -24.13
CA SER B 265 22.59 15.06 -23.25
C SER B 265 22.71 13.66 -23.84
N ASP B 266 22.76 13.55 -25.16
CA ASP B 266 22.98 12.26 -25.81
C ASP B 266 24.45 11.99 -26.08
N ILE B 267 25.26 13.05 -26.25
CA ILE B 267 26.68 12.85 -26.50
C ILE B 267 27.38 12.30 -25.27
N ASN B 268 27.12 12.88 -24.10
CA ASN B 268 27.87 12.49 -22.91
C ASN B 268 27.35 11.18 -22.29
N MET B 269 26.07 10.88 -22.49
CA MET B 269 25.51 9.62 -22.00
C MET B 269 26.15 8.42 -22.68
N LEU B 270 26.69 8.58 -23.88
CA LEU B 270 27.42 7.51 -24.54
C LEU B 270 28.90 7.52 -24.23
N LEU B 271 29.43 8.64 -23.74
CA LEU B 271 30.81 8.65 -23.25
C LEU B 271 30.92 7.97 -21.90
N ALA B 272 29.91 8.11 -21.06
CA ALA B 272 29.99 7.54 -19.71
C ALA B 272 29.91 6.02 -19.74
N CYS B 273 29.03 5.47 -20.57
CA CYS B 273 28.79 4.02 -20.56
C CYS B 273 30.01 3.24 -21.02
N ALA B 274 30.74 3.77 -22.01
CA ALA B 274 31.93 3.09 -22.48
C ALA B 274 32.99 2.98 -21.39
N LEU B 275 33.18 4.05 -20.62
CA LEU B 275 34.15 4.01 -19.54
C LEU B 275 33.71 3.06 -18.43
N LEU B 276 32.43 3.08 -18.09
CA LEU B 276 31.93 2.15 -17.08
C LEU B 276 32.14 0.70 -17.51
N LEU B 277 31.85 0.39 -18.78
CA LEU B 277 32.00 -0.98 -19.26
C LEU B 277 33.47 -1.38 -19.33
N PHE B 278 34.35 -0.45 -19.69
CA PHE B 278 35.78 -0.74 -19.68
C PHE B 278 36.25 -1.09 -18.27
N VAL B 279 35.86 -0.28 -17.29
CA VAL B 279 36.27 -0.54 -15.91
C VAL B 279 35.70 -1.86 -15.41
N LEU B 280 34.49 -2.22 -15.86
CA LEU B 280 33.90 -3.47 -15.41
C LEU B 280 34.58 -4.69 -16.03
N PHE B 281 34.87 -4.64 -17.33
CA PHE B 281 35.38 -5.81 -18.02
C PHE B 281 36.90 -5.92 -18.03
N ALA B 282 37.62 -4.89 -17.57
CA ALA B 282 39.08 -4.96 -17.45
C ALA B 282 39.53 -5.25 -16.02
N GLY B 283 38.61 -5.52 -15.10
CA GLY B 283 38.96 -5.87 -13.75
C GLY B 283 38.37 -7.20 -13.34
N PRO B 284 38.21 -7.42 -12.04
CA PRO B 284 37.60 -8.68 -11.52
C PRO B 284 36.07 -8.71 -11.67
N THR B 285 35.61 -9.13 -12.84
CA THR B 285 34.20 -9.00 -13.21
C THR B 285 33.29 -9.75 -12.25
N GLN B 286 33.70 -10.96 -11.84
CA GLN B 286 32.83 -11.80 -11.02
C GLN B 286 32.61 -11.20 -9.63
N HIS B 287 33.69 -10.80 -8.97
CA HIS B 287 33.60 -10.14 -7.68
C HIS B 287 32.69 -8.92 -7.74
N LEU B 288 32.81 -8.12 -8.80
CA LEU B 288 32.01 -6.91 -8.93
C LEU B 288 30.54 -7.24 -9.12
N LEU B 289 30.25 -8.25 -9.94
CA LEU B 289 28.85 -8.65 -10.13
C LEU B 289 28.22 -9.18 -8.85
N ASN B 290 29.01 -9.82 -7.99
CA ASN B 290 28.46 -10.28 -6.71
C ASN B 290 28.22 -9.13 -5.73
N THR B 291 29.21 -8.24 -5.59
CA THR B 291 29.05 -7.16 -4.62
C THR B 291 27.99 -6.15 -5.03
N LEU B 292 27.76 -5.99 -6.34
CA LEU B 292 26.69 -5.12 -6.79
C LEU B 292 25.34 -5.57 -6.25
N VAL B 293 25.09 -6.89 -6.26
CA VAL B 293 23.84 -7.42 -5.76
C VAL B 293 23.80 -7.43 -4.24
N GLN B 294 24.94 -7.61 -3.59
CA GLN B 294 24.97 -7.52 -2.12
C GLN B 294 24.58 -6.12 -1.63
N ASN B 295 25.10 -5.08 -2.29
CA ASN B 295 24.90 -3.71 -1.82
C ASN B 295 23.44 -3.29 -1.88
N ILE B 296 22.71 -3.74 -2.90
CA ILE B 296 21.30 -3.38 -3.04
C ILE B 296 20.49 -3.91 -1.86
N GLY B 297 20.73 -5.18 -1.50
CA GLY B 297 20.03 -5.75 -0.37
C GLY B 297 20.38 -5.07 0.93
N ASP B 298 21.67 -4.77 1.14
CA ASP B 298 22.07 -4.04 2.35
C ASP B 298 21.33 -2.71 2.46
N TYR B 299 21.30 -1.95 1.36
CA TYR B 299 20.65 -0.64 1.37
C TYR B 299 19.16 -0.75 1.66
N LEU B 300 18.47 -1.64 0.94
CA LEU B 300 17.03 -1.77 1.14
C LEU B 300 16.69 -2.28 2.53
N GLY B 301 17.58 -3.05 3.15
CA GLY B 301 17.31 -3.51 4.50
C GLY B 301 17.55 -2.44 5.54
N ALA B 302 18.55 -1.59 5.33
CA ALA B 302 18.92 -0.60 6.34
C ALA B 302 18.19 0.74 6.18
N LEU B 303 17.50 0.96 5.07
CA LEU B 303 16.91 2.28 4.79
C LEU B 303 16.04 2.86 5.91
N PRO B 304 15.07 2.14 6.49
CA PRO B 304 14.13 2.82 7.40
C PRO B 304 14.73 3.29 8.71
N SER B 305 15.81 2.66 9.19
CA SER B 305 16.41 3.07 10.45
C SER B 305 17.64 3.95 10.28
N LYS B 306 18.24 3.98 9.09
CA LYS B 306 19.42 4.79 8.83
C LYS B 306 19.08 6.24 8.52
N SER B 307 17.80 6.55 8.29
CA SER B 307 17.39 7.92 7.97
C SER B 307 17.41 8.83 9.19
N PHE B 308 17.47 8.29 10.40
CA PHE B 308 17.39 9.08 11.62
C PHE B 308 18.63 8.91 12.50
N ASP B 309 19.73 8.40 11.95
CA ASP B 309 20.90 8.08 12.76
C ASP B 309 21.77 9.31 12.91
N VAL B 310 21.96 9.75 14.16
CA VAL B 310 22.82 10.88 14.49
C VAL B 310 23.92 10.50 15.45
N TYR B 311 24.06 9.22 15.80
CA TYR B 311 25.10 8.73 16.70
C TYR B 311 25.04 9.44 18.05
N ALA B 312 23.88 9.35 18.69
CA ALA B 312 23.60 10.13 19.88
C ALA B 312 24.10 9.49 21.16
N TYR B 313 24.47 8.21 21.14
CA TYR B 313 24.93 7.51 22.33
C TYR B 313 26.44 7.26 22.30
N ASN B 314 27.14 7.81 21.31
CA ASN B 314 28.60 7.70 21.22
C ASN B 314 29.25 8.95 21.79
N LYS B 315 30.57 8.89 21.89
CA LYS B 315 31.32 10.04 22.35
C LYS B 315 31.21 11.17 21.32
N PRO B 316 31.06 12.42 21.76
CA PRO B 316 30.89 13.52 20.80
C PRO B 316 32.03 13.62 19.81
N SER B 317 31.72 14.12 18.62
CA SER B 317 32.67 14.18 17.52
C SER B 317 32.15 15.17 16.49
N ASP B 318 32.88 15.30 15.39
CA ASP B 318 32.53 16.23 14.32
C ASP B 318 32.33 15.52 12.99
N TRP B 319 31.96 14.24 13.04
CA TRP B 319 31.82 13.46 11.81
C TRP B 319 30.57 13.87 11.03
N LEU B 320 29.49 14.20 11.73
CA LEU B 320 28.20 14.39 11.06
C LEU B 320 28.17 15.66 10.23
N GLY B 321 28.92 16.68 10.62
CA GLY B 321 28.89 17.93 9.89
C GLY B 321 29.71 17.98 8.64
N GLY B 322 30.57 17.00 8.42
CA GLY B 322 31.39 16.96 7.22
C GLY B 322 30.89 15.98 6.20
N TRP B 323 30.06 15.03 6.61
CA TRP B 323 29.58 14.00 5.68
C TRP B 323 28.07 14.02 5.47
N THR B 324 27.24 13.84 6.50
CA THR B 324 25.83 13.62 6.24
C THR B 324 25.01 14.91 6.19
N VAL B 325 25.40 15.94 6.92
CA VAL B 325 24.66 17.20 6.87
C VAL B 325 25.05 18.00 5.63
N PHE B 326 26.32 17.91 5.21
CA PHE B 326 26.75 18.57 3.99
C PHE B 326 25.96 18.09 2.78
N TYR B 327 25.66 16.79 2.72
CA TYR B 327 24.99 16.25 1.54
C TYR B 327 23.55 16.69 1.45
N TRP B 328 22.84 16.74 2.57
CA TRP B 328 21.47 17.25 2.52
C TRP B 328 21.45 18.74 2.17
N ALA B 329 22.35 19.53 2.76
CA ALA B 329 22.43 20.94 2.36
C ALA B 329 22.70 21.08 0.87
N TRP B 330 23.56 20.20 0.33
CA TRP B 330 23.89 20.21 -1.08
C TRP B 330 22.68 19.94 -1.97
N TRP B 331 21.94 18.88 -1.68
CA TRP B 331 20.78 18.55 -2.51
C TRP B 331 19.71 19.62 -2.40
N ILE B 332 19.52 20.19 -1.21
CA ILE B 332 18.51 21.24 -1.06
C ILE B 332 18.92 22.49 -1.85
N ALA B 333 20.21 22.81 -1.88
CA ALA B 333 20.66 23.95 -2.66
C ALA B 333 20.58 23.70 -4.15
N TRP B 334 20.64 22.45 -4.60
CA TRP B 334 20.52 22.14 -6.02
C TRP B 334 19.08 21.98 -6.50
N ALA B 335 18.13 21.74 -5.59
CA ALA B 335 16.74 21.49 -5.97
C ALA B 335 16.10 22.60 -6.81
N PRO B 336 16.15 23.88 -6.42
CA PRO B 336 15.37 24.90 -7.16
C PRO B 336 15.80 25.11 -8.60
N PHE B 337 16.89 24.52 -9.05
CA PHE B 337 17.37 24.62 -10.43
C PHE B 337 17.00 23.40 -11.25
N VAL B 338 17.31 22.21 -10.76
CA VAL B 338 16.94 20.99 -11.46
C VAL B 338 15.43 20.85 -11.56
N GLY B 339 14.71 21.24 -10.49
CA GLY B 339 13.26 21.15 -10.52
C GLY B 339 12.65 22.05 -11.59
N LEU B 340 13.11 23.30 -11.64
CA LEU B 340 12.58 24.23 -12.63
C LEU B 340 13.03 23.90 -14.04
N PHE B 341 14.15 23.18 -14.19
CA PHE B 341 14.54 22.75 -15.52
C PHE B 341 13.71 21.56 -16.00
N ILE B 342 13.41 20.61 -15.11
CA ILE B 342 12.64 19.44 -15.53
C ILE B 342 11.14 19.67 -15.54
N ALA B 343 10.66 20.75 -14.94
CA ALA B 343 9.24 21.08 -15.05
C ALA B 343 8.89 21.73 -16.37
N ARG B 344 9.86 21.97 -17.24
CA ARG B 344 9.63 22.59 -18.54
C ARG B 344 9.54 21.60 -19.69
N ILE B 345 9.96 20.37 -19.48
CA ILE B 345 9.96 19.36 -20.54
C ILE B 345 9.00 18.21 -20.21
N SER B 346 8.08 18.43 -19.27
CA SER B 346 7.21 17.37 -18.78
C SER B 346 5.75 17.76 -18.86
N ARG B 347 5.35 18.38 -19.97
CA ARG B 347 3.96 18.75 -20.19
C ARG B 347 3.21 17.60 -20.86
N GLY B 348 2.06 17.25 -20.31
CA GLY B 348 1.26 16.18 -20.87
C GLY B 348 1.46 14.82 -20.27
N ARG B 349 2.03 14.74 -19.07
CA ARG B 349 2.25 13.47 -18.39
C ARG B 349 1.46 13.46 -17.09
N THR B 350 1.25 12.25 -16.57
CA THR B 350 0.59 12.13 -15.28
C THR B 350 1.60 12.23 -14.15
N ILE B 351 1.10 12.34 -12.93
CA ILE B 351 2.00 12.49 -11.78
C ILE B 351 2.75 11.19 -11.51
N ARG B 352 2.08 10.06 -11.68
CA ARG B 352 2.69 8.78 -11.35
C ARG B 352 3.86 8.46 -12.27
N GLU B 353 3.68 8.63 -13.58
CA GLU B 353 4.76 8.35 -14.52
C GLU B 353 5.82 9.43 -14.55
N PHE B 354 5.58 10.57 -13.90
CA PHE B 354 6.63 11.55 -13.68
C PHE B 354 7.49 11.16 -12.49
N VAL B 355 6.86 10.80 -11.37
CA VAL B 355 7.60 10.43 -10.17
C VAL B 355 8.39 9.14 -10.40
N PHE B 356 7.73 8.10 -10.90
CA PHE B 356 8.40 6.83 -11.15
C PHE B 356 9.33 6.88 -12.34
N GLY B 357 9.38 7.99 -13.07
CA GLY B 357 10.33 8.14 -14.15
C GLY B 357 11.55 8.90 -13.67
N VAL B 358 11.35 9.81 -12.73
CA VAL B 358 12.49 10.48 -12.10
C VAL B 358 13.21 9.55 -11.12
N LEU B 359 12.50 8.61 -10.49
CA LEU B 359 13.10 7.72 -9.51
C LEU B 359 13.51 6.37 -10.09
N LEU B 360 13.71 6.25 -11.40
CA LEU B 360 14.03 4.96 -11.98
C LEU B 360 15.39 4.92 -12.67
N ILE B 361 15.63 5.74 -13.69
CA ILE B 361 16.81 5.59 -14.54
C ILE B 361 18.04 6.28 -13.95
N PRO B 362 17.96 7.57 -13.54
CA PRO B 362 19.16 8.21 -13.01
C PRO B 362 19.65 7.57 -11.72
N LEU B 363 18.73 7.16 -10.86
CA LEU B 363 19.09 6.44 -9.65
C LEU B 363 19.87 5.17 -9.99
N GLY B 364 19.39 4.41 -10.97
CA GLY B 364 20.07 3.18 -11.34
C GLY B 364 21.47 3.42 -11.86
N PHE B 365 21.61 4.36 -12.78
CA PHE B 365 22.93 4.63 -13.35
C PHE B 365 23.90 5.12 -12.27
N THR B 366 23.45 6.03 -11.41
CA THR B 366 24.32 6.57 -10.38
C THR B 366 24.76 5.49 -9.39
N LEU B 367 23.83 4.63 -8.98
CA LEU B 367 24.19 3.60 -8.01
C LEU B 367 25.13 2.57 -8.62
N ALA B 368 24.92 2.21 -9.89
CA ALA B 368 25.83 1.28 -10.55
C ALA B 368 27.24 1.87 -10.63
N TRP B 369 27.34 3.13 -11.07
CA TRP B 369 28.65 3.79 -11.13
C TRP B 369 29.34 3.77 -9.77
N MET B 370 28.64 4.23 -8.73
CA MET B 370 29.24 4.33 -7.41
C MET B 370 29.70 2.97 -6.90
N SER B 371 28.86 1.94 -7.08
CA SER B 371 29.19 0.62 -6.56
C SER B 371 30.41 0.03 -7.26
N ILE B 372 30.43 0.08 -8.60
CA ILE B 372 31.57 -0.50 -9.32
C ILE B 372 32.86 0.22 -8.96
N PHE B 373 32.84 1.56 -9.01
CA PHE B 373 34.08 2.30 -8.76
C PHE B 373 34.53 2.20 -7.31
N GLY B 374 33.63 2.01 -6.36
CA GLY B 374 34.04 1.89 -4.99
C GLY B 374 34.58 0.53 -4.62
N ASN B 375 33.90 -0.52 -5.09
CA ASN B 375 34.38 -1.87 -4.78
C ASN B 375 35.66 -2.18 -5.52
N SER B 376 35.87 -1.61 -6.70
CA SER B 376 37.10 -1.86 -7.44
C SER B 376 38.34 -1.37 -6.70
N ALA B 377 38.18 -0.43 -5.77
CA ALA B 377 39.29 0.08 -4.97
C ALA B 377 39.35 -0.52 -3.57
N ILE B 378 38.20 -0.83 -2.97
CA ILE B 378 38.21 -1.58 -1.73
C ILE B 378 38.90 -2.92 -1.93
N ASP B 379 38.65 -3.56 -3.07
CA ASP B 379 39.27 -4.85 -3.35
C ASP B 379 40.78 -4.77 -3.40
N GLN B 380 41.33 -3.64 -3.83
CA GLN B 380 42.78 -3.50 -3.94
C GLN B 380 43.41 -3.04 -2.65
N VAL B 381 42.69 -2.30 -1.81
CA VAL B 381 43.28 -1.93 -0.53
C VAL B 381 43.24 -3.09 0.46
N LEU B 382 42.17 -3.91 0.46
CA LEU B 382 42.13 -5.04 1.38
C LEU B 382 42.97 -6.21 0.89
N ASN B 383 42.74 -6.67 -0.33
CA ASN B 383 43.22 -7.98 -0.75
C ASN B 383 44.60 -7.97 -1.37
N HIS B 384 45.05 -6.85 -1.93
CA HIS B 384 46.33 -6.80 -2.61
C HIS B 384 47.37 -5.93 -1.93
N GLY B 385 47.05 -5.36 -0.76
CA GLY B 385 48.04 -4.64 0.01
C GLY B 385 48.61 -3.42 -0.67
N MET B 386 47.79 -2.38 -0.85
CA MET B 386 48.22 -1.11 -1.41
C MET B 386 47.94 -0.03 -0.37
N ALA B 387 48.96 0.30 0.42
CA ALA B 387 48.79 1.30 1.47
C ALA B 387 48.96 2.72 0.95
N ALA B 388 49.79 2.90 -0.08
CA ALA B 388 49.97 4.23 -0.66
C ALA B 388 48.72 4.72 -1.36
N LEU B 389 47.85 3.82 -1.79
CA LEU B 389 46.56 4.24 -2.36
C LEU B 389 45.60 4.65 -1.26
N GLY B 390 45.61 3.97 -0.12
CA GLY B 390 44.73 4.29 0.98
C GLY B 390 45.18 5.43 1.84
N GLN B 391 46.43 5.86 1.73
CA GLN B 391 46.91 7.02 2.48
C GLN B 391 46.58 8.34 1.78
N SER B 392 46.66 8.38 0.46
CA SER B 392 46.34 9.60 -0.26
C SER B 392 44.86 9.93 -0.18
N ALA B 393 44.01 8.93 0.03
CA ALA B 393 42.58 9.21 0.17
C ALA B 393 42.30 10.05 1.40
N ILE B 394 43.23 10.09 2.36
CA ILE B 394 43.05 10.84 3.59
C ILE B 394 43.88 12.11 3.52
N ASP B 395 45.08 12.03 2.92
CA ASP B 395 45.90 13.22 2.79
C ASP B 395 45.50 14.08 1.60
N ASP B 396 45.58 13.53 0.38
CA ASP B 396 45.39 14.30 -0.85
C ASP B 396 44.25 13.70 -1.65
N PRO B 397 43.00 14.12 -1.41
CA PRO B 397 41.84 13.38 -1.91
C PRO B 397 41.54 13.56 -3.39
N SER B 398 42.32 14.33 -4.14
CA SER B 398 42.02 14.56 -5.54
C SER B 398 43.01 13.87 -6.48
N MET B 399 43.85 12.98 -5.96
CA MET B 399 44.77 12.20 -6.79
C MET B 399 44.50 10.72 -6.70
N THR B 400 43.52 10.28 -5.91
CA THR B 400 43.30 8.86 -5.71
C THR B 400 42.79 8.18 -6.97
N LEU B 401 41.97 8.88 -7.76
CA LEU B 401 41.43 8.29 -8.98
C LEU B 401 42.54 7.95 -9.97
N TYR B 402 43.52 8.84 -10.11
CA TYR B 402 44.61 8.59 -11.05
C TYR B 402 45.59 7.56 -10.53
N LEU B 403 45.64 7.35 -9.21
CA LEU B 403 46.43 6.26 -8.66
C LEU B 403 45.76 4.91 -8.88
N LEU B 404 44.43 4.88 -8.85
CA LEU B 404 43.72 3.62 -9.15
C LEU B 404 43.76 3.31 -10.63
N LEU B 405 43.59 4.31 -11.49
CA LEU B 405 43.48 4.07 -12.92
C LEU B 405 44.79 3.68 -13.57
N GLU B 406 45.92 3.88 -12.91
CA GLU B 406 47.22 3.57 -13.50
C GLU B 406 47.64 2.13 -13.24
N THR B 407 46.70 1.26 -12.90
CA THR B 407 46.95 -0.18 -12.78
C THR B 407 46.17 -0.96 -13.83
N TYR B 408 45.88 -0.33 -14.95
CA TYR B 408 45.06 -0.88 -16.03
C TYR B 408 45.85 -0.87 -17.33
N PRO B 409 45.41 -1.64 -18.34
CA PRO B 409 46.09 -1.59 -19.64
C PRO B 409 45.85 -0.26 -20.34
N TRP B 410 46.92 0.28 -20.93
CA TRP B 410 46.89 1.59 -21.60
C TRP B 410 46.38 2.67 -20.65
N SER B 411 47.14 2.90 -19.58
CA SER B 411 46.70 3.83 -18.55
C SER B 411 46.88 5.28 -18.97
N LYS B 412 47.98 5.60 -19.66
CA LYS B 412 48.20 6.97 -20.10
C LYS B 412 47.23 7.39 -21.19
N THR B 413 46.63 6.44 -21.90
CA THR B 413 45.62 6.74 -22.90
C THR B 413 44.21 6.78 -22.31
N VAL B 414 44.01 6.17 -21.15
CA VAL B 414 42.70 6.21 -20.50
C VAL B 414 42.58 7.43 -19.58
N ILE B 415 43.67 7.86 -18.95
CA ILE B 415 43.63 9.04 -18.11
C ILE B 415 43.37 10.29 -18.96
N ALA B 416 43.95 10.34 -20.16
CA ALA B 416 43.73 11.48 -21.04
C ALA B 416 42.29 11.55 -21.52
N VAL B 417 41.61 10.41 -21.61
CA VAL B 417 40.20 10.42 -22.01
C VAL B 417 39.31 10.72 -20.82
N THR B 418 39.71 10.32 -19.61
CA THR B 418 38.93 10.67 -18.42
C THR B 418 38.96 12.16 -18.16
N VAL B 419 40.14 12.79 -18.31
CA VAL B 419 40.25 14.23 -18.11
C VAL B 419 39.36 14.99 -19.08
N PHE B 420 39.17 14.46 -20.29
CA PHE B 420 38.33 15.12 -21.29
C PHE B 420 36.85 14.83 -21.04
N ILE B 421 36.51 13.62 -20.61
CA ILE B 421 35.11 13.28 -20.39
C ILE B 421 34.57 14.05 -19.19
N SER B 422 35.38 14.25 -18.16
CA SER B 422 34.90 14.97 -16.98
C SER B 422 34.71 16.45 -17.24
N PHE B 423 35.28 16.99 -18.31
CA PHE B 423 35.18 18.41 -18.59
C PHE B 423 33.83 18.79 -19.20
N VAL B 424 33.21 17.90 -19.98
CA VAL B 424 31.91 18.23 -20.55
C VAL B 424 30.78 18.01 -19.55
N PHE B 425 31.00 17.20 -18.50
CA PHE B 425 30.01 17.05 -17.45
C PHE B 425 29.74 18.36 -16.74
N PHE B 426 30.74 19.24 -16.67
CA PHE B 426 30.53 20.54 -16.03
C PHE B 426 29.82 21.51 -16.96
N VAL B 427 30.17 21.51 -18.24
CA VAL B 427 29.57 22.43 -19.19
C VAL B 427 28.12 22.05 -19.48
N THR B 428 27.77 20.78 -19.33
CA THR B 428 26.38 20.39 -19.55
C THR B 428 25.47 20.91 -18.46
N SER B 429 25.97 21.08 -17.23
CA SER B 429 25.13 21.57 -16.15
C SER B 429 25.21 23.08 -15.98
N ALA B 430 26.42 23.66 -15.98
CA ALA B 430 26.52 25.09 -15.79
C ALA B 430 26.39 25.84 -17.10
N ASP B 431 25.39 25.46 -17.88
CA ASP B 431 24.85 26.28 -18.96
C ASP B 431 23.33 26.33 -18.94
N SER B 432 22.67 25.29 -18.44
CA SER B 432 21.29 25.40 -18.00
C SER B 432 21.21 26.10 -16.67
N GLY B 433 22.29 26.06 -15.87
CA GLY B 433 22.31 26.86 -14.65
C GLY B 433 22.05 28.33 -14.92
N THR B 434 22.80 28.92 -15.87
CA THR B 434 22.63 30.33 -16.17
C THR B 434 21.27 30.61 -16.78
N VAL B 435 20.77 29.69 -17.63
CA VAL B 435 19.48 29.89 -18.27
C VAL B 435 18.37 29.96 -17.22
N VAL B 436 18.34 29.00 -16.30
CA VAL B 436 17.33 29.01 -15.26
C VAL B 436 17.51 30.22 -14.35
N LEU B 437 18.75 30.55 -14.01
CA LEU B 437 19.01 31.65 -13.10
C LEU B 437 18.62 32.99 -13.69
N SER B 438 18.63 33.11 -15.02
CA SER B 438 18.21 34.34 -15.68
C SER B 438 16.71 34.37 -15.97
N THR B 439 16.09 33.22 -16.22
CA THR B 439 14.64 33.19 -16.34
C THR B 439 13.94 33.29 -15.00
N LEU B 440 14.68 33.16 -13.89
CA LEU B 440 14.12 33.33 -12.56
C LEU B 440 14.15 34.77 -12.08
N SER B 441 14.91 35.64 -12.75
CA SER B 441 15.06 37.04 -12.36
C SER B 441 14.37 37.99 -13.33
N ALA B 442 13.53 37.46 -14.21
CA ALA B 442 12.85 38.26 -15.21
C ALA B 442 11.34 38.18 -15.00
N LYS B 443 10.63 39.15 -15.59
CA LYS B 443 9.22 39.33 -15.33
C LYS B 443 8.46 39.51 -16.64
N GLY B 444 7.26 38.94 -16.71
CA GLY B 444 6.40 39.10 -17.86
C GLY B 444 6.86 38.27 -19.05
N GLY B 445 6.12 38.42 -20.14
CA GLY B 445 6.45 37.74 -21.37
C GLY B 445 5.75 36.38 -21.51
N ASN B 446 5.95 35.78 -22.67
CA ASN B 446 5.38 34.47 -22.95
C ASN B 446 5.93 33.45 -21.94
N PRO B 447 5.07 32.65 -21.30
CA PRO B 447 5.58 31.68 -20.32
C PRO B 447 6.69 30.78 -20.84
N ASP B 448 6.48 30.08 -21.96
CA ASP B 448 7.53 29.22 -22.52
C ASP B 448 8.51 30.04 -23.35
N GLU B 449 9.23 30.91 -22.65
CA GLU B 449 10.15 31.84 -23.27
C GLU B 449 11.07 32.39 -22.18
N ASP B 450 12.36 32.49 -22.50
CA ASP B 450 13.37 32.74 -21.48
C ASP B 450 13.73 34.23 -21.41
N GLY B 451 14.36 34.61 -20.30
CA GLY B 451 14.69 35.98 -20.04
C GLY B 451 15.79 36.49 -20.96
N PRO B 452 16.19 37.75 -20.73
CA PRO B 452 17.18 38.37 -21.62
C PRO B 452 18.55 37.73 -21.46
N LYS B 453 19.34 37.81 -22.52
CA LYS B 453 20.65 37.19 -22.55
C LYS B 453 21.77 38.18 -22.27
N TRP B 454 21.50 39.20 -21.45
CA TRP B 454 22.55 39.94 -20.79
C TRP B 454 22.64 39.58 -19.31
N LEU B 455 21.66 38.83 -18.80
CA LEU B 455 21.68 38.35 -17.43
C LEU B 455 22.47 37.06 -17.28
N ARG B 456 22.61 36.28 -18.36
CA ARG B 456 23.43 35.08 -18.31
C ARG B 456 24.90 35.46 -18.15
N VAL B 457 25.36 36.46 -18.91
CA VAL B 457 26.72 36.94 -18.78
C VAL B 457 26.98 37.52 -17.39
N PHE B 458 25.95 37.99 -16.71
CA PHE B 458 26.11 38.52 -15.37
C PHE B 458 26.18 37.41 -14.33
N TRP B 459 25.23 36.49 -14.37
CA TRP B 459 25.20 35.41 -13.39
C TRP B 459 26.33 34.42 -13.59
N GLY B 460 26.97 34.40 -14.76
CA GLY B 460 28.13 33.58 -14.94
C GLY B 460 29.36 34.19 -14.31
N VAL B 461 29.51 35.51 -14.42
CA VAL B 461 30.65 36.18 -13.83
C VAL B 461 30.50 36.26 -12.31
N ALA B 462 29.27 36.29 -11.80
CA ALA B 462 29.08 36.39 -10.36
C ALA B 462 29.46 35.11 -9.63
N THR B 463 29.54 33.97 -10.32
CA THR B 463 29.84 32.70 -9.65
C THR B 463 31.33 32.45 -9.51
N ALA B 464 32.13 32.91 -10.47
CA ALA B 464 33.59 32.78 -10.34
C ALA B 464 34.12 33.58 -9.17
N LEU B 465 33.51 34.74 -8.90
CA LEU B 465 33.91 35.56 -7.76
C LEU B 465 33.61 34.85 -6.44
N ILE B 466 32.54 34.06 -6.38
CA ILE B 466 32.24 33.32 -5.17
C ILE B 466 33.14 32.10 -5.04
N THR B 467 33.48 31.46 -6.17
CA THR B 467 34.31 30.26 -6.13
C THR B 467 35.75 30.58 -5.72
N SER B 468 36.35 31.57 -6.36
CA SER B 468 37.73 31.92 -6.03
C SER B 468 37.78 32.99 -4.94
N GLY B 469 36.98 32.79 -3.90
CA GLY B 469 37.15 33.47 -2.64
C GLY B 469 37.18 32.41 -1.56
N LEU B 470 36.52 31.28 -1.86
CA LEU B 470 36.51 30.13 -0.99
C LEU B 470 37.63 29.15 -1.32
N LEU B 471 38.13 29.14 -2.55
CA LEU B 471 39.32 28.32 -2.81
C LEU B 471 40.54 28.82 -2.05
N PHE B 472 40.66 30.13 -1.86
CA PHE B 472 41.84 30.71 -1.22
C PHE B 472 41.66 30.89 0.28
N SER B 473 40.74 30.15 0.89
CA SER B 473 40.47 30.24 2.32
C SER B 473 40.28 28.85 2.92
N GLY B 474 41.23 27.94 2.67
CA GLY B 474 41.04 26.59 3.15
C GLY B 474 40.14 25.76 2.27
N SER B 475 40.64 25.42 1.07
CA SER B 475 39.83 25.05 -0.08
C SER B 475 38.65 24.12 0.20
N ILE B 476 38.89 22.92 0.70
CA ILE B 476 37.82 21.92 0.74
C ILE B 476 36.84 22.21 1.87
N ASP B 477 37.36 22.50 3.07
CA ASP B 477 36.49 22.68 4.21
C ASP B 477 35.69 23.98 4.12
N ALA B 478 36.25 25.02 3.52
CA ALA B 478 35.48 26.25 3.33
C ALA B 478 34.33 26.03 2.36
N LEU B 479 34.59 25.31 1.26
CA LEU B 479 33.52 24.97 0.33
C LEU B 479 32.44 24.15 1.00
N LYS B 480 32.84 23.16 1.82
CA LYS B 480 31.85 22.35 2.51
C LYS B 480 31.06 23.16 3.54
N SER B 481 31.70 24.13 4.19
CA SER B 481 31.05 24.85 5.28
C SER B 481 30.18 25.99 4.79
N ALA B 482 30.46 26.56 3.62
CA ALA B 482 29.67 27.68 3.14
C ALA B 482 28.30 27.27 2.63
N VAL B 483 28.10 25.99 2.31
CA VAL B 483 26.81 25.55 1.79
C VAL B 483 25.82 25.22 2.91
N VAL B 484 26.31 24.82 4.08
CA VAL B 484 25.43 24.44 5.17
C VAL B 484 24.71 25.64 5.77
N LEU B 485 25.23 26.85 5.58
CA LEU B 485 24.64 28.03 6.19
C LEU B 485 23.58 28.68 5.31
N THR B 486 23.86 28.85 4.02
CA THR B 486 22.99 29.59 3.12
C THR B 486 21.80 28.77 2.63
N SER B 487 21.72 27.49 2.97
CA SER B 487 20.62 26.64 2.55
C SER B 487 19.59 26.43 3.66
N LEU B 488 19.73 27.14 4.77
CA LEU B 488 18.87 26.99 5.94
C LEU B 488 17.55 27.73 5.79
N PRO B 489 17.50 28.97 5.29
CA PRO B 489 16.20 29.64 5.14
C PRO B 489 15.34 29.12 4.00
N PHE B 490 15.85 28.25 3.13
CA PHE B 490 15.04 27.71 2.04
C PHE B 490 14.29 26.44 2.43
N SER B 491 14.74 25.75 3.47
CA SER B 491 14.08 24.55 3.96
C SER B 491 12.69 24.84 4.52
N LEU B 492 12.42 26.08 4.94
CA LEU B 492 11.12 26.46 5.47
C LEU B 492 10.15 26.84 4.35
N ILE B 493 10.65 27.54 3.34
CA ILE B 493 9.85 27.78 2.15
C ILE B 493 9.44 26.47 1.51
N LEU B 494 10.33 25.47 1.55
CA LEU B 494 9.97 24.16 1.02
C LEU B 494 8.87 23.47 1.82
N LEU B 495 8.61 23.90 3.05
CA LEU B 495 7.49 23.35 3.83
C LEU B 495 6.20 24.12 3.59
N LEU B 496 6.31 25.45 3.45
CA LEU B 496 5.15 26.24 3.05
C LEU B 496 4.61 25.79 1.70
N MET B 497 5.50 25.45 0.77
CA MET B 497 5.05 24.94 -0.52
C MET B 497 4.29 23.63 -0.37
N MET B 498 4.73 22.77 0.54
CA MET B 498 4.04 21.51 0.78
C MET B 498 2.64 21.74 1.34
N TRP B 499 2.51 22.67 2.29
CA TRP B 499 1.20 23.03 2.83
C TRP B 499 0.26 23.52 1.73
N GLY B 500 0.75 24.45 0.89
CA GLY B 500 -0.07 24.95 -0.20
C GLY B 500 -0.50 23.86 -1.17
N LEU B 501 0.42 22.94 -1.49
CA LEU B 501 0.09 21.87 -2.41
C LEU B 501 -0.96 20.93 -1.82
N HIS B 502 -0.88 20.67 -0.53
CA HIS B 502 -1.91 19.83 0.11
C HIS B 502 -3.27 20.50 0.03
N LYS B 503 -3.33 21.81 0.29
CA LYS B 503 -4.61 22.51 0.17
C LYS B 503 -5.15 22.45 -1.25
N ALA B 504 -4.29 22.64 -2.25
CA ALA B 504 -4.74 22.57 -3.62
C ALA B 504 -5.21 21.18 -4.02
N PHE B 505 -4.65 20.13 -3.40
CA PHE B 505 -5.10 18.78 -3.68
C PHE B 505 -6.47 18.49 -3.08
N VAL B 506 -6.68 18.91 -1.83
CA VAL B 506 -7.99 18.68 -1.23
C VAL B 506 -9.06 19.56 -1.85
N MET B 507 -8.68 20.69 -2.46
CA MET B 507 -9.68 21.54 -3.09
C MET B 507 -10.21 20.95 -4.39
N GLU B 508 -9.54 19.95 -4.95
CA GLU B 508 -10.02 19.34 -6.18
C GLU B 508 -10.27 17.86 -6.06
N SER B 509 -9.99 17.24 -4.91
CA SER B 509 -10.55 15.92 -4.68
C SER B 509 -12.06 15.96 -4.63
N GLN B 510 -12.63 17.09 -4.21
CA GLN B 510 -14.07 17.27 -4.11
C GLN B 510 -14.67 17.88 -5.37
N ARG B 511 -13.86 18.15 -6.38
CA ARG B 511 -14.37 18.60 -7.68
C ARG B 511 -14.77 17.44 -8.57
N GLN B 512 -14.27 16.23 -8.30
CA GLN B 512 -14.71 15.06 -9.02
C GLN B 512 -16.02 14.51 -8.48
N ILE B 513 -16.25 14.65 -7.17
CA ILE B 513 -17.53 14.28 -6.59
C ILE B 513 -18.63 15.16 -7.15
N ALA B 514 -18.40 16.46 -7.21
CA ALA B 514 -19.39 17.42 -7.68
C ALA B 514 -19.61 17.37 -9.18
N GLN B 515 -18.84 16.59 -9.93
CA GLN B 515 -19.12 16.44 -11.36
C GLN B 515 -19.83 15.14 -11.69
N LEU B 516 -19.74 14.12 -10.83
CA LEU B 516 -20.50 12.90 -11.03
C LEU B 516 -21.94 13.06 -10.54
N TYR B 517 -22.12 13.67 -9.37
CA TYR B 517 -23.44 13.83 -8.79
C TYR B 517 -24.35 14.71 -9.63
N SER B 518 -23.81 15.46 -10.59
CA SER B 518 -24.59 16.41 -11.37
C SER B 518 -24.98 15.87 -12.74
N LEU B 519 -24.92 14.57 -12.96
CA LEU B 519 -25.28 13.96 -14.24
C LEU B 519 -26.71 13.46 -14.20
N ALA B 520 -27.60 14.15 -14.92
CA ALA B 520 -28.99 13.79 -15.13
C ALA B 520 -29.67 13.37 -13.82
N PRO B 521 -29.94 14.31 -12.92
CA PRO B 521 -30.60 13.94 -11.65
C PRO B 521 -32.00 13.42 -11.87
N VAL B 522 -32.79 14.12 -12.69
CA VAL B 522 -34.14 13.68 -13.02
C VAL B 522 -34.45 14.11 -14.45
N SER B 523 -35.61 13.70 -14.96
CA SER B 523 -36.07 14.10 -16.27
C SER B 523 -36.86 15.40 -16.16
N GLY B 524 -37.49 15.82 -17.25
CA GLY B 524 -38.23 17.06 -17.27
C GLY B 524 -38.04 17.83 -18.57
N SER B 525 -36.95 17.52 -19.28
CA SER B 525 -36.73 18.10 -20.60
C SER B 525 -37.77 17.64 -21.62
N ARG B 526 -38.52 16.58 -21.32
CA ARG B 526 -39.60 16.17 -22.22
C ARG B 526 -40.75 17.16 -22.22
N ARG B 527 -40.83 18.04 -21.22
CA ARG B 527 -41.87 19.06 -21.18
C ARG B 527 -41.79 19.96 -22.39
N GLY B 528 -40.58 20.17 -22.92
CA GLY B 528 -40.40 20.91 -24.15
C GLY B 528 -40.41 22.42 -23.95
N GLY B 529 -39.89 23.11 -24.97
CA GLY B 529 -39.85 24.55 -24.97
C GLY B 529 -38.48 25.07 -24.58
N TRP B 530 -37.67 25.45 -25.57
CA TRP B 530 -36.33 25.96 -25.26
C TRP B 530 -36.36 27.39 -24.79
N ARG B 531 -37.46 28.10 -25.00
CA ARG B 531 -37.59 29.49 -24.55
C ARG B 531 -38.17 29.58 -23.15
N GLN B 532 -39.09 28.68 -22.79
CA GLN B 532 -39.64 28.65 -21.45
C GLN B 532 -38.74 27.93 -20.45
N ARG B 533 -37.95 26.97 -20.92
CA ARG B 533 -36.98 26.32 -20.07
C ARG B 533 -35.78 27.21 -19.79
N LEU B 534 -35.57 28.23 -20.61
CA LEU B 534 -34.44 29.14 -20.43
C LEU B 534 -34.76 30.24 -19.43
N SER B 535 -35.97 30.78 -19.49
CA SER B 535 -36.39 31.83 -18.56
C SER B 535 -36.47 31.28 -17.13
N GLN B 536 -36.90 30.03 -16.99
CA GLN B 536 -36.99 29.39 -15.68
C GLN B 536 -35.62 29.06 -15.10
N ALA B 537 -34.58 29.00 -15.91
CA ALA B 537 -33.26 28.55 -15.47
C ALA B 537 -32.43 29.65 -14.82
N VAL B 538 -33.01 30.83 -14.61
CA VAL B 538 -32.27 31.95 -14.02
C VAL B 538 -33.08 32.59 -12.90
N HIS B 539 -34.17 31.94 -12.50
CA HIS B 539 -35.04 32.48 -11.47
C HIS B 539 -34.66 31.94 -10.09
N TYR B 540 -34.76 32.81 -9.08
CA TYR B 540 -34.50 32.44 -7.70
C TYR B 540 -35.74 32.70 -6.88
N PRO B 541 -36.45 31.67 -6.43
CA PRO B 541 -37.74 31.89 -5.77
C PRO B 541 -37.59 32.37 -4.34
N SER B 542 -38.64 33.05 -3.87
CA SER B 542 -38.71 33.54 -2.50
C SER B 542 -39.25 32.44 -1.57
N ARG B 543 -39.33 32.76 -0.28
CA ARG B 543 -39.68 31.76 0.72
C ARG B 543 -41.08 31.18 0.52
N ASP B 544 -42.11 32.00 0.67
CA ASP B 544 -43.47 31.48 0.60
C ASP B 544 -43.98 31.33 -0.82
N GLU B 545 -43.21 31.77 -1.82
CA GLU B 545 -43.53 31.41 -3.19
C GLU B 545 -43.34 29.92 -3.42
N VAL B 546 -42.39 29.29 -2.73
CA VAL B 546 -42.28 27.84 -2.77
C VAL B 546 -43.39 27.20 -1.94
N TYR B 547 -43.86 27.88 -0.89
CA TYR B 547 -44.99 27.37 -0.12
C TYR B 547 -46.25 27.29 -0.98
N ARG B 548 -46.40 28.20 -1.94
CA ARG B 548 -47.50 28.11 -2.90
C ARG B 548 -47.25 27.06 -3.98
N PHE B 549 -46.12 26.36 -3.92
CA PHE B 549 -45.84 25.22 -4.77
C PHE B 549 -46.02 23.89 -4.07
N LEU B 550 -45.64 23.82 -2.79
CA LEU B 550 -45.71 22.57 -2.05
C LEU B 550 -47.14 22.13 -1.78
N ASP B 551 -48.07 23.06 -1.67
CA ASP B 551 -49.45 22.74 -1.31
C ASP B 551 -50.39 22.69 -2.50
N GLN B 552 -49.97 23.21 -3.66
CA GLN B 552 -50.79 23.17 -4.86
C GLN B 552 -50.39 22.07 -5.83
N THR B 553 -49.16 21.58 -5.76
CA THR B 553 -48.67 20.57 -6.69
C THR B 553 -48.12 19.34 -6.00
N VAL B 554 -47.39 19.51 -4.89
CA VAL B 554 -46.75 18.36 -4.24
C VAL B 554 -47.70 17.67 -3.26
N ARG B 555 -48.42 18.44 -2.44
CA ARG B 555 -49.37 17.81 -1.52
C ARG B 555 -50.52 17.14 -2.25
N PRO B 556 -51.20 17.78 -3.21
CA PRO B 556 -52.31 17.08 -3.91
C PRO B 556 -51.87 15.92 -4.77
N ALA B 557 -50.58 15.62 -4.84
CA ALA B 557 -50.07 14.49 -5.62
C ALA B 557 -49.62 13.33 -4.74
N ILE B 558 -48.85 13.63 -3.69
CA ILE B 558 -48.41 12.58 -2.77
C ILE B 558 -49.61 11.87 -2.15
N ASP B 559 -50.62 12.63 -1.72
CA ASP B 559 -51.83 12.02 -1.18
C ASP B 559 -52.70 11.41 -2.27
N GLU B 560 -52.37 11.62 -3.55
CA GLU B 560 -53.16 11.10 -4.66
C GLU B 560 -52.55 9.87 -5.29
N VAL B 561 -51.22 9.80 -5.40
CA VAL B 561 -50.58 8.62 -5.96
C VAL B 561 -50.66 7.47 -4.97
N THR B 562 -50.60 7.75 -3.67
CA THR B 562 -50.67 6.69 -2.67
C THR B 562 -52.06 6.06 -2.58
N ALA B 563 -53.09 6.76 -3.05
CA ALA B 563 -54.42 6.17 -3.05
C ALA B 563 -54.44 4.89 -3.86
N VAL B 564 -53.82 4.91 -5.05
CA VAL B 564 -53.73 3.72 -5.87
C VAL B 564 -52.86 2.66 -5.19
N PHE B 565 -51.96 3.06 -4.29
CA PHE B 565 -51.05 2.10 -3.68
C PHE B 565 -51.75 1.24 -2.64
N VAL B 566 -52.49 1.88 -1.74
CA VAL B 566 -53.12 1.18 -0.64
C VAL B 566 -54.11 0.17 -1.12
N GLU B 567 -54.94 0.60 -2.05
CA GLU B 567 -55.93 -0.29 -2.58
C GLU B 567 -55.36 -1.04 -3.76
N LYS B 568 -54.12 -1.49 -3.62
CA LYS B 568 -53.52 -2.33 -4.64
C LYS B 568 -52.63 -3.31 -3.93
N GLY B 569 -52.83 -3.46 -2.63
CA GLY B 569 -52.09 -4.47 -1.91
C GLY B 569 -50.88 -4.08 -1.10
N LEU B 570 -50.57 -2.80 -1.03
CA LEU B 570 -49.32 -2.42 -0.38
C LEU B 570 -49.48 -1.71 1.00
N ASN B 571 -48.46 -1.80 1.87
CA ASN B 571 -48.51 -1.19 3.22
C ASN B 571 -47.90 0.18 3.23
N VAL B 572 -48.73 1.18 3.11
CA VAL B 572 -48.22 2.54 2.97
C VAL B 572 -48.32 3.22 4.33
N VAL B 573 -47.17 3.61 4.88
CA VAL B 573 -47.11 4.12 6.25
C VAL B 573 -47.22 5.64 6.19
N ASN B 574 -48.41 6.16 6.46
CA ASN B 574 -48.58 7.60 6.59
C ASN B 574 -48.30 8.05 8.02
N VAL B 575 -47.90 9.31 8.15
CA VAL B 575 -47.60 9.94 9.44
C VAL B 575 -48.32 11.29 9.47
N PRO B 576 -48.80 11.74 10.63
CA PRO B 576 -49.22 13.14 10.73
C PRO B 576 -48.04 14.05 10.48
N ASP B 577 -48.31 15.21 9.88
CA ASP B 577 -47.24 16.09 9.42
C ASP B 577 -46.97 17.17 10.46
N PRO B 578 -45.86 17.12 11.18
CA PRO B 578 -45.59 18.15 12.20
C PRO B 578 -44.69 19.27 11.69
N SER B 579 -44.16 19.12 10.47
CA SER B 579 -43.15 20.03 9.97
C SER B 579 -43.70 21.22 9.21
N ASN B 580 -44.86 21.07 8.56
CA ASN B 580 -45.56 22.08 7.78
C ASN B 580 -44.87 22.36 6.44
N ASP B 581 -43.73 21.75 6.18
CA ASP B 581 -43.08 21.88 4.87
C ASP B 581 -42.74 20.55 4.24
N SER B 582 -42.33 19.57 5.04
CA SER B 582 -41.95 18.27 4.50
C SER B 582 -43.18 17.47 4.07
N VAL B 583 -43.04 16.70 3.00
CA VAL B 583 -44.11 15.84 2.48
C VAL B 583 -43.49 14.47 2.27
N THR B 584 -43.64 13.59 3.26
CA THR B 584 -42.96 12.31 3.27
C THR B 584 -43.89 11.21 2.77
N LEU B 585 -43.28 10.18 2.18
CA LEU B 585 -43.98 9.00 1.69
C LEU B 585 -43.11 7.79 1.98
N GLU B 586 -43.71 6.71 2.46
CA GLU B 586 -42.95 5.56 2.90
C GLU B 586 -43.74 4.29 2.61
N ILE B 587 -43.02 3.21 2.36
CA ILE B 587 -43.61 1.91 2.04
C ILE B 587 -42.72 0.81 2.61
N GLY B 588 -43.32 -0.13 3.33
CA GLY B 588 -42.60 -1.25 3.91
C GLY B 588 -42.67 -2.47 2.99
N HIS B 589 -41.56 -3.18 2.90
CA HIS B 589 -41.46 -4.36 2.04
C HIS B 589 -41.14 -5.60 2.87
N GLY B 590 -41.82 -5.72 4.02
CA GLY B 590 -41.57 -6.83 4.91
C GLY B 590 -40.45 -6.55 5.88
N GLU B 591 -39.26 -7.13 5.61
CA GLU B 591 -38.12 -7.01 6.49
C GLU B 591 -37.00 -6.14 5.93
N GLU B 592 -36.75 -6.18 4.63
CA GLU B 592 -35.65 -5.44 4.05
C GLU B 592 -36.01 -3.97 3.90
N ARG B 593 -35.13 -3.23 3.22
CA ARG B 593 -35.14 -1.78 3.31
C ARG B 593 -36.44 -1.20 2.75
N PRO B 594 -36.99 -0.15 3.37
CA PRO B 594 -38.20 0.47 2.85
C PRO B 594 -37.91 1.52 1.79
N PHE B 595 -38.96 2.20 1.32
CA PHE B 595 -38.86 3.15 0.22
C PHE B 595 -39.14 4.54 0.75
N ILE B 596 -38.10 5.32 0.97
CA ILE B 596 -38.22 6.68 1.48
C ILE B 596 -38.30 7.64 0.29
N TYR B 597 -39.23 8.58 0.35
CA TYR B 597 -39.32 9.65 -0.65
C TYR B 597 -39.78 10.92 0.07
N GLN B 598 -38.82 11.76 0.47
CA GLN B 598 -39.09 12.92 1.30
C GLN B 598 -38.68 14.19 0.59
N VAL B 599 -39.59 15.16 0.53
CA VAL B 599 -39.32 16.49 0.01
C VAL B 599 -39.12 17.43 1.20
N GLN B 600 -38.28 18.45 1.02
CA GLN B 600 -38.00 19.36 2.13
C GLN B 600 -37.46 20.68 1.59
N MET B 601 -37.95 21.77 2.18
CA MET B 601 -37.54 23.11 1.79
C MET B 601 -36.26 23.51 2.51
N LYS B 602 -35.41 24.28 1.82
CA LYS B 602 -34.19 24.79 2.42
C LYS B 602 -33.80 26.08 1.71
N GLY B 603 -33.08 26.94 2.42
CA GLY B 603 -32.70 28.24 1.89
C GLY B 603 -31.20 28.41 1.84
N PHE B 604 -30.76 29.19 0.86
CA PHE B 604 -29.34 29.42 0.61
C PHE B 604 -29.10 30.90 0.35
N PHE B 605 -27.84 31.27 0.15
CA PHE B 605 -27.45 32.63 -0.17
C PHE B 605 -27.38 32.79 -1.69
N THR B 606 -28.00 33.84 -2.21
CA THR B 606 -27.94 34.09 -3.64
C THR B 606 -26.51 34.38 -4.06
N PRO B 607 -26.04 33.81 -5.18
CA PRO B 607 -24.65 34.02 -5.59
C PRO B 607 -24.33 35.46 -5.96
N SER B 608 -23.06 35.71 -6.28
CA SER B 608 -22.62 37.07 -6.58
C SER B 608 -23.25 37.60 -7.86
N PHE B 609 -23.22 36.81 -8.94
CA PHE B 609 -23.65 37.31 -10.24
C PHE B 609 -25.17 37.24 -10.40
N ALA B 610 -25.91 37.68 -9.39
CA ALA B 610 -27.36 37.74 -9.49
C ALA B 610 -27.97 39.03 -8.97
N ARG B 611 -27.29 39.78 -8.12
CA ARG B 611 -27.87 40.96 -7.50
C ARG B 611 -27.07 42.21 -7.86
N LEU B 619 -31.90 44.71 -8.54
CA LEU B 619 -32.70 44.07 -7.50
C LEU B 619 -31.83 43.38 -6.47
N ASN B 620 -32.10 43.63 -5.19
CA ASN B 620 -31.37 43.02 -4.08
C ASN B 620 -32.20 41.85 -3.56
N ASN B 621 -31.78 40.64 -3.91
CA ASN B 621 -32.49 39.43 -3.54
C ASN B 621 -31.94 38.84 -2.23
N ARG B 622 -30.65 38.51 -2.22
CA ARG B 622 -29.92 38.16 -1.01
C ARG B 622 -30.35 36.83 -0.38
N ARG B 623 -31.44 36.23 -0.87
CA ARG B 623 -31.91 34.99 -0.28
C ARG B 623 -32.88 34.30 -1.22
N TYR B 624 -32.84 32.97 -1.24
CA TYR B 624 -33.75 32.18 -2.05
C TYR B 624 -33.88 30.79 -1.43
N TYR B 625 -34.84 30.02 -1.95
CA TYR B 625 -35.17 28.71 -1.40
C TYR B 625 -35.29 27.68 -2.51
N ARG B 626 -35.05 26.42 -2.15
CA ARG B 626 -35.16 25.29 -3.06
C ARG B 626 -35.81 24.12 -2.32
N ALA B 627 -36.59 23.32 -3.05
CA ALA B 627 -37.32 22.19 -2.48
C ALA B 627 -36.63 20.90 -2.90
N GLU B 628 -35.71 20.43 -2.07
CA GLU B 628 -34.88 19.28 -2.41
C GLU B 628 -35.69 17.99 -2.33
N VAL B 629 -35.05 16.88 -2.71
CA VAL B 629 -35.64 15.55 -2.63
C VAL B 629 -34.57 14.59 -2.13
N HIS B 630 -34.89 13.86 -1.07
CA HIS B 630 -33.96 12.91 -0.47
C HIS B 630 -34.52 11.51 -0.55
N LEU B 631 -33.63 10.53 -0.55
CA LEU B 631 -33.98 9.12 -0.69
C LEU B 631 -33.10 8.34 0.28
N SER B 632 -33.03 7.03 0.12
CA SER B 632 -32.14 6.23 0.95
C SER B 632 -30.69 6.57 0.63
N GLU B 633 -29.78 6.00 1.42
CA GLU B 633 -28.38 6.37 1.36
C GLU B 633 -27.78 6.02 -0.01
N GLY B 634 -26.88 6.88 -0.47
CA GLY B 634 -26.33 6.76 -1.80
C GLY B 634 -27.30 7.17 -2.88
N SER B 635 -27.59 8.46 -2.95
CA SER B 635 -28.53 9.01 -3.92
C SER B 635 -28.12 10.44 -4.25
N GLN B 636 -28.91 11.12 -5.07
CA GLN B 636 -28.67 12.50 -5.44
C GLN B 636 -29.83 13.37 -4.96
N ASP B 637 -29.57 14.66 -4.85
CA ASP B 637 -30.55 15.63 -4.38
C ASP B 637 -30.84 16.66 -5.47
N TYR B 638 -32.12 16.92 -5.72
CA TYR B 638 -32.52 17.83 -6.78
C TYR B 638 -33.85 18.46 -6.41
N ASP B 639 -34.16 19.58 -7.06
CA ASP B 639 -35.36 20.34 -6.75
C ASP B 639 -36.39 20.20 -7.86
N LEU B 640 -37.65 20.45 -7.50
CA LEU B 640 -38.78 20.30 -8.41
C LEU B 640 -39.46 21.62 -8.75
N VAL B 641 -38.90 22.76 -8.35
CA VAL B 641 -39.55 24.04 -8.64
C VAL B 641 -39.58 24.24 -10.15
N GLY B 642 -40.79 24.30 -10.70
CA GLY B 642 -40.98 24.34 -12.13
C GLY B 642 -41.57 23.09 -12.74
N TYR B 643 -41.99 22.13 -11.92
CA TYR B 643 -42.64 20.93 -12.41
C TYR B 643 -44.14 21.16 -12.57
N THR B 644 -44.79 20.23 -13.26
CA THR B 644 -46.24 20.16 -13.34
C THR B 644 -46.70 18.94 -12.54
N LYS B 645 -47.91 19.04 -11.98
CA LYS B 645 -48.41 17.98 -11.10
C LYS B 645 -48.36 16.62 -11.78
N GLU B 646 -48.70 16.56 -13.08
CA GLU B 646 -48.58 15.30 -13.82
C GLU B 646 -47.13 14.89 -14.00
N GLN B 647 -46.19 15.82 -13.95
CA GLN B 647 -44.78 15.46 -14.02
C GLN B 647 -44.20 15.06 -12.66
N VAL B 648 -44.85 15.43 -11.56
CA VAL B 648 -44.38 15.02 -10.24
C VAL B 648 -44.78 13.59 -9.95
N ILE B 649 -46.00 13.19 -10.33
CA ILE B 649 -46.42 11.81 -10.14
C ILE B 649 -45.59 10.88 -10.99
N ASN B 650 -45.16 11.32 -12.17
CA ASN B 650 -44.31 10.50 -13.03
C ASN B 650 -42.86 10.47 -12.56
N ASP B 651 -42.51 11.25 -11.54
CA ASP B 651 -41.18 11.20 -10.94
C ASP B 651 -41.11 10.29 -9.73
N VAL B 652 -42.19 10.15 -8.97
CA VAL B 652 -42.21 9.21 -7.86
C VAL B 652 -42.36 7.78 -8.34
N LEU B 653 -42.81 7.58 -9.58
CA LEU B 653 -43.01 6.23 -10.10
C LEU B 653 -41.72 5.60 -10.59
N ASP B 654 -40.93 6.35 -11.35
CA ASP B 654 -39.68 5.80 -11.86
C ASP B 654 -38.55 5.85 -10.84
N GLN B 655 -38.78 6.45 -9.68
CA GLN B 655 -37.89 6.25 -8.54
C GLN B 655 -38.29 5.02 -7.74
N TYR B 656 -39.56 4.61 -7.82
CA TYR B 656 -40.01 3.39 -7.19
C TYR B 656 -39.62 2.16 -8.00
N GLU B 657 -39.76 2.25 -9.33
CA GLU B 657 -39.32 1.14 -10.18
C GLU B 657 -37.81 0.96 -10.13
N ARG B 658 -37.06 2.05 -9.95
CA ARG B 658 -35.62 1.94 -9.75
C ARG B 658 -35.30 1.27 -8.42
N HIS B 659 -36.21 1.38 -7.44
CA HIS B 659 -35.99 0.76 -6.14
C HIS B 659 -36.21 -0.75 -6.22
N MET B 660 -37.21 -1.19 -6.98
CA MET B 660 -37.50 -2.62 -7.07
C MET B 660 -36.40 -3.40 -7.80
N GLN B 661 -35.66 -2.76 -8.71
CA GLN B 661 -34.53 -3.43 -9.33
C GLN B 661 -33.35 -3.52 -8.37
N PHE B 662 -33.23 -2.58 -7.44
CA PHE B 662 -32.19 -2.66 -6.42
C PHE B 662 -32.44 -3.84 -5.49
N LEU B 663 -33.70 -4.03 -5.06
CA LEU B 663 -34.02 -5.12 -4.15
C LEU B 663 -33.85 -6.48 -4.80
N HIS B 664 -33.99 -6.57 -6.13
CA HIS B 664 -33.86 -7.84 -6.82
C HIS B 664 -32.40 -8.29 -6.89
N LEU B 665 -31.46 -7.36 -6.82
CA LEU B 665 -30.05 -7.69 -6.97
C LEU B 665 -29.37 -8.04 -5.65
N VAL B 666 -29.82 -7.45 -4.54
CA VAL B 666 -29.19 -7.75 -3.26
C VAL B 666 -29.54 -9.16 -2.81
N ARG B 667 -30.65 -9.70 -3.28
CA ARG B 667 -31.06 -11.05 -2.92
C ARG B 667 -30.66 -12.04 -4.01
N THR C 14 -36.95 5.03 29.54
CA THR C 14 -36.52 5.31 30.92
C THR C 14 -35.44 4.34 31.36
N VAL C 15 -34.29 4.84 31.77
CA VAL C 15 -33.21 3.94 32.10
C VAL C 15 -33.35 3.31 33.47
N ARG C 16 -33.20 2.01 33.55
CA ARG C 16 -33.28 1.28 34.81
C ARG C 16 -32.25 0.16 34.78
N MET C 17 -32.11 -0.50 35.93
CA MET C 17 -31.09 -1.53 36.08
C MET C 17 -31.42 -2.74 35.19
N ASN C 18 -30.37 -3.42 34.77
CA ASN C 18 -30.46 -4.62 33.94
C ASN C 18 -29.97 -5.78 34.81
N ALA C 19 -30.91 -6.43 35.50
CA ALA C 19 -30.56 -7.35 36.56
C ALA C 19 -29.65 -8.52 36.15
N PRO C 20 -29.85 -9.19 35.01
CA PRO C 20 -28.97 -10.32 34.68
C PRO C 20 -27.52 -9.94 34.45
N VAL C 21 -27.18 -8.66 34.36
CA VAL C 21 -25.80 -8.21 34.26
C VAL C 21 -25.30 -7.71 35.60
N PHE C 22 -26.11 -6.89 36.28
CA PHE C 22 -25.74 -6.38 37.59
C PHE C 22 -25.47 -7.51 38.58
N TYR C 23 -26.37 -8.48 38.65
CA TYR C 23 -26.21 -9.55 39.63
C TYR C 23 -25.12 -10.53 39.23
N PHE C 24 -24.78 -10.62 37.94
CA PHE C 24 -23.70 -11.49 37.52
C PHE C 24 -22.34 -10.87 37.78
N ALA C 25 -22.24 -9.54 37.70
CA ALA C 25 -20.96 -8.87 37.94
C ALA C 25 -20.70 -8.60 39.42
N ALA C 26 -21.68 -8.00 40.11
CA ALA C 26 -21.48 -7.65 41.51
C ALA C 26 -21.22 -8.88 42.38
N SER C 27 -21.87 -10.00 42.08
CA SER C 27 -21.65 -11.22 42.86
C SER C 27 -20.23 -11.75 42.67
N PHE C 28 -19.70 -11.69 41.45
CA PHE C 28 -18.31 -12.10 41.25
C PHE C 28 -17.35 -11.16 41.96
N ILE C 29 -17.66 -9.86 41.99
CA ILE C 29 -16.71 -8.91 42.56
C ILE C 29 -16.68 -9.03 44.08
N LEU C 30 -17.84 -9.15 44.72
CA LEU C 30 -17.95 -9.02 46.17
C LEU C 30 -17.20 -10.09 46.93
N ILE C 31 -17.42 -11.37 46.61
CA ILE C 31 -16.77 -12.42 47.40
C ILE C 31 -15.27 -12.47 47.14
N PHE C 32 -14.82 -12.16 45.92
CA PHE C 32 -13.38 -12.03 45.69
C PHE C 32 -12.79 -10.97 46.61
N GLY C 33 -13.39 -9.77 46.61
CA GLY C 33 -12.93 -8.73 47.51
C GLY C 33 -12.90 -9.18 48.96
N ILE C 34 -13.97 -9.84 49.40
CA ILE C 34 -14.09 -10.21 50.81
C ILE C 34 -13.05 -11.24 51.20
N ILE C 35 -12.90 -12.30 50.39
CA ILE C 35 -11.95 -13.35 50.76
C ILE C 35 -10.50 -12.95 50.50
N VAL C 36 -10.26 -11.89 49.74
CA VAL C 36 -8.90 -11.34 49.73
C VAL C 36 -8.67 -10.44 50.93
N ILE C 37 -9.71 -9.76 51.43
CA ILE C 37 -9.58 -8.99 52.66
C ILE C 37 -9.36 -9.88 53.87
N ALA C 38 -9.97 -11.07 53.89
CA ALA C 38 -9.92 -11.92 55.08
C ALA C 38 -8.60 -12.66 55.24
N PHE C 39 -8.01 -13.16 54.16
CA PHE C 39 -6.82 -14.01 54.21
C PHE C 39 -5.71 -13.40 53.36
N PRO C 40 -4.97 -12.41 53.89
CA PRO C 40 -3.94 -11.78 53.07
C PRO C 40 -2.70 -12.65 52.85
N GLN C 41 -2.23 -13.37 53.87
CA GLN C 41 -1.01 -14.15 53.71
C GLN C 41 -1.16 -15.23 52.66
N ALA C 42 -2.30 -15.92 52.64
CA ALA C 42 -2.49 -17.00 51.68
C ALA C 42 -2.68 -16.46 50.27
N SER C 43 -3.42 -15.36 50.12
CA SER C 43 -3.67 -14.82 48.78
C SER C 43 -2.41 -14.21 48.18
N GLY C 44 -1.60 -13.53 49.00
CA GLY C 44 -0.36 -12.98 48.48
C GLY C 44 0.57 -14.06 47.95
N ALA C 45 0.55 -15.24 48.57
CA ALA C 45 1.35 -16.35 48.09
C ALA C 45 0.71 -17.06 46.90
N TRP C 46 -0.62 -17.08 46.84
CA TRP C 46 -1.30 -17.71 45.72
C TRP C 46 -1.21 -16.90 44.44
N LEU C 47 -1.02 -15.58 44.54
CA LEU C 47 -0.97 -14.76 43.33
C LEU C 47 0.38 -14.85 42.64
N LEU C 48 1.47 -14.96 43.40
CA LEU C 48 2.79 -15.06 42.80
C LEU C 48 3.00 -16.40 42.09
N ALA C 49 2.23 -17.42 42.44
CA ALA C 49 2.27 -18.67 41.69
C ALA C 49 1.56 -18.52 40.36
N ALA C 50 0.39 -17.89 40.37
CA ALA C 50 -0.38 -17.70 39.14
C ALA C 50 0.37 -16.81 38.16
N GLN C 51 1.09 -15.80 38.66
CA GLN C 51 1.85 -14.95 37.75
C GLN C 51 2.91 -15.74 37.02
N ASN C 52 3.70 -16.53 37.75
CA ASN C 52 4.75 -17.33 37.12
C ASN C 52 4.17 -18.37 36.18
N TRP C 53 3.03 -18.95 36.53
CA TRP C 53 2.40 -19.93 35.64
C TRP C 53 1.96 -19.28 34.34
N ALA C 54 1.25 -18.15 34.43
CA ALA C 54 0.72 -17.51 33.23
C ALA C 54 1.84 -17.02 32.33
N ALA C 55 2.86 -16.38 32.91
CA ALA C 55 3.97 -15.85 32.11
C ALA C 55 4.54 -16.90 31.16
N ASN C 56 4.66 -18.13 31.63
CA ASN C 56 5.26 -19.21 30.84
C ASN C 56 4.25 -19.93 29.95
N THR C 57 3.01 -20.08 30.40
CA THR C 57 2.08 -20.91 29.66
C THR C 57 1.32 -20.13 28.58
N VAL C 58 0.91 -18.89 28.84
CA VAL C 58 0.10 -18.16 27.88
C VAL C 58 0.81 -16.91 27.39
N GLY C 59 2.14 -16.95 27.32
CA GLY C 59 2.89 -15.80 26.85
C GLY C 59 2.81 -15.60 25.35
N TRP C 60 2.85 -16.69 24.59
CA TRP C 60 2.78 -16.61 23.13
C TRP C 60 1.41 -16.15 22.65
N TYR C 61 0.35 -16.49 23.40
CA TYR C 61 -1.01 -16.18 22.98
C TYR C 61 -1.26 -14.68 22.98
N TYR C 62 -0.82 -13.98 24.02
CA TYR C 62 -0.97 -12.53 24.08
C TYR C 62 -0.23 -11.86 22.94
N MET C 63 1.02 -12.28 22.70
CA MET C 63 1.80 -11.70 21.62
C MET C 63 1.16 -11.93 20.27
N MET C 64 0.51 -13.09 20.07
CA MET C 64 -0.14 -13.32 18.80
C MET C 64 -1.39 -12.46 18.65
N VAL C 65 -2.24 -12.42 19.66
CA VAL C 65 -3.50 -11.69 19.50
C VAL C 65 -3.32 -10.18 19.50
N MET C 66 -2.24 -9.64 20.06
CA MET C 66 -2.12 -8.19 20.14
C MET C 66 -1.77 -7.54 18.81
N THR C 67 -1.21 -8.30 17.86
CA THR C 67 -0.86 -7.74 16.56
C THR C 67 -2.00 -7.81 15.55
N LEU C 68 -2.92 -8.75 15.74
CA LEU C 68 -4.06 -8.88 14.85
C LEU C 68 -4.92 -7.62 14.86
N TYR C 69 -5.17 -7.04 16.03
CA TYR C 69 -6.00 -5.84 16.12
C TYR C 69 -5.38 -4.69 15.34
N LEU C 70 -4.07 -4.49 15.51
CA LEU C 70 -3.38 -3.38 14.84
C LEU C 70 -3.39 -3.56 13.33
N VAL C 71 -3.05 -4.76 12.87
CA VAL C 71 -3.05 -5.02 11.43
C VAL C 71 -4.46 -4.83 10.86
N PHE C 72 -5.48 -5.31 11.57
CA PHE C 72 -6.85 -5.17 11.11
C PHE C 72 -7.23 -3.70 10.93
N VAL C 73 -6.99 -2.87 11.95
CA VAL C 73 -7.44 -1.49 11.85
C VAL C 73 -6.66 -0.72 10.79
N VAL C 74 -5.36 -0.99 10.66
CA VAL C 74 -4.57 -0.27 9.66
C VAL C 74 -5.03 -0.64 8.25
N VAL C 75 -5.17 -1.95 7.99
CA VAL C 75 -5.59 -2.38 6.66
C VAL C 75 -7.00 -1.88 6.34
N THR C 76 -7.88 -1.82 7.34
CA THR C 76 -9.22 -1.31 7.10
C THR C 76 -9.20 0.18 6.76
N ALA C 77 -8.41 0.97 7.49
CA ALA C 77 -8.37 2.40 7.21
C ALA C 77 -7.64 2.73 5.91
N LEU C 78 -6.77 1.86 5.41
CA LEU C 78 -6.02 2.15 4.18
C LEU C 78 -6.71 1.66 2.92
N SER C 79 -7.94 1.18 3.01
CA SER C 79 -8.62 0.58 1.87
C SER C 79 -9.89 1.39 1.54
N GLY C 80 -10.71 0.85 0.64
CA GLY C 80 -11.91 1.52 0.21
C GLY C 80 -12.97 1.67 1.30
N PHE C 81 -12.90 0.85 2.35
CA PHE C 81 -13.82 0.99 3.47
C PHE C 81 -13.54 2.22 4.31
N GLY C 82 -12.40 2.88 4.13
CA GLY C 82 -12.07 4.05 4.90
C GLY C 82 -12.85 5.30 4.56
N LYS C 83 -13.74 5.24 3.56
CA LYS C 83 -14.53 6.38 3.15
C LYS C 83 -15.98 6.29 3.63
N ILE C 84 -16.27 5.37 4.53
CA ILE C 84 -17.62 5.18 5.06
C ILE C 84 -17.81 6.12 6.24
N LYS C 85 -18.89 6.90 6.20
CA LYS C 85 -19.18 7.86 7.26
C LYS C 85 -19.94 7.19 8.40
N LEU C 86 -19.51 7.48 9.63
CA LEU C 86 -20.15 6.93 10.82
C LEU C 86 -21.39 7.76 11.14
N GLY C 87 -22.47 7.45 10.43
CA GLY C 87 -23.72 8.16 10.58
C GLY C 87 -24.44 8.21 9.26
N ALA C 88 -25.31 9.20 9.12
CA ALA C 88 -25.99 9.46 7.86
C ALA C 88 -25.19 10.47 7.03
N ASP C 89 -25.52 10.52 5.74
CA ASP C 89 -24.77 11.37 4.81
C ASP C 89 -24.98 12.86 5.05
N HIS C 90 -25.98 13.25 5.83
CA HIS C 90 -26.22 14.65 6.16
C HIS C 90 -25.80 14.98 7.58
N ASP C 91 -25.02 14.11 8.22
CA ASP C 91 -24.53 14.33 9.58
C ASP C 91 -23.23 15.12 9.55
N GLU C 92 -23.04 15.96 10.56
CA GLU C 92 -21.85 16.77 10.68
C GLU C 92 -21.26 16.66 12.09
N PRO C 93 -19.95 16.79 12.23
CA PRO C 93 -19.33 16.70 13.55
C PRO C 93 -19.77 17.85 14.45
N GLU C 94 -19.97 17.53 15.73
CA GLU C 94 -20.43 18.49 16.72
C GLU C 94 -19.32 19.08 17.56
N PHE C 95 -18.07 18.68 17.32
CA PHE C 95 -16.93 19.21 18.05
C PHE C 95 -15.84 19.65 17.08
N SER C 96 -14.98 20.53 17.54
CA SER C 96 -13.82 20.95 16.78
C SER C 96 -12.77 19.84 16.82
N TYR C 97 -11.60 20.10 16.23
CA TYR C 97 -10.57 19.07 16.20
C TYR C 97 -9.73 19.05 17.47
N LEU C 98 -9.31 20.22 17.95
CA LEU C 98 -8.50 20.26 19.16
C LEU C 98 -9.32 19.87 20.38
N SER C 99 -10.56 20.36 20.47
CA SER C 99 -11.43 19.97 21.58
C SER C 99 -11.78 18.50 21.57
N TRP C 100 -11.73 17.86 20.40
CA TRP C 100 -11.95 16.42 20.29
C TRP C 100 -10.71 15.65 20.73
N ALA C 101 -9.54 16.04 20.20
CA ALA C 101 -8.31 15.35 20.53
C ALA C 101 -7.94 15.51 22.01
N GLY C 102 -8.30 16.64 22.62
CA GLY C 102 -8.01 16.81 24.03
C GLY C 102 -8.81 15.87 24.92
N MET C 103 -10.11 15.76 24.65
CA MET C 103 -10.92 14.79 25.37
C MET C 103 -10.45 13.37 25.10
N LEU C 104 -9.98 13.11 23.88
CA LEU C 104 -9.47 11.78 23.55
C LEU C 104 -8.21 11.46 24.35
N PHE C 105 -7.32 12.44 24.51
CA PHE C 105 -6.08 12.20 25.25
C PHE C 105 -6.33 12.10 26.74
N ALA C 106 -7.12 13.01 27.30
CA ALA C 106 -7.35 13.01 28.75
C ALA C 106 -8.46 12.05 29.15
N ALA C 107 -8.40 10.84 28.63
CA ALA C 107 -9.22 9.72 29.06
C ALA C 107 -8.40 8.46 29.31
N GLY C 108 -7.37 8.22 28.51
CA GLY C 108 -6.55 7.04 28.66
C GLY C 108 -5.16 7.34 29.20
N ILE C 109 -5.07 8.36 30.04
CA ILE C 109 -3.81 8.73 30.70
C ILE C 109 -4.12 9.00 32.17
N SER C 110 -3.29 8.45 33.05
CA SER C 110 -3.50 8.57 34.49
C SER C 110 -2.14 8.61 35.17
N ILE C 111 -2.13 8.38 36.49
CA ILE C 111 -0.91 8.51 37.28
C ILE C 111 0.12 7.42 36.99
N THR C 112 -0.24 6.39 36.23
CA THR C 112 0.74 5.37 35.89
C THR C 112 1.86 5.92 35.03
N LEU C 113 1.57 6.96 34.24
CA LEU C 113 2.63 7.66 33.51
C LEU C 113 3.68 8.21 34.46
N PHE C 114 3.24 8.89 35.52
CA PHE C 114 4.14 9.40 36.54
C PHE C 114 4.83 8.29 37.33
N PHE C 115 4.19 7.12 37.44
CA PHE C 115 4.83 6.03 38.16
C PHE C 115 5.92 5.36 37.34
N PHE C 116 5.78 5.31 36.01
CA PHE C 116 6.68 4.53 35.17
C PHE C 116 7.63 5.36 34.32
N CYS C 117 7.53 6.70 34.34
CA CYS C 117 8.33 7.48 33.40
C CYS C 117 9.84 7.37 33.66
N VAL C 118 10.25 7.31 34.92
CA VAL C 118 11.67 7.37 35.26
C VAL C 118 12.23 6.03 35.71
N SER C 119 11.46 5.21 36.42
CA SER C 119 12.00 4.01 37.04
C SER C 119 12.08 2.81 36.10
N GLU C 120 11.41 2.83 34.96
CA GLU C 120 11.46 1.69 34.06
C GLU C 120 12.72 1.69 33.19
N PRO C 121 13.09 2.82 32.56
CA PRO C 121 14.37 2.83 31.82
C PRO C 121 15.57 2.58 32.71
N LEU C 122 15.59 3.10 33.93
CA LEU C 122 16.70 2.83 34.84
C LEU C 122 16.77 1.38 35.23
N THR C 123 15.65 0.66 35.21
CA THR C 123 15.66 -0.77 35.46
C THR C 123 16.17 -1.55 34.26
N HIS C 124 15.74 -1.17 33.05
CA HIS C 124 16.23 -1.86 31.86
C HIS C 124 17.68 -1.55 31.57
N LEU C 125 18.22 -0.46 32.11
CA LEU C 125 19.63 -0.14 31.88
C LEU C 125 20.55 -1.00 32.74
N LEU C 126 20.14 -1.29 33.98
CA LEU C 126 20.98 -2.04 34.91
C LEU C 126 20.70 -3.53 34.92
N GLN C 127 19.51 -3.97 34.54
CA GLN C 127 19.15 -5.39 34.49
C GLN C 127 18.52 -5.70 33.14
N PRO C 128 19.31 -5.77 32.08
CA PRO C 128 18.75 -5.99 30.74
C PRO C 128 18.23 -7.41 30.60
N PRO C 129 17.26 -7.64 29.71
CA PRO C 129 16.85 -9.01 29.43
C PRO C 129 17.90 -9.84 28.71
N GLN C 130 18.91 -9.21 28.12
CA GLN C 130 19.99 -9.93 27.45
C GLN C 130 21.18 -9.00 27.28
N GLY C 131 22.33 -9.38 27.83
CA GLY C 131 23.54 -8.60 27.71
C GLY C 131 24.07 -8.17 29.06
N GLU C 132 25.08 -7.31 29.02
CA GLU C 132 25.70 -6.77 30.22
C GLU C 132 25.27 -5.31 30.39
N GLY C 133 24.81 -4.97 31.59
CA GLY C 133 24.18 -3.69 31.84
C GLY C 133 25.13 -2.64 32.38
N GLY C 134 24.78 -1.38 32.18
CA GLY C 134 25.61 -0.26 32.54
C GLY C 134 26.36 0.36 31.38
N THR C 135 26.17 -0.14 30.17
CA THR C 135 26.89 0.30 28.99
C THR C 135 26.03 1.28 28.20
N ALA C 136 26.52 1.67 27.03
CA ALA C 136 25.77 2.51 26.10
C ALA C 136 24.99 1.70 25.08
N GLU C 137 25.15 0.38 25.07
CA GLU C 137 24.25 -0.47 24.30
C GLU C 137 23.01 -0.84 25.09
N ALA C 138 23.13 -1.03 26.40
CA ALA C 138 21.97 -1.24 27.24
C ALA C 138 21.08 -0.01 27.27
N ALA C 139 21.68 1.18 27.25
CA ALA C 139 20.89 2.41 27.25
C ALA C 139 20.11 2.58 25.96
N ARG C 140 20.66 2.12 24.83
CA ARG C 140 19.97 2.21 23.57
C ARG C 140 18.93 1.10 23.41
N GLN C 141 19.16 -0.06 24.04
CA GLN C 141 18.21 -1.16 23.96
C GLN C 141 17.04 -0.97 24.91
N GLY C 142 17.25 -0.36 26.07
CA GLY C 142 16.18 -0.15 27.02
C GLY C 142 15.26 1.01 26.71
N MET C 143 15.62 1.83 25.72
CA MET C 143 14.73 2.90 25.26
C MET C 143 13.86 2.48 24.10
N GLN C 144 14.10 1.30 23.54
CA GLN C 144 13.17 0.72 22.56
C GLN C 144 12.05 -0.05 23.23
N LEU C 145 12.31 -0.67 24.38
CA LEU C 145 11.24 -1.32 25.13
C LEU C 145 10.24 -0.30 25.65
N LEU C 146 10.73 0.86 26.08
CA LEU C 146 9.83 1.91 26.54
C LEU C 146 8.95 2.43 25.42
N PHE C 147 9.45 2.46 24.19
CA PHE C 147 8.65 2.89 23.06
C PHE C 147 7.71 1.80 22.57
N LEU C 148 8.08 0.53 22.76
CA LEU C 148 7.19 -0.57 22.42
C LEU C 148 6.02 -0.65 23.37
N HIS C 149 6.26 -0.41 24.66
CA HIS C 149 5.20 -0.57 25.66
C HIS C 149 4.21 0.57 25.67
N TRP C 150 4.54 1.72 25.08
CA TRP C 150 3.67 2.90 25.11
C TRP C 150 3.42 3.44 23.71
N GLY C 151 3.40 2.59 22.70
CA GLY C 151 3.33 3.05 21.33
C GLY C 151 2.07 2.69 20.57
N LEU C 152 2.22 2.07 19.40
CA LEU C 152 1.11 1.83 18.50
C LEU C 152 0.23 0.67 18.95
N HIS C 153 0.81 -0.34 19.61
CA HIS C 153 0.04 -1.50 20.01
C HIS C 153 -1.06 -1.12 21.00
N GLY C 154 -0.76 -0.20 21.92
CA GLY C 154 -1.75 0.17 22.91
C GLY C 154 -2.89 1.00 22.34
N TRP C 155 -2.57 1.97 21.49
CA TRP C 155 -3.57 2.82 20.87
C TRP C 155 -4.29 2.15 19.71
N GLY C 156 -3.82 1.00 19.24
CA GLY C 156 -4.49 0.32 18.15
C GLY C 156 -5.68 -0.52 18.54
N VAL C 157 -5.84 -0.82 19.83
CA VAL C 157 -7.01 -1.58 20.28
C VAL C 157 -8.14 -0.65 20.71
N PHE C 158 -7.80 0.53 21.23
CA PHE C 158 -8.82 1.53 21.52
C PHE C 158 -9.56 1.93 20.25
N ALA C 159 -8.82 2.17 19.16
CA ALA C 159 -9.43 2.51 17.89
C ALA C 159 -10.30 1.38 17.36
N PHE C 160 -9.84 0.14 17.51
CA PHE C 160 -10.63 -1.01 17.08
C PHE C 160 -11.97 -1.07 17.78
N VAL C 161 -11.96 -0.97 19.11
CA VAL C 161 -13.22 -1.09 19.86
C VAL C 161 -14.13 0.10 19.58
N GLY C 162 -13.56 1.31 19.48
CA GLY C 162 -14.40 2.47 19.20
C GLY C 162 -15.04 2.41 17.83
N MET C 163 -14.28 2.01 16.81
CA MET C 163 -14.81 1.93 15.46
C MET C 163 -15.79 0.77 15.31
N ALA C 164 -15.63 -0.29 16.07
CA ALA C 164 -16.61 -1.36 16.04
C ALA C 164 -17.90 -0.98 16.75
N LEU C 165 -17.83 -0.14 17.78
CA LEU C 165 -19.07 0.24 18.47
C LEU C 165 -19.81 1.35 17.74
N ALA C 166 -19.10 2.28 17.08
CA ALA C 166 -19.80 3.39 16.43
C ALA C 166 -20.55 2.94 15.19
N TYR C 167 -19.99 1.98 14.45
CA TYR C 167 -20.59 1.54 13.20
C TYR C 167 -21.98 0.96 13.42
N PHE C 168 -22.07 -0.07 14.27
CA PHE C 168 -23.34 -0.75 14.49
C PHE C 168 -24.38 0.13 15.15
N ALA C 169 -23.97 1.21 15.82
CA ALA C 169 -24.92 2.05 16.52
C ALA C 169 -25.39 3.22 15.70
N TYR C 170 -24.57 3.75 14.79
CA TYR C 170 -24.96 4.90 14.00
C TYR C 170 -25.36 4.57 12.58
N ARG C 171 -25.10 3.35 12.11
CA ARG C 171 -25.54 2.95 10.78
C ARG C 171 -26.59 1.86 10.78
N HIS C 172 -26.91 1.27 11.93
CA HIS C 172 -27.91 0.23 12.01
C HIS C 172 -28.93 0.47 13.11
N ASN C 173 -28.77 1.52 13.91
CA ASN C 173 -29.74 1.89 14.95
C ASN C 173 -29.91 0.78 15.98
N LEU C 174 -28.79 0.18 16.37
CA LEU C 174 -28.71 -0.77 17.47
C LEU C 174 -28.22 -0.06 18.73
N PRO C 175 -28.44 -0.62 19.91
CA PRO C 175 -27.98 0.04 21.13
C PRO C 175 -26.46 0.16 21.15
N LEU C 176 -25.97 1.06 22.02
CA LEU C 176 -24.55 1.31 22.17
C LEU C 176 -24.02 0.44 23.31
N ALA C 177 -23.76 -0.83 22.99
CA ALA C 177 -23.31 -1.81 23.97
C ALA C 177 -22.31 -2.75 23.30
N LEU C 178 -21.75 -3.65 24.09
CA LEU C 178 -20.71 -4.53 23.58
C LEU C 178 -21.29 -5.70 22.79
N ARG C 179 -22.49 -6.13 23.11
CA ARG C 179 -23.10 -7.30 22.48
C ARG C 179 -23.62 -7.03 21.08
N SER C 180 -23.64 -5.78 20.63
CA SER C 180 -24.22 -5.48 19.32
C SER C 180 -23.35 -5.99 18.19
N ALA C 181 -22.03 -6.07 18.38
CA ALA C 181 -21.15 -6.56 17.33
C ALA C 181 -21.33 -8.04 17.05
N LEU C 182 -22.10 -8.75 17.87
CA LEU C 182 -22.41 -10.15 17.66
C LEU C 182 -23.76 -10.34 16.97
N TYR C 183 -24.25 -9.31 16.29
CA TYR C 183 -25.52 -9.37 15.60
C TYR C 183 -25.44 -10.13 14.28
N PRO C 184 -24.45 -9.85 13.42
CA PRO C 184 -24.35 -10.63 12.16
C PRO C 184 -24.11 -12.11 12.37
N LEU C 185 -23.82 -12.56 13.58
CA LEU C 185 -23.57 -13.96 13.85
C LEU C 185 -24.78 -14.69 14.41
N ILE C 186 -25.40 -14.14 15.45
CA ILE C 186 -26.48 -14.85 16.15
C ILE C 186 -27.80 -14.10 16.05
N GLY C 187 -27.93 -13.17 15.10
CA GLY C 187 -29.21 -12.51 14.93
C GLY C 187 -29.61 -11.71 16.16
N LYS C 188 -30.91 -11.67 16.43
CA LYS C 188 -31.43 -10.96 17.60
C LYS C 188 -31.53 -11.86 18.83
N ARG C 189 -30.77 -12.95 18.87
CA ARG C 189 -30.56 -13.66 20.12
C ARG C 189 -29.62 -12.93 21.04
N ILE C 190 -29.14 -11.74 20.66
CA ILE C 190 -28.27 -10.96 21.51
C ILE C 190 -28.99 -10.36 22.70
N ASN C 191 -30.32 -10.45 22.74
CA ASN C 191 -31.11 -10.03 23.88
C ASN C 191 -31.44 -11.18 24.82
N GLY C 192 -30.68 -12.27 24.75
CA GLY C 192 -30.90 -13.42 25.59
C GLY C 192 -29.70 -13.73 26.46
N PRO C 193 -29.50 -15.01 26.75
CA PRO C 193 -28.40 -15.41 27.65
C PRO C 193 -27.02 -15.35 27.03
N ILE C 194 -26.90 -15.12 25.73
CA ILE C 194 -25.57 -15.05 25.11
C ILE C 194 -25.00 -13.64 25.08
N GLY C 195 -25.86 -12.62 25.15
CA GLY C 195 -25.37 -11.26 25.24
C GLY C 195 -25.12 -10.83 26.67
N TYR C 196 -25.84 -11.45 27.60
CA TYR C 196 -25.68 -11.14 29.02
C TYR C 196 -24.37 -11.65 29.59
N ALA C 197 -23.69 -12.56 28.91
CA ALA C 197 -22.36 -12.98 29.32
C ALA C 197 -21.28 -12.13 28.66
N VAL C 198 -21.48 -11.74 27.40
CA VAL C 198 -20.54 -10.86 26.73
C VAL C 198 -20.48 -9.51 27.44
N ASP C 199 -21.65 -8.94 27.76
CA ASP C 199 -21.67 -7.67 28.48
C ASP C 199 -21.27 -7.80 29.94
N GLY C 200 -21.19 -9.02 30.47
CA GLY C 200 -20.82 -9.22 31.85
C GLY C 200 -19.33 -9.44 32.05
N PHE C 201 -18.70 -10.14 31.11
CA PHE C 201 -17.25 -10.33 31.17
C PHE C 201 -16.48 -9.05 30.86
N GLY C 202 -17.15 -7.99 30.43
CA GLY C 202 -16.51 -6.73 30.15
C GLY C 202 -16.61 -5.70 31.25
N ILE C 203 -17.35 -5.99 32.32
CA ILE C 203 -17.32 -5.14 33.51
C ILE C 203 -16.22 -5.60 34.48
N ILE C 204 -15.94 -6.90 34.52
CA ILE C 204 -14.92 -7.42 35.42
C ILE C 204 -13.53 -6.94 35.01
N ALA C 205 -13.22 -7.02 33.72
CA ALA C 205 -11.94 -6.53 33.22
C ALA C 205 -11.77 -5.05 33.52
N THR C 206 -12.83 -4.25 33.31
CA THR C 206 -12.75 -2.82 33.56
C THR C 206 -12.55 -2.52 35.03
N ILE C 207 -13.27 -3.23 35.91
CA ILE C 207 -13.13 -2.99 37.35
C ILE C 207 -11.72 -3.30 37.80
N PHE C 208 -11.14 -4.40 37.32
CA PHE C 208 -9.80 -4.75 37.77
C PHE C 208 -8.74 -3.80 37.20
N GLY C 209 -8.88 -3.43 35.92
CA GLY C 209 -7.94 -2.47 35.34
C GLY C 209 -8.06 -1.08 35.92
N LEU C 210 -9.21 -0.73 36.48
CA LEU C 210 -9.38 0.56 37.13
C LEU C 210 -8.94 0.54 38.59
N GLY C 211 -9.10 -0.59 39.27
CA GLY C 211 -8.63 -0.71 40.64
C GLY C 211 -7.15 -0.93 40.78
N ALA C 212 -6.50 -1.43 39.73
CA ALA C 212 -5.04 -1.50 39.73
C ALA C 212 -4.39 -0.15 39.46
N ASP C 213 -5.15 0.85 39.02
CA ASP C 213 -4.61 2.17 38.74
C ASP C 213 -4.67 3.11 39.94
N MET C 214 -5.58 2.88 40.87
CA MET C 214 -5.59 3.66 42.09
C MET C 214 -4.49 3.23 43.04
N GLY C 215 -4.07 1.97 42.98
CA GLY C 215 -2.96 1.52 43.80
C GLY C 215 -1.63 2.07 43.34
N PHE C 216 -1.46 2.28 42.04
CA PHE C 216 -0.25 2.91 41.54
C PHE C 216 -0.21 4.40 41.84
N GLY C 217 -1.35 5.00 42.18
CA GLY C 217 -1.38 6.41 42.51
C GLY C 217 -1.24 6.66 43.99
N VAL C 218 -1.75 5.73 44.80
CA VAL C 218 -1.63 5.88 46.26
C VAL C 218 -0.17 5.89 46.68
N LEU C 219 0.65 5.01 46.08
CA LEU C 219 2.06 4.96 46.43
C LEU C 219 2.81 6.21 45.97
N HIS C 220 2.53 6.67 44.75
CA HIS C 220 3.11 7.91 44.24
C HIS C 220 2.81 9.08 45.18
N LEU C 221 1.55 9.23 45.59
CA LEU C 221 1.19 10.35 46.45
C LEU C 221 1.78 10.21 47.84
N ASN C 222 1.85 8.99 48.37
CA ASN C 222 2.45 8.79 49.68
C ASN C 222 3.92 9.18 49.67
N SER C 223 4.66 8.79 48.64
CA SER C 223 6.06 9.20 48.55
C SER C 223 6.19 10.70 48.36
N GLY C 224 5.30 11.31 47.57
CA GLY C 224 5.38 12.74 47.36
C GLY C 224 5.15 13.54 48.62
N LEU C 225 4.27 13.06 49.50
CA LEU C 225 4.05 13.75 50.76
C LEU C 225 5.14 13.43 51.77
N ASP C 226 5.70 12.23 51.74
CA ASP C 226 6.79 11.87 52.63
C ASP C 226 8.06 12.65 52.29
N TYR C 227 8.22 13.06 51.04
CA TYR C 227 9.37 13.88 50.68
C TYR C 227 9.27 15.28 51.28
N LEU C 228 8.10 15.92 51.14
CA LEU C 228 7.94 17.28 51.63
C LEU C 228 7.85 17.32 53.15
N PHE C 229 6.84 16.67 53.71
CA PHE C 229 6.62 16.64 55.14
C PHE C 229 7.20 15.35 55.72
N GLY C 230 6.89 15.06 56.97
CA GLY C 230 7.39 13.86 57.60
C GLY C 230 6.36 12.75 57.72
N VAL C 231 5.58 12.53 56.67
CA VAL C 231 4.49 11.55 56.73
C VAL C 231 5.06 10.16 56.49
N PRO C 232 4.81 9.19 57.38
CA PRO C 232 5.36 7.84 57.19
C PRO C 232 4.64 7.05 56.11
N HIS C 233 5.00 5.77 55.96
CA HIS C 233 4.42 4.89 54.96
C HIS C 233 3.51 3.83 55.59
N THR C 234 2.77 4.21 56.63
CA THR C 234 1.98 3.24 57.39
C THR C 234 0.72 2.87 56.60
N GLN C 235 -0.18 2.13 57.24
CA GLN C 235 -1.34 1.57 56.56
C GLN C 235 -2.60 2.44 56.67
N TRP C 236 -2.83 3.07 57.83
CA TRP C 236 -3.96 3.98 57.94
C TRP C 236 -3.79 5.20 57.05
N ILE C 237 -2.55 5.57 56.74
CA ILE C 237 -2.31 6.67 55.80
C ILE C 237 -2.87 6.33 54.43
N GLN C 238 -2.56 5.13 53.93
CA GLN C 238 -3.08 4.72 52.64
C GLN C 238 -4.59 4.49 52.68
N VAL C 239 -5.11 3.98 53.80
CA VAL C 239 -6.55 3.80 53.93
C VAL C 239 -7.28 5.13 53.85
N GLY C 240 -6.75 6.15 54.52
CA GLY C 240 -7.35 7.48 54.45
C GLY C 240 -7.06 8.23 53.18
N LEU C 241 -6.05 7.81 52.42
CA LEU C 241 -5.74 8.46 51.15
C LEU C 241 -6.64 7.93 50.02
N ILE C 242 -6.98 6.64 50.06
CA ILE C 242 -7.93 6.09 49.09
C ILE C 242 -9.27 6.80 49.20
N THR C 243 -9.71 7.08 50.43
CA THR C 243 -10.97 7.78 50.65
C THR C 243 -10.97 9.15 49.98
N LEU C 244 -9.88 9.91 50.12
CA LEU C 244 -9.81 11.22 49.51
C LEU C 244 -9.73 11.11 47.98
N MET C 245 -9.02 10.09 47.47
CA MET C 245 -8.91 9.95 46.03
C MET C 245 -10.24 9.56 45.39
N MET C 246 -11.10 8.85 46.12
CA MET C 246 -12.37 8.39 45.56
C MET C 246 -13.55 9.33 45.84
N GLY C 247 -13.57 10.00 46.98
CA GLY C 247 -14.63 10.95 47.26
C GLY C 247 -14.63 12.17 46.36
N ALA C 248 -13.49 12.52 45.78
CA ALA C 248 -13.46 13.59 44.82
C ALA C 248 -13.94 13.15 43.44
N ALA C 249 -13.88 11.85 43.16
CA ALA C 249 -14.33 11.33 41.88
C ALA C 249 -15.80 10.93 41.88
N ILE C 250 -16.36 10.63 43.05
CA ILE C 250 -17.79 10.32 43.12
C ILE C 250 -18.63 11.59 43.14
N LEU C 251 -18.18 12.61 43.89
CA LEU C 251 -18.91 13.86 43.99
C LEU C 251 -18.87 14.68 42.70
N VAL C 252 -17.93 14.44 41.81
CA VAL C 252 -17.98 15.07 40.50
C VAL C 252 -18.91 14.32 39.57
N ALA C 253 -19.03 13.00 39.74
CA ALA C 253 -19.92 12.22 38.88
C ALA C 253 -21.38 12.43 39.25
N ILE C 254 -21.69 12.65 40.52
CA ILE C 254 -23.08 12.78 40.95
C ILE C 254 -23.50 14.24 41.13
N ALA C 255 -22.76 15.18 40.54
CA ALA C 255 -23.13 16.59 40.67
C ALA C 255 -23.09 17.39 39.37
N GLY C 256 -22.62 16.82 38.28
CA GLY C 256 -22.57 17.55 37.03
C GLY C 256 -21.63 16.87 36.05
N VAL C 257 -21.62 17.41 34.83
CA VAL C 257 -20.87 16.80 33.74
C VAL C 257 -19.83 17.78 33.21
N ASP C 258 -20.28 18.94 32.71
CA ASP C 258 -19.37 19.98 32.28
C ASP C 258 -18.85 20.73 33.50
N LYS C 259 -17.90 21.65 33.26
CA LYS C 259 -16.91 22.02 34.28
C LYS C 259 -16.36 20.72 34.86
N GLY C 260 -15.71 19.96 33.99
CA GLY C 260 -15.58 18.54 34.15
C GLY C 260 -15.23 17.92 32.82
N VAL C 261 -16.00 16.92 32.37
CA VAL C 261 -15.64 16.08 31.23
C VAL C 261 -15.07 16.87 30.06
N ARG C 262 -15.58 18.08 29.80
CA ARG C 262 -15.14 18.86 28.65
C ARG C 262 -14.26 20.04 29.00
N VAL C 263 -14.24 20.48 30.26
CA VAL C 263 -13.42 21.62 30.66
C VAL C 263 -12.09 21.18 31.23
N MET C 264 -12.09 20.13 32.04
CA MET C 264 -10.86 19.57 32.58
C MET C 264 -9.94 19.07 31.47
N SER C 265 -10.51 18.58 30.37
CA SER C 265 -9.70 18.11 29.25
C SER C 265 -8.85 19.24 28.67
N ASP C 266 -9.31 20.48 28.78
CA ASP C 266 -8.52 21.63 28.37
C ASP C 266 -7.68 22.20 29.50
N ILE C 267 -8.14 22.04 30.75
CA ILE C 267 -7.36 22.57 31.87
C ILE C 267 -6.07 21.79 32.07
N ASN C 268 -6.14 20.46 32.03
CA ASN C 268 -4.95 19.67 32.34
C ASN C 268 -3.98 19.57 31.17
N MET C 269 -4.48 19.69 29.94
CA MET C 269 -3.63 19.67 28.77
C MET C 269 -2.70 20.88 28.74
N LEU C 270 -3.05 21.97 29.39
CA LEU C 270 -2.16 23.12 29.51
C LEU C 270 -1.28 23.06 30.75
N LEU C 271 -1.63 22.24 31.74
CA LEU C 271 -0.74 22.01 32.87
C LEU C 271 0.41 21.09 32.48
N ALA C 272 0.14 20.11 31.60
CA ALA C 272 1.18 19.15 31.24
C ALA C 272 2.28 19.79 30.39
N CYS C 273 1.88 20.64 29.43
CA CYS C 273 2.84 21.18 28.47
C CYS C 273 3.84 22.11 29.15
N ALA C 274 3.40 22.88 30.15
CA ALA C 274 4.32 23.78 30.83
C ALA C 274 5.41 23.00 31.57
N LEU C 275 5.03 21.89 32.22
CA LEU C 275 6.02 21.08 32.92
C LEU C 275 6.98 20.41 31.94
N LEU C 276 6.45 19.91 30.82
CA LEU C 276 7.34 19.30 29.82
C LEU C 276 8.33 20.32 29.28
N LEU C 277 7.87 21.54 28.99
CA LEU C 277 8.77 22.57 28.46
C LEU C 277 9.79 23.02 29.50
N PHE C 278 9.38 23.09 30.77
CA PHE C 278 10.34 23.41 31.83
C PHE C 278 11.43 22.37 31.91
N VAL C 279 11.05 21.09 31.91
CA VAL C 279 12.06 20.03 31.99
C VAL C 279 12.96 20.03 30.76
N LEU C 280 12.43 20.40 29.59
CA LEU C 280 13.24 20.42 28.39
C LEU C 280 14.23 21.58 28.39
N PHE C 281 13.80 22.77 28.79
CA PHE C 281 14.63 23.96 28.68
C PHE C 281 15.48 24.23 29.92
N ALA C 282 15.28 23.51 31.02
CA ALA C 282 16.13 23.65 32.19
C ALA C 282 17.17 22.55 32.30
N GLY C 283 17.30 21.71 31.28
CA GLY C 283 18.31 20.68 31.26
C GLY C 283 19.20 20.78 30.04
N PRO C 284 19.84 19.67 29.65
CA PRO C 284 20.68 19.63 28.43
C PRO C 284 19.85 19.54 27.14
N THR C 285 19.44 20.71 26.64
CA THR C 285 18.48 20.76 25.55
C THR C 285 18.98 20.08 24.29
N GLN C 286 20.26 20.26 23.97
CA GLN C 286 20.80 19.75 22.72
C GLN C 286 20.84 18.22 22.70
N HIS C 287 21.36 17.63 23.77
CA HIS C 287 21.38 16.18 23.91
C HIS C 287 19.98 15.59 23.79
N LEU C 288 18.99 16.24 24.41
CA LEU C 288 17.63 15.72 24.37
C LEU C 288 17.04 15.81 22.97
N LEU C 289 17.30 16.92 22.27
CA LEU C 289 16.80 17.05 20.90
C LEU C 289 17.42 16.02 19.97
N ASN C 290 18.68 15.63 20.22
CA ASN C 290 19.28 14.59 19.39
C ASN C 290 18.72 13.20 19.69
N THR C 291 18.62 12.85 20.97
CA THR C 291 18.16 11.51 21.32
C THR C 291 16.68 11.31 20.99
N LEU C 292 15.89 12.38 21.00
CA LEU C 292 14.49 12.25 20.59
C LEU C 292 14.38 11.76 19.16
N VAL C 293 15.23 12.26 18.27
CA VAL C 293 15.19 11.85 16.87
C VAL C 293 15.84 10.48 16.69
N GLN C 294 16.84 10.14 17.51
CA GLN C 294 17.41 8.79 17.43
C GLN C 294 16.38 7.72 17.79
N ASN C 295 15.59 7.96 18.83
CA ASN C 295 14.67 6.95 19.33
C ASN C 295 13.57 6.60 18.31
N ILE C 296 13.10 7.60 17.56
CA ILE C 296 12.06 7.36 16.57
C ILE C 296 12.56 6.40 15.49
N GLY C 297 13.77 6.63 15.00
CA GLY C 297 14.33 5.73 14.00
C GLY C 297 14.56 4.33 14.53
N ASP C 298 15.08 4.23 15.76
CA ASP C 298 15.25 2.91 16.35
C ASP C 298 13.93 2.15 16.42
N TYR C 299 12.88 2.81 16.89
CA TYR C 299 11.58 2.16 17.03
C TYR C 299 11.02 1.73 15.68
N LEU C 300 11.03 2.64 14.71
CA LEU C 300 10.48 2.30 13.39
C LEU C 300 11.27 1.20 12.71
N GLY C 301 12.57 1.10 13.00
CA GLY C 301 13.36 0.04 12.39
C GLY C 301 13.13 -1.30 13.06
N ALA C 302 12.92 -1.32 14.37
CA ALA C 302 12.78 -2.57 15.10
C ALA C 302 11.35 -3.10 15.20
N LEU C 303 10.35 -2.29 14.84
CA LEU C 303 8.96 -2.68 15.06
C LEU C 303 8.56 -4.05 14.51
N PRO C 304 8.85 -4.42 13.26
CA PRO C 304 8.25 -5.66 12.72
C PRO C 304 8.77 -6.94 13.37
N SER C 305 9.99 -6.96 13.89
CA SER C 305 10.54 -8.16 14.50
C SER C 305 10.42 -8.18 16.01
N LYS C 306 10.21 -7.04 16.65
CA LYS C 306 10.09 -6.96 18.10
C LYS C 306 8.70 -7.33 18.60
N SER C 307 7.72 -7.45 17.71
CA SER C 307 6.35 -7.79 18.10
C SER C 307 6.19 -9.25 18.47
N PHE C 308 7.16 -10.11 18.12
CA PHE C 308 7.05 -11.54 18.35
C PHE C 308 8.18 -12.08 19.23
N ASP C 309 8.89 -11.20 19.95
CA ASP C 309 10.07 -11.61 20.69
C ASP C 309 9.66 -12.13 22.07
N VAL C 310 9.97 -13.40 22.33
CA VAL C 310 9.69 -14.03 23.60
C VAL C 310 10.95 -14.58 24.27
N TYR C 311 12.13 -14.34 23.68
CA TYR C 311 13.42 -14.79 24.21
C TYR C 311 13.44 -16.30 24.40
N ALA C 312 13.17 -17.01 23.31
CA ALA C 312 12.97 -18.46 23.36
C ALA C 312 14.25 -19.26 23.33
N TYR C 313 15.38 -18.66 22.97
CA TYR C 313 16.65 -19.37 22.90
C TYR C 313 17.58 -19.01 24.04
N ASN C 314 17.12 -18.25 25.01
CA ASN C 314 17.89 -17.90 26.19
C ASN C 314 17.54 -18.83 27.35
N LYS C 315 18.30 -18.69 28.43
CA LYS C 315 18.01 -19.46 29.63
C LYS C 315 16.67 -19.02 30.21
N PRO C 316 15.86 -19.95 30.70
CA PRO C 316 14.54 -19.57 31.23
C PRO C 316 14.62 -18.55 32.35
N SER C 317 13.58 -17.74 32.45
CA SER C 317 13.55 -16.63 33.40
C SER C 317 12.09 -16.19 33.57
N ASP C 318 11.90 -15.14 34.36
CA ASP C 318 10.58 -14.62 34.66
C ASP C 318 10.43 -13.15 34.24
N TRP C 319 11.23 -12.73 33.26
CA TRP C 319 11.20 -11.34 32.85
C TRP C 319 9.93 -10.99 32.08
N LEU C 320 9.44 -11.92 31.26
CA LEU C 320 8.35 -11.58 30.34
C LEU C 320 7.03 -11.36 31.06
N GLY C 321 6.82 -12.02 32.19
CA GLY C 321 5.55 -11.89 32.88
C GLY C 321 5.39 -10.66 33.73
N GLY C 322 6.47 -9.93 33.96
CA GLY C 322 6.40 -8.72 34.75
C GLY C 322 6.45 -7.47 33.91
N TRP C 323 6.91 -7.57 32.67
CA TRP C 323 7.03 -6.39 31.82
C TRP C 323 6.15 -6.44 30.58
N THR C 324 6.32 -7.42 29.68
CA THR C 324 5.65 -7.30 28.40
C THR C 324 4.25 -7.91 28.37
N VAL C 325 3.99 -8.93 29.18
CA VAL C 325 2.65 -9.51 29.21
C VAL C 325 1.72 -8.66 30.08
N PHE C 326 2.25 -8.07 31.15
CA PHE C 326 1.45 -7.18 31.98
C PHE C 326 0.90 -6.01 31.18
N TYR C 327 1.69 -5.47 30.25
CA TYR C 327 1.25 -4.28 29.52
C TYR C 327 0.14 -4.61 28.53
N TRP C 328 0.22 -5.75 27.84
CA TRP C 328 -0.88 -6.11 26.96
C TRP C 328 -2.14 -6.41 27.74
N ALA C 329 -2.03 -7.13 28.86
CA ALA C 329 -3.20 -7.35 29.71
C ALA C 329 -3.81 -6.02 30.16
N TRP C 330 -2.96 -5.05 30.48
CA TRP C 330 -3.40 -3.72 30.91
C TRP C 330 -4.18 -3.00 29.82
N TRP C 331 -3.64 -2.94 28.61
CA TRP C 331 -4.35 -2.25 27.53
C TRP C 331 -5.65 -2.94 27.18
N ILE C 332 -5.66 -4.27 27.20
CA ILE C 332 -6.90 -4.98 26.89
C ILE C 332 -7.95 -4.73 27.96
N ALA C 333 -7.54 -4.64 29.22
CA ALA C 333 -8.51 -4.34 30.27
C ALA C 333 -9.00 -2.90 30.22
N TRP C 334 -8.22 -1.99 29.66
CA TRP C 334 -8.67 -0.60 29.53
C TRP C 334 -9.47 -0.32 28.27
N ALA C 335 -9.39 -1.19 27.26
CA ALA C 335 -10.09 -0.94 25.98
C ALA C 335 -11.59 -0.75 26.10
N PRO C 336 -12.37 -1.61 26.77
CA PRO C 336 -13.83 -1.49 26.72
C PRO C 336 -14.40 -0.22 27.33
N PHE C 337 -13.58 0.59 28.00
CA PHE C 337 -14.01 1.85 28.58
C PHE C 337 -13.64 3.05 27.72
N VAL C 338 -12.38 3.14 27.30
CA VAL C 338 -11.96 4.23 26.42
C VAL C 338 -12.66 4.12 25.08
N GLY C 339 -12.86 2.91 24.57
CA GLY C 339 -13.55 2.76 23.30
C GLY C 339 -14.99 3.24 23.35
N LEU C 340 -15.72 2.85 24.39
CA LEU C 340 -17.11 3.27 24.53
C LEU C 340 -17.22 4.74 24.88
N PHE C 341 -16.19 5.34 25.47
CA PHE C 341 -16.23 6.78 25.70
C PHE C 341 -15.97 7.58 24.43
N ILE C 342 -15.04 7.12 23.58
CA ILE C 342 -14.73 7.87 22.36
C ILE C 342 -15.66 7.55 21.22
N ALA C 343 -16.46 6.49 21.31
CA ALA C 343 -17.48 6.24 20.29
C ALA C 343 -18.72 7.11 20.47
N ARG C 344 -18.77 7.94 21.50
CA ARG C 344 -19.91 8.80 21.75
C ARG C 344 -19.71 10.23 21.27
N ILE C 345 -18.48 10.62 20.96
CA ILE C 345 -18.18 11.99 20.52
C ILE C 345 -17.68 12.01 19.09
N SER C 346 -17.91 10.94 18.33
CA SER C 346 -17.35 10.81 16.99
C SER C 346 -18.42 10.50 15.97
N ARG C 347 -19.56 11.18 16.06
CA ARG C 347 -20.63 11.01 15.09
C ARG C 347 -20.45 11.98 13.93
N GLY C 348 -20.54 11.46 12.72
CA GLY C 348 -20.39 12.27 11.53
C GLY C 348 -19.00 12.32 10.94
N ARG C 349 -18.14 11.38 11.27
CA ARG C 349 -16.80 11.30 10.72
C ARG C 349 -16.63 10.03 9.92
N THR C 350 -15.62 10.03 9.05
CA THR C 350 -15.30 8.82 8.31
C THR C 350 -14.39 7.92 9.12
N ILE C 351 -14.19 6.71 8.63
CA ILE C 351 -13.36 5.74 9.36
C ILE C 351 -11.90 6.14 9.28
N ARG C 352 -11.46 6.66 8.14
CA ARG C 352 -10.05 6.99 7.96
C ARG C 352 -9.61 8.12 8.87
N GLU C 353 -10.40 9.21 8.94
CA GLU C 353 -10.02 10.32 9.79
C GLU C 353 -10.32 10.07 11.26
N PHE C 354 -11.00 8.98 11.59
CA PHE C 354 -11.12 8.53 12.97
C PHE C 354 -9.88 7.76 13.38
N VAL C 355 -9.45 6.80 12.55
CA VAL C 355 -8.28 6.00 12.87
C VAL C 355 -7.01 6.85 12.88
N PHE C 356 -6.79 7.63 11.83
CA PHE C 356 -5.60 8.47 11.76
C PHE C 356 -5.68 9.67 12.68
N GLY C 357 -6.79 9.87 13.38
CA GLY C 357 -6.89 10.92 14.37
C GLY C 357 -6.63 10.37 15.75
N VAL C 358 -7.01 9.11 15.97
CA VAL C 358 -6.65 8.45 17.22
C VAL C 358 -5.17 8.07 17.25
N LEU C 359 -4.57 7.78 16.10
CA LEU C 359 -3.17 7.35 16.05
C LEU C 359 -2.21 8.49 15.75
N LEU C 360 -2.58 9.75 15.98
CA LEU C 360 -1.69 10.86 15.63
C LEU C 360 -1.26 11.69 16.83
N ILE C 361 -2.19 12.30 17.56
CA ILE C 361 -1.85 13.30 18.57
C ILE C 361 -1.48 12.68 19.91
N PRO C 362 -2.31 11.78 20.47
CA PRO C 362 -1.95 11.20 21.78
C PRO C 362 -0.68 10.40 21.73
N LEU C 363 -0.47 9.65 20.65
CA LEU C 363 0.78 8.91 20.47
C LEU C 363 1.97 9.86 20.49
N GLY C 364 1.88 10.98 19.78
CA GLY C 364 2.98 11.92 19.75
C GLY C 364 3.29 12.50 21.11
N PHE C 365 2.26 12.98 21.82
CA PHE C 365 2.50 13.56 23.14
C PHE C 365 3.08 12.55 24.10
N THR C 366 2.55 11.32 24.11
CA THR C 366 3.02 10.30 25.04
C THR C 366 4.47 9.93 24.75
N LEU C 367 4.83 9.77 23.47
CA LEU C 367 6.19 9.38 23.15
C LEU C 367 7.18 10.50 23.46
N ALA C 368 6.79 11.76 23.22
CA ALA C 368 7.67 12.87 23.58
C ALA C 368 7.91 12.92 25.08
N TRP C 369 6.84 12.81 25.87
CA TRP C 369 6.98 12.78 27.32
C TRP C 369 7.93 11.67 27.76
N MET C 370 7.68 10.44 27.31
CA MET C 370 8.49 9.31 27.76
C MET C 370 9.94 9.49 27.37
N SER C 371 10.21 9.95 26.15
CA SER C 371 11.59 10.06 25.69
C SER C 371 12.34 11.12 26.48
N ILE C 372 11.75 12.31 26.65
CA ILE C 372 12.45 13.37 27.38
C ILE C 372 12.72 12.95 28.81
N PHE C 373 11.69 12.44 29.51
CA PHE C 373 11.87 12.09 30.91
C PHE C 373 12.80 10.91 31.11
N GLY C 374 12.89 9.99 30.15
CA GLY C 374 13.78 8.86 30.32
C GLY C 374 15.23 9.18 30.01
N ASN C 375 15.47 9.93 28.94
CA ASN C 375 16.84 10.28 28.61
C ASN C 375 17.42 11.27 29.60
N SER C 376 16.58 12.13 30.19
CA SER C 376 17.08 13.08 31.17
C SER C 376 17.67 12.40 32.40
N ALA C 377 17.29 11.15 32.68
CA ALA C 377 17.81 10.39 33.81
C ALA C 377 18.89 9.40 33.40
N ILE C 378 18.78 8.80 32.21
CA ILE C 378 19.89 8.00 31.71
C ILE C 378 21.15 8.83 31.61
N ASP C 379 21.01 10.09 31.18
CA ASP C 379 22.18 10.97 31.05
C ASP C 379 22.86 11.21 32.39
N GLN C 380 22.12 11.21 33.49
CA GLN C 380 22.69 11.47 34.79
C GLN C 380 23.24 10.22 35.45
N VAL C 381 22.68 9.05 35.14
CA VAL C 381 23.25 7.84 35.71
C VAL C 381 24.52 7.43 34.96
N LEU C 382 24.58 7.60 33.64
CA LEU C 382 25.79 7.23 32.93
C LEU C 382 26.90 8.28 33.08
N ASN C 383 26.59 9.53 32.76
CA ASN C 383 27.63 10.52 32.52
C ASN C 383 28.07 11.29 33.75
N HIS C 384 27.22 11.39 34.77
CA HIS C 384 27.54 12.18 35.95
C HIS C 384 27.72 11.37 37.22
N GLY C 385 27.62 10.04 37.13
CA GLY C 385 27.92 9.19 38.27
C GLY C 385 27.01 9.39 39.46
N MET C 386 25.74 9.00 39.33
CA MET C 386 24.76 9.05 40.40
C MET C 386 24.27 7.62 40.63
N ALA C 387 24.87 6.93 41.59
CA ALA C 387 24.50 5.55 41.87
C ALA C 387 23.30 5.46 42.80
N ALA C 388 23.14 6.43 43.71
CA ALA C 388 22.00 6.43 44.61
C ALA C 388 20.68 6.68 43.88
N LEU C 389 20.73 7.30 42.70
CA LEU C 389 19.53 7.44 41.89
C LEU C 389 19.19 6.13 41.18
N GLY C 390 20.21 5.40 40.72
CA GLY C 390 19.99 4.15 40.04
C GLY C 390 19.73 2.96 40.94
N GLN C 391 19.99 3.09 42.23
CA GLN C 391 19.69 2.00 43.16
C GLN C 391 18.25 2.03 43.65
N SER C 392 17.69 3.22 43.85
CA SER C 392 16.32 3.32 44.30
C SER C 392 15.34 2.89 43.21
N ALA C 393 15.74 2.98 41.94
CA ALA C 393 14.88 2.51 40.87
C ALA C 393 14.63 1.01 40.95
N ILE C 394 15.48 0.28 41.67
CA ILE C 394 15.36 -1.16 41.79
C ILE C 394 14.80 -1.49 43.16
N ASP C 395 15.22 -0.74 44.19
CA ASP C 395 14.69 -1.00 45.53
C ASP C 395 13.33 -0.33 45.75
N ASP C 396 13.27 0.99 45.65
CA ASP C 396 12.07 1.76 46.01
C ASP C 396 11.58 2.56 44.80
N PRO C 397 10.76 1.97 43.94
CA PRO C 397 10.49 2.55 42.62
C PRO C 397 9.57 3.76 42.59
N SER C 398 9.08 4.24 43.74
CA SER C 398 8.15 5.36 43.75
C SER C 398 8.76 6.63 44.31
N MET C 399 10.07 6.66 44.51
CA MET C 399 10.77 7.86 44.95
C MET C 399 11.78 8.37 43.95
N THR C 400 11.95 7.68 42.81
CA THR C 400 12.98 8.05 41.85
C THR C 400 12.69 9.39 41.20
N LEU C 401 11.41 9.69 40.95
CA LEU C 401 11.06 10.94 40.29
C LEU C 401 11.44 12.14 41.15
N TYR C 402 11.21 12.05 42.46
CA TYR C 402 11.56 13.16 43.35
C TYR C 402 13.05 13.26 43.59
N LEU C 403 13.80 12.17 43.40
CA LEU C 403 15.25 12.26 43.44
C LEU C 403 15.82 12.90 42.19
N LEU C 404 15.18 12.69 41.04
CA LEU C 404 15.63 13.36 39.82
C LEU C 404 15.25 14.84 39.83
N LEU C 405 14.04 15.16 40.29
CA LEU C 405 13.55 16.54 40.20
C LEU C 405 14.24 17.48 41.17
N GLU C 406 14.95 16.97 42.18
CA GLU C 406 15.58 17.82 43.17
C GLU C 406 16.99 18.25 42.75
N THR C 407 17.31 18.15 41.47
CA THR C 407 18.56 18.67 40.92
C THR C 407 18.29 19.83 39.95
N TYR C 408 17.18 20.54 40.14
CA TYR C 408 16.73 21.60 39.27
C TYR C 408 16.56 22.89 40.06
N PRO C 409 16.48 24.04 39.39
CA PRO C 409 16.23 25.29 40.11
C PRO C 409 14.82 25.35 40.67
N TRP C 410 14.70 25.80 41.91
CA TRP C 410 13.43 25.87 42.64
C TRP C 410 12.77 24.49 42.68
N SER C 411 13.44 23.55 43.34
CA SER C 411 12.97 22.17 43.36
C SER C 411 11.79 21.98 44.31
N LYS C 412 11.82 22.64 45.47
CA LYS C 412 10.72 22.50 46.41
C LYS C 412 9.45 23.16 45.91
N THR C 413 9.55 24.10 44.98
CA THR C 413 8.37 24.72 44.38
C THR C 413 7.89 23.96 43.15
N VAL C 414 8.73 23.14 42.55
CA VAL C 414 8.31 22.33 41.40
C VAL C 414 7.73 20.99 41.84
N ILE C 415 8.25 20.42 42.93
CA ILE C 415 7.70 19.17 43.43
C ILE C 415 6.28 19.38 43.94
N ALA C 416 6.02 20.52 44.58
CA ALA C 416 4.68 20.80 45.07
C ALA C 416 3.68 20.99 43.94
N VAL C 417 4.15 21.43 42.78
CA VAL C 417 3.26 21.58 41.62
C VAL C 417 3.09 20.25 40.91
N THR C 418 4.11 19.39 40.92
CA THR C 418 3.97 18.06 40.34
C THR C 418 2.97 17.22 41.11
N VAL C 419 3.04 17.27 42.45
CA VAL C 419 2.10 16.51 43.27
C VAL C 419 0.67 16.94 43.02
N PHE C 420 0.45 18.22 42.70
CA PHE C 420 -0.90 18.71 42.42
C PHE C 420 -1.34 18.38 41.00
N ILE C 421 -0.41 18.45 40.04
CA ILE C 421 -0.78 18.17 38.65
C ILE C 421 -1.12 16.70 38.47
N SER C 422 -0.40 15.81 39.17
CA SER C 422 -0.68 14.39 39.02
C SER C 422 -1.99 13.98 39.66
N PHE C 423 -2.57 14.81 40.52
CA PHE C 423 -3.80 14.45 41.22
C PHE C 423 -5.03 14.65 40.34
N VAL C 424 -5.01 15.61 39.41
CA VAL C 424 -6.16 15.79 38.53
C VAL C 424 -6.15 14.81 37.37
N PHE C 425 -4.99 14.25 37.04
CA PHE C 425 -4.93 13.22 36.01
C PHE C 425 -5.74 11.99 36.40
N PHE C 426 -5.86 11.71 37.70
CA PHE C 426 -6.66 10.57 38.14
C PHE C 426 -8.15 10.89 38.13
N VAL C 427 -8.52 12.11 38.55
CA VAL C 427 -9.92 12.49 38.62
C VAL C 427 -10.50 12.68 37.23
N THR C 428 -9.67 13.02 36.25
CA THR C 428 -10.17 13.17 34.89
C THR C 428 -10.55 11.83 34.28
N SER C 429 -9.89 10.74 34.67
CA SER C 429 -10.23 9.43 34.12
C SER C 429 -11.24 8.68 34.96
N ALA C 430 -11.06 8.62 36.27
CA ALA C 430 -12.00 7.87 37.10
C ALA C 430 -13.19 8.72 37.51
N ASP C 431 -13.74 9.43 36.54
CA ASP C 431 -15.09 9.97 36.61
C ASP C 431 -15.89 9.71 35.35
N SER C 432 -15.24 9.59 34.20
CA SER C 432 -15.84 8.94 33.04
C SER C 432 -15.83 7.43 33.21
N GLY C 433 -14.92 6.90 34.03
CA GLY C 433 -14.97 5.49 34.36
C GLY C 433 -16.32 5.08 34.93
N THR C 434 -16.78 5.80 35.94
CA THR C 434 -18.06 5.47 36.58
C THR C 434 -19.22 5.70 35.63
N VAL C 435 -19.15 6.75 34.82
CA VAL C 435 -20.22 7.05 33.88
C VAL C 435 -20.40 5.91 32.87
N VAL C 436 -19.29 5.48 32.26
CA VAL C 436 -19.37 4.38 31.31
C VAL C 436 -19.80 3.10 32.01
N LEU C 437 -19.26 2.84 33.20
CA LEU C 437 -19.56 1.61 33.90
C LEU C 437 -21.01 1.54 34.33
N SER C 438 -21.67 2.68 34.53
CA SER C 438 -23.09 2.69 34.87
C SER C 438 -23.99 2.72 33.66
N THR C 439 -23.55 3.32 32.55
CA THR C 439 -24.33 3.23 31.32
C THR C 439 -24.18 1.87 30.65
N LEU C 440 -23.25 1.05 31.10
CA LEU C 440 -23.09 -0.31 30.59
C LEU C 440 -23.94 -1.33 31.32
N SER C 441 -24.48 -0.97 32.48
CA SER C 441 -25.28 -1.88 33.30
C SER C 441 -26.75 -1.49 33.30
N ALA C 442 -27.17 -0.61 32.41
CA ALA C 442 -28.55 -0.14 32.34
C ALA C 442 -29.16 -0.54 31.00
N LYS C 443 -30.49 -0.51 30.96
CA LYS C 443 -31.25 -1.03 29.83
C LYS C 443 -32.32 -0.05 29.41
N GLY C 444 -32.53 0.06 28.11
CA GLY C 444 -33.58 0.90 27.57
C GLY C 444 -33.24 2.38 27.64
N GLY C 445 -34.20 3.19 27.20
CA GLY C 445 -34.06 4.64 27.23
C GLY C 445 -33.45 5.20 25.96
N ASN C 446 -33.40 6.53 25.92
CA ASN C 446 -32.83 7.23 24.77
C ASN C 446 -31.37 6.82 24.61
N PRO C 447 -30.92 6.44 23.41
CA PRO C 447 -29.52 6.05 23.23
C PRO C 447 -28.50 7.06 23.76
N ASP C 448 -28.56 8.32 23.33
CA ASP C 448 -27.63 9.33 23.81
C ASP C 448 -28.11 9.89 25.15
N GLU C 449 -28.08 9.01 26.15
CA GLU C 449 -28.58 9.33 27.49
C GLU C 449 -28.05 8.27 28.44
N ASP C 450 -27.60 8.70 29.61
CA ASP C 450 -26.84 7.83 30.50
C ASP C 450 -27.74 7.23 31.58
N GLY C 451 -27.22 6.16 32.21
CA GLY C 451 -27.97 5.41 33.18
C GLY C 451 -28.19 6.19 34.46
N PRO C 452 -28.82 5.53 35.44
CA PRO C 452 -29.17 6.21 36.68
C PRO C 452 -27.92 6.54 37.49
N LYS C 453 -28.04 7.59 38.32
CA LYS C 453 -26.92 8.08 39.10
C LYS C 453 -26.95 7.58 40.54
N TRP C 454 -27.51 6.39 40.76
CA TRP C 454 -27.24 5.65 41.97
C TRP C 454 -26.30 4.48 41.72
N LEU C 455 -26.02 4.17 40.45
CA LEU C 455 -25.06 3.15 40.08
C LEU C 455 -23.63 3.67 40.06
N ARG C 456 -23.44 4.98 39.87
CA ARG C 456 -22.11 5.56 39.95
C ARG C 456 -21.57 5.47 41.37
N VAL C 457 -22.41 5.81 42.35
CA VAL C 457 -22.02 5.71 43.75
C VAL C 457 -21.73 4.26 44.14
N PHE C 458 -22.32 3.29 43.44
CA PHE C 458 -22.05 1.89 43.73
C PHE C 458 -20.75 1.43 43.12
N TRP C 459 -20.56 1.70 41.82
CA TRP C 459 -19.35 1.26 41.13
C TRP C 459 -18.11 2.02 41.60
N GLY C 460 -18.28 3.17 42.25
CA GLY C 460 -17.15 3.86 42.83
C GLY C 460 -16.71 3.22 44.12
N VAL C 461 -17.67 2.81 44.94
CA VAL C 461 -17.33 2.16 46.20
C VAL C 461 -16.81 0.75 45.97
N ALA C 462 -17.26 0.09 44.90
CA ALA C 462 -16.80 -1.27 44.65
C ALA C 462 -15.34 -1.35 44.22
N THR C 463 -14.74 -0.24 43.77
CA THR C 463 -13.36 -0.27 43.29
C THR C 463 -12.35 -0.07 44.41
N ALA C 464 -12.70 0.72 45.43
CA ALA C 464 -11.80 0.89 46.57
C ALA C 464 -11.63 -0.42 47.34
N LEU C 465 -12.69 -1.22 47.40
CA LEU C 465 -12.61 -2.53 48.05
C LEU C 465 -11.67 -3.47 47.31
N ILE C 466 -11.60 -3.36 45.98
CA ILE C 466 -10.67 -4.19 45.21
C ILE C 466 -9.25 -3.66 45.33
N THR C 467 -9.09 -2.34 45.39
CA THR C 467 -7.75 -1.75 45.47
C THR C 467 -7.08 -2.03 46.81
N SER C 468 -7.80 -1.78 47.91
CA SER C 468 -7.21 -2.01 49.22
C SER C 468 -7.51 -3.41 49.72
N GLY C 469 -7.33 -4.39 48.84
CA GLY C 469 -7.20 -5.78 49.22
C GLY C 469 -5.94 -6.30 48.57
N LEU C 470 -5.57 -5.67 47.46
CA LEU C 470 -4.33 -5.99 46.77
C LEU C 470 -3.17 -5.12 47.23
N LEU C 471 -3.43 -3.92 47.78
CA LEU C 471 -2.34 -3.18 48.38
C LEU C 471 -1.77 -3.87 49.60
N PHE C 472 -2.59 -4.57 50.37
CA PHE C 472 -2.15 -5.21 51.60
C PHE C 472 -1.73 -6.66 51.40
N SER C 473 -1.38 -7.05 50.18
CA SER C 473 -0.98 -8.41 49.86
C SER C 473 0.22 -8.40 48.92
N GLY C 474 1.27 -7.65 49.27
CA GLY C 474 2.39 -7.56 48.36
C GLY C 474 2.16 -6.56 47.24
N SER C 475 2.16 -5.28 47.61
CA SER C 475 1.54 -4.20 46.84
C SER C 475 1.75 -4.25 45.33
N ILE C 476 2.99 -4.18 44.85
CA ILE C 476 3.20 -3.96 43.42
C ILE C 476 2.98 -5.25 42.63
N ASP C 477 3.53 -6.35 43.11
CA ASP C 477 3.44 -7.59 42.35
C ASP C 477 2.03 -8.16 42.36
N ALA C 478 1.28 -7.97 43.45
CA ALA C 478 -0.11 -8.43 43.45
C ALA C 478 -0.94 -7.63 42.46
N LEU C 479 -0.74 -6.32 42.40
CA LEU C 479 -1.43 -5.49 41.41
C LEU C 479 -1.08 -5.94 40.00
N LYS C 480 0.20 -6.20 39.74
CA LYS C 480 0.60 -6.64 38.41
C LYS C 480 0.03 -8.00 38.07
N SER C 481 -0.08 -8.89 39.05
CA SER C 481 -0.48 -10.27 38.78
C SER C 481 -1.99 -10.44 38.68
N ALA C 482 -2.77 -9.57 39.33
CA ALA C 482 -4.22 -9.73 39.29
C ALA C 482 -4.84 -9.30 37.97
N VAL C 483 -4.12 -8.52 37.16
CA VAL C 483 -4.67 -8.07 35.88
C VAL C 483 -4.45 -9.08 34.77
N VAL C 484 -3.40 -9.91 34.86
CA VAL C 484 -3.09 -10.86 33.81
C VAL C 484 -4.10 -12.00 33.77
N LEU C 485 -4.81 -12.25 34.86
CA LEU C 485 -5.74 -13.37 34.93
C LEU C 485 -7.14 -13.01 34.44
N THR C 486 -7.67 -11.88 34.90
CA THR C 486 -9.06 -11.51 34.63
C THR C 486 -9.26 -10.90 33.25
N SER C 487 -8.19 -10.69 32.48
CA SER C 487 -8.30 -10.14 31.14
C SER C 487 -8.19 -11.21 30.06
N LEU C 488 -8.17 -12.47 30.44
CA LEU C 488 -8.00 -13.59 29.51
C LEU C 488 -9.29 -13.96 28.78
N PRO C 489 -10.45 -14.03 29.45
CA PRO C 489 -11.68 -14.37 28.71
C PRO C 489 -12.22 -13.26 27.81
N PHE C 490 -11.69 -12.04 27.88
CA PHE C 490 -12.16 -10.97 27.02
C PHE C 490 -11.43 -10.91 25.68
N SER C 491 -10.23 -11.49 25.61
CA SER C 491 -9.47 -11.54 24.37
C SER C 491 -10.15 -12.37 23.30
N LEU C 492 -11.03 -13.30 23.66
CA LEU C 492 -11.75 -14.12 22.71
C LEU C 492 -13.01 -13.43 22.20
N ILE C 493 -13.71 -12.73 23.08
CA ILE C 493 -14.81 -11.88 22.65
C ILE C 493 -14.31 -10.83 21.68
N LEU C 494 -13.09 -10.33 21.91
CA LEU C 494 -12.53 -9.35 20.97
C LEU C 494 -12.22 -9.96 19.61
N LEU C 495 -12.15 -11.28 19.48
CA LEU C 495 -11.98 -11.92 18.18
C LEU C 495 -13.32 -12.22 17.51
N LEU C 496 -14.31 -12.63 18.31
CA LEU C 496 -15.66 -12.77 17.77
C LEU C 496 -16.19 -11.46 17.21
N MET C 497 -15.88 -10.35 17.87
CA MET C 497 -16.27 -9.04 17.36
C MET C 497 -15.62 -8.76 16.02
N MET C 498 -14.36 -9.15 15.85
CA MET C 498 -13.67 -8.95 14.58
C MET C 498 -14.32 -9.76 13.46
N TRP C 499 -14.67 -11.02 13.75
CA TRP C 499 -15.37 -11.85 12.77
C TRP C 499 -16.69 -11.20 12.35
N GLY C 500 -17.49 -10.76 13.32
CA GLY C 500 -18.75 -10.11 12.99
C GLY C 500 -18.57 -8.85 12.16
N LEU C 501 -17.56 -8.05 12.49
CA LEU C 501 -17.31 -6.83 11.73
C LEU C 501 -16.90 -7.14 10.30
N HIS C 502 -16.11 -8.18 10.10
CA HIS C 502 -15.73 -8.56 8.73
C HIS C 502 -16.96 -8.97 7.93
N LYS C 503 -17.86 -9.75 8.55
CA LYS C 503 -19.09 -10.13 7.84
C LYS C 503 -19.92 -8.91 7.49
N ALA C 504 -20.05 -7.95 8.41
CA ALA C 504 -20.83 -6.76 8.13
C ALA C 504 -20.19 -5.90 7.04
N PHE C 505 -18.86 -5.95 6.90
CA PHE C 505 -18.19 -5.20 5.84
C PHE C 505 -18.42 -5.84 4.48
N VAL C 506 -18.31 -7.16 4.39
CA VAL C 506 -18.54 -7.81 3.11
C VAL C 506 -20.02 -7.77 2.72
N MET C 507 -20.92 -7.63 3.69
CA MET C 507 -22.33 -7.56 3.36
C MET C 507 -22.72 -6.24 2.72
N GLU C 508 -21.88 -5.22 2.82
CA GLU C 508 -22.19 -3.93 2.22
C GLU C 508 -21.16 -3.47 1.21
N SER C 509 -20.06 -4.21 1.02
CA SER C 509 -19.26 -3.95 -0.17
C SER C 509 -20.05 -4.25 -1.44
N GLN C 510 -21.00 -5.18 -1.37
CA GLN C 510 -21.83 -5.56 -2.51
C GLN C 510 -23.12 -4.77 -2.58
N ARG C 511 -23.35 -3.85 -1.65
CA ARG C 511 -24.49 -2.95 -1.72
C ARG C 511 -24.21 -1.72 -2.57
N GLN C 512 -22.94 -1.40 -2.81
CA GLN C 512 -22.60 -0.33 -3.73
C GLN C 512 -22.62 -0.79 -5.17
N ILE C 513 -22.28 -2.07 -5.42
CA ILE C 513 -22.42 -2.62 -6.76
C ILE C 513 -23.87 -2.64 -7.19
N ALA C 514 -24.75 -3.10 -6.28
CA ALA C 514 -26.17 -3.22 -6.59
C ALA C 514 -26.88 -1.89 -6.66
N GLN C 515 -26.23 -0.77 -6.34
CA GLN C 515 -26.87 0.53 -6.52
C GLN C 515 -26.41 1.26 -7.76
N LEU C 516 -25.24 0.92 -8.31
CA LEU C 516 -24.80 1.49 -9.57
C LEU C 516 -25.43 0.77 -10.75
N TYR C 517 -25.49 -0.57 -10.69
CA TYR C 517 -26.04 -1.36 -11.79
C TYR C 517 -27.52 -1.10 -12.02
N SER C 518 -28.20 -0.47 -11.07
CA SER C 518 -29.64 -0.28 -11.17
C SER C 518 -30.04 1.12 -11.65
N LEU C 519 -29.12 1.86 -12.25
CA LEU C 519 -29.40 3.21 -12.75
C LEU C 519 -29.74 3.17 -14.23
N ALA C 520 -31.01 3.39 -14.55
CA ALA C 520 -31.53 3.52 -15.91
C ALA C 520 -31.01 2.41 -16.82
N PRO C 521 -31.46 1.16 -16.64
CA PRO C 521 -30.98 0.09 -17.52
C PRO C 521 -31.40 0.28 -18.97
N VAL C 522 -32.67 0.61 -19.18
CA VAL C 522 -33.18 0.89 -20.52
C VAL C 522 -34.27 1.94 -20.43
N SER C 523 -34.76 2.38 -21.57
CA SER C 523 -35.87 3.34 -21.62
C SER C 523 -37.20 2.58 -21.63
N GLY C 524 -38.29 3.29 -21.83
CA GLY C 524 -39.61 2.68 -21.80
C GLY C 524 -40.63 3.56 -21.12
N SER C 525 -40.16 4.50 -20.29
CA SER C 525 -41.05 5.48 -19.68
C SER C 525 -41.67 6.42 -20.70
N ARG C 526 -41.13 6.47 -21.92
CA ARG C 526 -41.75 7.29 -22.95
C ARG C 526 -43.08 6.71 -23.42
N ARG C 527 -43.34 5.43 -23.12
CA ARG C 527 -44.62 4.83 -23.48
C ARG C 527 -45.79 5.56 -22.82
N GLY C 528 -45.55 6.12 -21.63
CA GLY C 528 -46.54 6.95 -20.98
C GLY C 528 -47.57 6.15 -20.21
N GLY C 529 -48.26 6.86 -19.32
CA GLY C 529 -49.32 6.27 -18.52
C GLY C 529 -48.84 5.92 -17.13
N TRP C 530 -49.13 6.77 -16.15
CA TRP C 530 -48.70 6.49 -14.79
C TRP C 530 -49.59 5.47 -14.10
N ARG C 531 -50.77 5.20 -14.65
CA ARG C 531 -51.67 4.20 -14.07
C ARG C 531 -51.44 2.82 -14.65
N GLN C 532 -51.07 2.73 -15.93
CA GLN C 532 -50.77 1.45 -16.55
C GLN C 532 -49.34 0.99 -16.26
N ARG C 533 -48.42 1.93 -16.05
CA ARG C 533 -47.07 1.58 -15.64
C ARG C 533 -47.01 1.14 -14.18
N LEU C 534 -48.03 1.49 -13.40
CA LEU C 534 -48.04 1.13 -11.98
C LEU C 534 -48.60 -0.28 -11.78
N SER C 535 -49.66 -0.63 -12.52
CA SER C 535 -50.24 -1.96 -12.42
C SER C 535 -49.26 -3.03 -12.90
N GLN C 536 -48.49 -2.71 -13.94
CA GLN C 536 -47.49 -3.64 -14.47
C GLN C 536 -46.30 -3.82 -13.54
N ALA C 537 -46.08 -2.90 -12.61
CA ALA C 537 -44.88 -2.91 -11.78
C ALA C 537 -45.00 -3.82 -10.56
N VAL C 538 -46.08 -4.59 -10.45
CA VAL C 538 -46.28 -5.47 -9.30
C VAL C 538 -46.70 -6.86 -9.75
N HIS C 539 -46.60 -7.12 -11.05
CA HIS C 539 -47.00 -8.40 -11.61
C HIS C 539 -45.82 -9.35 -11.70
N TYR C 540 -46.09 -10.63 -11.43
CA TYR C 540 -45.08 -11.68 -11.54
C TYR C 540 -45.56 -12.72 -12.53
N PRO C 541 -44.96 -12.81 -13.72
CA PRO C 541 -45.50 -13.68 -14.76
C PRO C 541 -45.17 -15.15 -14.53
N SER C 542 -46.01 -16.01 -15.10
CA SER C 542 -45.82 -17.45 -15.03
C SER C 542 -44.89 -17.91 -16.15
N ARG C 543 -44.61 -19.21 -16.19
CA ARG C 543 -43.61 -19.75 -17.10
C ARG C 543 -43.98 -19.55 -18.56
N ASP C 544 -45.05 -20.17 -19.03
CA ASP C 544 -45.38 -20.10 -20.44
C ASP C 544 -46.14 -18.84 -20.81
N GLU C 545 -46.50 -18.01 -19.84
CA GLU C 545 -46.98 -16.68 -20.16
C GLU C 545 -45.87 -15.83 -20.77
N VAL C 546 -44.63 -16.05 -20.35
CA VAL C 546 -43.50 -15.39 -21.01
C VAL C 546 -43.23 -16.05 -22.37
N TYR C 547 -43.52 -17.35 -22.51
CA TYR C 547 -43.39 -17.99 -23.81
C TYR C 547 -44.35 -17.39 -24.84
N ARG C 548 -45.51 -16.92 -24.40
CA ARG C 548 -46.41 -16.18 -25.28
C ARG C 548 -45.96 -14.74 -25.50
N PHE C 549 -44.84 -14.34 -24.93
CA PHE C 549 -44.22 -13.05 -25.20
C PHE C 549 -43.01 -13.17 -26.11
N LEU C 550 -42.22 -14.23 -25.96
CA LEU C 550 -41.00 -14.40 -26.73
C LEU C 550 -41.28 -14.67 -28.20
N ASP C 551 -42.41 -15.29 -28.52
CA ASP C 551 -42.72 -15.69 -29.89
C ASP C 551 -43.67 -14.75 -30.60
N GLN C 552 -44.34 -13.86 -29.86
CA GLN C 552 -45.24 -12.88 -30.46
C GLN C 552 -44.64 -11.49 -30.60
N THR C 553 -43.62 -11.17 -29.82
CA THR C 553 -43.00 -9.84 -29.84
C THR C 553 -41.51 -9.88 -30.09
N VAL C 554 -40.79 -10.83 -29.49
CA VAL C 554 -39.34 -10.85 -29.61
C VAL C 554 -38.88 -11.59 -30.86
N ARG C 555 -39.47 -12.75 -31.16
CA ARG C 555 -39.09 -13.46 -32.38
C ARG C 555 -39.49 -12.70 -33.63
N PRO C 556 -40.72 -12.21 -33.79
CA PRO C 556 -41.06 -11.47 -35.02
C PRO C 556 -40.34 -10.14 -35.17
N ALA C 557 -39.49 -9.76 -34.23
CA ALA C 557 -38.73 -8.51 -34.31
C ALA C 557 -37.25 -8.76 -34.62
N ILE C 558 -36.64 -9.71 -33.92
CA ILE C 558 -35.23 -10.04 -34.18
C ILE C 558 -35.04 -10.48 -35.62
N ASP C 559 -35.94 -11.34 -36.12
CA ASP C 559 -35.88 -11.75 -37.51
C ASP C 559 -36.33 -10.65 -38.47
N GLU C 560 -36.86 -9.55 -37.96
CA GLU C 560 -37.35 -8.45 -38.79
C GLU C 560 -36.39 -7.28 -38.85
N VAL C 561 -35.71 -6.96 -37.75
CA VAL C 561 -34.75 -5.87 -37.77
C VAL C 561 -33.50 -6.29 -38.53
N THR C 562 -33.12 -7.58 -38.47
CA THR C 562 -31.94 -8.05 -39.17
C THR C 562 -32.14 -8.09 -40.68
N ALA C 563 -33.38 -8.11 -41.16
CA ALA C 563 -33.62 -8.06 -42.59
C ALA C 563 -33.03 -6.79 -43.20
N VAL C 564 -33.24 -5.65 -42.56
CA VAL C 564 -32.65 -4.41 -43.02
C VAL C 564 -31.13 -4.45 -42.89
N PHE C 565 -30.59 -5.29 -42.01
CA PHE C 565 -29.14 -5.31 -41.80
C PHE C 565 -28.40 -5.98 -42.94
N VAL C 566 -28.87 -7.17 -43.31
CA VAL C 566 -28.20 -7.98 -44.32
C VAL C 566 -28.18 -7.29 -45.64
N GLU C 567 -29.34 -6.79 -46.03
CA GLU C 567 -29.43 -6.12 -47.29
C GLU C 567 -29.07 -4.68 -47.10
N LYS C 568 -28.02 -4.44 -46.33
CA LYS C 568 -27.53 -3.09 -46.17
C LYS C 568 -26.03 -3.16 -45.99
N GLY C 569 -25.42 -4.25 -46.40
CA GLY C 569 -23.98 -4.30 -46.36
C GLY C 569 -23.32 -4.98 -45.20
N LEU C 570 -24.08 -5.67 -44.36
CA LEU C 570 -23.48 -6.21 -43.15
C LEU C 570 -23.45 -7.76 -43.05
N ASN C 571 -22.58 -8.32 -42.21
CA ASN C 571 -22.44 -9.78 -42.06
C ASN C 571 -23.14 -10.26 -40.82
N VAL C 572 -24.37 -10.68 -40.97
CA VAL C 572 -25.18 -11.03 -39.82
C VAL C 572 -25.16 -12.55 -39.68
N VAL C 573 -24.63 -13.03 -38.56
CA VAL C 573 -24.38 -14.46 -38.36
C VAL C 573 -25.60 -15.05 -37.65
N ASN C 574 -26.49 -15.69 -38.42
CA ASN C 574 -27.59 -16.42 -37.83
C ASN C 574 -27.16 -17.85 -37.49
N VAL C 575 -27.85 -18.42 -36.51
CA VAL C 575 -27.62 -19.79 -36.05
C VAL C 575 -28.97 -20.49 -35.96
N PRO C 576 -29.06 -21.79 -36.25
CA PRO C 576 -30.27 -22.53 -35.87
C PRO C 576 -30.46 -22.49 -34.36
N ASP C 577 -31.73 -22.47 -33.94
CA ASP C 577 -32.03 -22.26 -32.52
C ASP C 577 -32.25 -23.60 -31.83
N PRO C 578 -31.34 -24.06 -30.99
CA PRO C 578 -31.54 -25.35 -30.31
C PRO C 578 -32.14 -25.22 -28.92
N SER C 579 -32.27 -23.99 -28.44
CA SER C 579 -32.65 -23.75 -27.06
C SER C 579 -34.15 -23.64 -26.83
N ASN C 580 -34.91 -23.17 -27.82
CA ASN C 580 -36.37 -23.00 -27.81
C ASN C 580 -36.78 -21.80 -26.96
N ASP C 581 -35.86 -21.15 -26.28
CA ASP C 581 -36.19 -19.93 -25.54
C ASP C 581 -35.29 -18.76 -25.89
N SER C 582 -34.00 -19.01 -26.13
CA SER C 582 -33.07 -17.93 -26.43
C SER C 582 -33.29 -17.41 -27.85
N VAL C 583 -33.10 -16.11 -28.03
CA VAL C 583 -33.23 -15.45 -29.33
C VAL C 583 -31.98 -14.61 -29.51
N THR C 584 -30.98 -15.15 -30.19
CA THR C 584 -29.67 -14.53 -30.28
C THR C 584 -29.53 -13.76 -31.60
N LEU C 585 -28.72 -12.71 -31.57
CA LEU C 585 -28.40 -11.90 -32.73
C LEU C 585 -26.92 -11.53 -32.64
N GLU C 586 -26.22 -11.61 -33.77
CA GLU C 586 -24.78 -11.41 -33.77
C GLU C 586 -24.35 -10.75 -35.07
N ILE C 587 -23.28 -9.97 -35.00
CA ILE C 587 -22.77 -9.24 -36.15
C ILE C 587 -21.25 -9.15 -36.02
N GLY C 588 -20.55 -9.52 -37.09
CA GLY C 588 -19.09 -9.46 -37.12
C GLY C 588 -18.60 -8.15 -37.74
N HIS C 589 -17.55 -7.60 -37.15
CA HIS C 589 -16.98 -6.32 -37.60
C HIS C 589 -15.55 -6.51 -38.06
N GLY C 590 -15.31 -7.59 -38.81
CA GLY C 590 -13.96 -7.90 -39.26
C GLY C 590 -13.18 -8.72 -38.26
N GLU C 591 -12.27 -8.06 -37.54
CA GLU C 591 -11.40 -8.73 -36.58
C GLU C 591 -11.72 -8.41 -35.13
N GLU C 592 -12.12 -7.18 -34.82
CA GLU C 592 -12.35 -6.80 -33.43
C GLU C 592 -13.70 -7.33 -32.95
N ARG C 593 -14.10 -6.89 -31.77
CA ARG C 593 -15.16 -7.57 -31.02
C ARG C 593 -16.48 -7.50 -31.77
N PRO C 594 -17.28 -8.57 -31.74
CA PRO C 594 -18.58 -8.55 -32.40
C PRO C 594 -19.68 -7.99 -31.50
N PHE C 595 -20.92 -8.00 -31.98
CA PHE C 595 -22.05 -7.39 -31.29
C PHE C 595 -23.01 -8.49 -30.86
N ILE C 596 -22.95 -8.84 -29.60
CA ILE C 596 -23.83 -9.88 -29.04
C ILE C 596 -25.08 -9.21 -28.49
N TYR C 597 -26.24 -9.80 -28.79
CA TYR C 597 -27.51 -9.36 -28.21
C TYR C 597 -28.38 -10.60 -28.01
N GLN C 598 -28.34 -11.15 -26.80
CA GLN C 598 -28.99 -12.42 -26.50
C GLN C 598 -30.04 -12.24 -25.41
N VAL C 599 -31.25 -12.73 -25.68
CA VAL C 599 -32.33 -12.77 -24.70
C VAL C 599 -32.42 -14.18 -24.16
N GLN C 600 -32.83 -14.33 -22.90
CA GLN C 600 -32.89 -15.64 -22.29
C GLN C 600 -33.83 -15.63 -21.09
N MET C 601 -34.65 -16.68 -20.99
CA MET C 601 -35.60 -16.82 -19.91
C MET C 601 -34.95 -17.44 -18.67
N LYS C 602 -35.38 -17.01 -17.50
CA LYS C 602 -34.88 -17.57 -16.25
C LYS C 602 -35.95 -17.41 -15.17
N GLY C 603 -35.92 -18.29 -14.19
CA GLY C 603 -36.92 -18.29 -13.13
C GLY C 603 -36.31 -18.09 -11.77
N PHE C 604 -37.09 -17.45 -10.89
CA PHE C 604 -36.65 -17.12 -9.54
C PHE C 604 -37.75 -17.46 -8.55
N PHE C 605 -37.46 -17.24 -7.27
CA PHE C 605 -38.42 -17.45 -6.20
C PHE C 605 -39.14 -16.14 -5.90
N THR C 606 -40.46 -16.20 -5.83
CA THR C 606 -41.25 -15.02 -5.52
C THR C 606 -40.90 -14.54 -4.10
N PRO C 607 -40.71 -13.23 -3.90
CA PRO C 607 -40.34 -12.73 -2.57
C PRO C 607 -41.41 -12.94 -1.51
N SER C 608 -41.10 -12.57 -0.28
CA SER C 608 -42.01 -12.79 0.84
C SER C 608 -43.28 -11.96 0.70
N PHE C 609 -43.14 -10.66 0.43
CA PHE C 609 -44.28 -9.76 0.44
C PHE C 609 -45.07 -9.82 -0.87
N ALA C 610 -45.34 -11.02 -1.36
CA ALA C 610 -46.17 -11.17 -2.55
C ALA C 610 -47.22 -12.27 -2.44
N ARG C 611 -47.07 -13.24 -1.56
CA ARG C 611 -47.98 -14.36 -1.48
C ARG C 611 -48.67 -14.45 -0.13
N LEU C 619 -53.27 -15.59 -2.85
CA LEU C 619 -52.77 -16.38 -3.96
C LEU C 619 -51.36 -16.89 -3.68
N ASN C 620 -51.15 -18.19 -3.90
CA ASN C 620 -49.85 -18.82 -3.71
C ASN C 620 -49.17 -18.93 -5.07
N ASN C 621 -48.20 -18.05 -5.31
CA ASN C 621 -47.50 -18.00 -6.59
C ASN C 621 -46.23 -18.84 -6.56
N ARG C 622 -45.31 -18.52 -5.64
CA ARG C 622 -44.15 -19.36 -5.32
C ARG C 622 -43.12 -19.44 -6.44
N ARG C 623 -43.44 -18.90 -7.62
CA ARG C 623 -42.49 -19.01 -8.73
C ARG C 623 -42.88 -18.03 -9.82
N TYR C 624 -41.87 -17.46 -10.49
CA TYR C 624 -42.09 -16.54 -11.59
C TYR C 624 -40.86 -16.53 -12.48
N TYR C 625 -40.99 -15.90 -13.64
CA TYR C 625 -39.95 -15.91 -14.66
C TYR C 625 -39.71 -14.50 -15.19
N ARG C 626 -38.50 -14.27 -15.69
CA ARG C 626 -38.10 -13.00 -16.29
C ARG C 626 -37.24 -13.29 -17.51
N ALA C 627 -37.36 -12.41 -18.52
CA ALA C 627 -36.63 -12.57 -19.79
C ALA C 627 -35.50 -11.55 -19.83
N GLU C 628 -34.32 -11.97 -19.39
CA GLU C 628 -33.19 -11.07 -19.25
C GLU C 628 -32.61 -10.73 -20.61
N VAL C 629 -31.61 -9.84 -20.62
CA VAL C 629 -30.88 -9.46 -21.82
C VAL C 629 -29.41 -9.34 -21.46
N HIS C 630 -28.57 -10.04 -22.22
CA HIS C 630 -27.13 -10.05 -21.98
C HIS C 630 -26.41 -9.48 -23.18
N LEU C 631 -25.21 -8.94 -22.93
CA LEU C 631 -24.41 -8.29 -23.95
C LEU C 631 -22.96 -8.72 -23.72
N SER C 632 -22.03 -8.01 -24.33
CA SER C 632 -20.62 -8.29 -24.07
C SER C 632 -20.26 -7.93 -22.63
N GLU C 633 -19.04 -8.26 -22.24
CA GLU C 633 -18.62 -8.15 -20.85
C GLU C 633 -18.65 -6.69 -20.40
N GLY C 634 -19.02 -6.50 -19.14
CA GLY C 634 -19.22 -5.16 -18.60
C GLY C 634 -20.49 -4.51 -19.10
N SER C 635 -21.64 -5.03 -18.67
CA SER C 635 -22.94 -4.51 -19.08
C SER C 635 -23.93 -4.75 -17.95
N GLN C 636 -25.20 -4.41 -18.20
CA GLN C 636 -26.27 -4.61 -17.24
C GLN C 636 -27.30 -5.57 -17.81
N ASP C 637 -28.08 -6.17 -16.92
CA ASP C 637 -29.10 -7.15 -17.29
C ASP C 637 -30.48 -6.63 -16.90
N TYR C 638 -31.43 -6.71 -17.82
CA TYR C 638 -32.77 -6.19 -17.58
C TYR C 638 -33.77 -6.99 -18.42
N ASP C 639 -35.04 -6.91 -18.03
CA ASP C 639 -36.09 -7.69 -18.68
C ASP C 639 -36.98 -6.78 -19.52
N LEU C 640 -37.65 -7.40 -20.50
CA LEU C 640 -38.51 -6.69 -21.43
C LEU C 640 -39.99 -7.02 -21.29
N VAL C 641 -40.38 -7.77 -20.26
CA VAL C 641 -41.78 -8.14 -20.11
C VAL C 641 -42.60 -6.88 -19.89
N GLY C 642 -43.49 -6.58 -20.83
CA GLY C 642 -44.24 -5.34 -20.82
C GLY C 642 -43.87 -4.37 -21.93
N TYR C 643 -43.02 -4.78 -22.87
CA TYR C 643 -42.66 -3.94 -24.00
C TYR C 643 -43.66 -4.12 -25.14
N THR C 644 -43.59 -3.21 -26.10
CA THR C 644 -44.31 -3.33 -27.35
C THR C 644 -43.30 -3.62 -28.46
N LYS C 645 -43.75 -4.36 -29.49
CA LYS C 645 -42.83 -4.77 -30.55
C LYS C 645 -42.08 -3.59 -31.16
N GLU C 646 -42.76 -2.46 -31.34
CA GLU C 646 -42.09 -1.27 -31.83
C GLU C 646 -41.12 -0.70 -30.80
N GLN C 647 -41.31 -0.99 -29.52
CA GLN C 647 -40.35 -0.58 -28.51
C GLN C 647 -39.18 -1.54 -28.36
N VAL C 648 -39.31 -2.79 -28.82
CA VAL C 648 -38.20 -3.72 -28.77
C VAL C 648 -37.20 -3.45 -29.89
N ILE C 649 -37.70 -3.14 -31.08
CA ILE C 649 -36.80 -2.80 -32.18
C ILE C 649 -36.04 -1.52 -31.88
N ASN C 650 -36.66 -0.58 -31.17
CA ASN C 650 -35.99 0.65 -30.80
C ASN C 650 -35.02 0.46 -29.64
N ASP C 651 -34.99 -0.73 -29.03
CA ASP C 651 -34.02 -1.03 -27.98
C ASP C 651 -32.78 -1.73 -28.52
N VAL C 652 -32.91 -2.52 -29.57
CA VAL C 652 -31.74 -3.14 -30.19
C VAL C 652 -30.95 -2.13 -31.02
N LEU C 653 -31.56 -1.01 -31.39
CA LEU C 653 -30.89 -0.02 -32.22
C LEU C 653 -29.97 0.87 -31.40
N ASP C 654 -30.44 1.38 -30.26
CA ASP C 654 -29.62 2.25 -29.45
C ASP C 654 -28.65 1.49 -28.56
N GLN C 655 -28.72 0.15 -28.55
CA GLN C 655 -27.62 -0.65 -28.02
C GLN C 655 -26.57 -0.91 -29.07
N TYR C 656 -26.95 -0.87 -30.35
CA TYR C 656 -25.99 -1.00 -31.44
C TYR C 656 -25.22 0.29 -31.66
N GLU C 657 -25.92 1.43 -31.62
CA GLU C 657 -25.24 2.71 -31.73
C GLU C 657 -24.32 2.98 -30.55
N ARG C 658 -24.66 2.48 -29.37
CA ARG C 658 -23.76 2.56 -28.23
C ARG C 658 -22.54 1.69 -28.43
N HIS C 659 -22.66 0.63 -29.23
CA HIS C 659 -21.52 -0.25 -29.51
C HIS C 659 -20.54 0.40 -30.47
N MET C 660 -21.05 1.12 -31.47
CA MET C 660 -20.17 1.74 -32.46
C MET C 660 -19.35 2.88 -31.87
N GLN C 661 -19.83 3.55 -30.82
CA GLN C 661 -19.02 4.55 -30.14
C GLN C 661 -17.94 3.91 -29.29
N PHE C 662 -18.19 2.71 -28.78
CA PHE C 662 -17.16 1.98 -28.04
C PHE C 662 -16.01 1.60 -28.97
N LEU C 663 -16.32 1.10 -30.16
CA LEU C 663 -15.29 0.68 -31.09
C LEU C 663 -14.46 1.85 -31.60
N HIS C 664 -15.04 3.06 -31.65
CA HIS C 664 -14.31 4.21 -32.12
C HIS C 664 -13.27 4.69 -31.12
N LEU C 665 -13.45 4.40 -29.83
CA LEU C 665 -12.55 4.87 -28.80
C LEU C 665 -11.38 3.93 -28.54
N VAL C 666 -11.57 2.63 -28.72
CA VAL C 666 -10.48 1.69 -28.47
C VAL C 666 -9.41 1.82 -29.54
N ARG C 667 -9.78 2.30 -30.72
CA ARG C 667 -8.83 2.47 -31.81
C ARG C 667 -8.35 3.91 -31.88
#